data_1CXC
# 
_entry.id   1CXC 
# 
_audit_conform.dict_name       mmcif_pdbx.dic 
_audit_conform.dict_version    5.397 
_audit_conform.dict_location   http://mmcif.pdb.org/dictionaries/ascii/mmcif_pdbx.dic 
# 
loop_
_database_2.database_id 
_database_2.database_code 
_database_2.pdbx_database_accession 
_database_2.pdbx_DOI 
PDB   1CXC         pdb_00001cxc 10.2210/pdb1cxc/pdb 
WWPDB D_1000172582 ?            ?                   
# 
loop_
_pdbx_audit_revision_history.ordinal 
_pdbx_audit_revision_history.data_content_type 
_pdbx_audit_revision_history.major_revision 
_pdbx_audit_revision_history.minor_revision 
_pdbx_audit_revision_history.revision_date 
1 'Structure model' 1 0 1995-09-15 
2 'Structure model' 1 1 2008-03-24 
3 'Structure model' 1 2 2011-07-13 
4 'Structure model' 1 3 2017-11-29 
5 'Structure model' 2 0 2021-03-03 
6 'Structure model' 2 1 2024-10-23 
# 
_pdbx_audit_revision_details.ordinal             1 
_pdbx_audit_revision_details.revision_ordinal    1 
_pdbx_audit_revision_details.data_content_type   'Structure model' 
_pdbx_audit_revision_details.provider            repository 
_pdbx_audit_revision_details.type                'Initial release' 
_pdbx_audit_revision_details.description         ? 
_pdbx_audit_revision_details.details             ? 
# 
loop_
_pdbx_audit_revision_group.ordinal 
_pdbx_audit_revision_group.revision_ordinal 
_pdbx_audit_revision_group.data_content_type 
_pdbx_audit_revision_group.group 
1  2 'Structure model' 'Version format compliance' 
2  3 'Structure model' 'Version format compliance' 
3  4 'Structure model' 'Derived calculations'      
4  4 'Structure model' Other                       
5  5 'Structure model' 'Atomic model'              
6  5 'Structure model' 'Data collection'           
7  5 'Structure model' 'Derived calculations'      
8  5 'Structure model' 'Non-polymer description'   
9  5 'Structure model' 'Structure summary'         
10 6 'Structure model' 'Data collection'           
11 6 'Structure model' 'Database references'       
12 6 'Structure model' 'Structure summary'         
# 
loop_
_pdbx_audit_revision_category.ordinal 
_pdbx_audit_revision_category.revision_ordinal 
_pdbx_audit_revision_category.data_content_type 
_pdbx_audit_revision_category.category 
1  4 'Structure model' pdbx_database_status      
2  4 'Structure model' struct_conf               
3  4 'Structure model' struct_conf_type          
4  5 'Structure model' atom_site                 
5  5 'Structure model' chem_comp                 
6  5 'Structure model' entity                    
7  5 'Structure model' pdbx_entity_nonpoly       
8  5 'Structure model' pdbx_nonpoly_scheme       
9  5 'Structure model' pdbx_struct_conn_angle    
10 5 'Structure model' struct_conn               
11 5 'Structure model' struct_site               
12 6 'Structure model' chem_comp_atom            
13 6 'Structure model' chem_comp_bond            
14 6 'Structure model' database_2                
15 6 'Structure model' pdbx_entry_details        
16 6 'Structure model' pdbx_modification_feature 
# 
loop_
_pdbx_audit_revision_item.ordinal 
_pdbx_audit_revision_item.revision_ordinal 
_pdbx_audit_revision_item.data_content_type 
_pdbx_audit_revision_item.item 
1  4 'Structure model' '_pdbx_database_status.process_site'          
2  5 'Structure model' '_atom_site.B_iso_or_equiv'                   
3  5 'Structure model' '_atom_site.Cartn_x'                          
4  5 'Structure model' '_atom_site.Cartn_y'                          
5  5 'Structure model' '_atom_site.Cartn_z'                          
6  5 'Structure model' '_atom_site.auth_atom_id'                     
7  5 'Structure model' '_atom_site.auth_comp_id'                     
8  5 'Structure model' '_atom_site.label_atom_id'                    
9  5 'Structure model' '_atom_site.label_comp_id'                    
10 5 'Structure model' '_atom_site.type_symbol'                      
11 5 'Structure model' '_chem_comp.formula'                          
12 5 'Structure model' '_chem_comp.formula_weight'                   
13 5 'Structure model' '_chem_comp.id'                               
14 5 'Structure model' '_chem_comp.name'                             
15 5 'Structure model' '_chem_comp.pdbx_synonyms'                    
16 5 'Structure model' '_entity.formula_weight'                      
17 5 'Structure model' '_entity.pdbx_description'                    
18 5 'Structure model' '_pdbx_entity_nonpoly.comp_id'                
19 5 'Structure model' '_pdbx_entity_nonpoly.name'                   
20 5 'Structure model' '_pdbx_nonpoly_scheme.mon_id'                 
21 5 'Structure model' '_pdbx_nonpoly_scheme.pdb_mon_id'             
22 5 'Structure model' '_pdbx_struct_conn_angle.ptnr1_auth_comp_id'  
23 5 'Structure model' '_pdbx_struct_conn_angle.ptnr1_label_comp_id' 
24 5 'Structure model' '_pdbx_struct_conn_angle.ptnr2_auth_comp_id'  
25 5 'Structure model' '_pdbx_struct_conn_angle.ptnr2_label_comp_id' 
26 5 'Structure model' '_pdbx_struct_conn_angle.ptnr3_auth_comp_id'  
27 5 'Structure model' '_pdbx_struct_conn_angle.ptnr3_label_comp_id' 
28 5 'Structure model' '_struct_conn.pdbx_leaving_atom_flag'         
29 5 'Structure model' '_struct_conn.ptnr1_auth_comp_id'             
30 5 'Structure model' '_struct_conn.ptnr1_auth_seq_id'              
31 5 'Structure model' '_struct_conn.ptnr1_label_asym_id'            
32 5 'Structure model' '_struct_conn.ptnr1_label_atom_id'            
33 5 'Structure model' '_struct_conn.ptnr1_label_comp_id'            
34 5 'Structure model' '_struct_conn.ptnr1_label_seq_id'             
35 5 'Structure model' '_struct_conn.ptnr2_auth_comp_id'             
36 5 'Structure model' '_struct_conn.ptnr2_auth_seq_id'              
37 5 'Structure model' '_struct_conn.ptnr2_label_asym_id'            
38 5 'Structure model' '_struct_conn.ptnr2_label_atom_id'            
39 5 'Structure model' '_struct_conn.ptnr2_label_comp_id'            
40 5 'Structure model' '_struct_conn.ptnr2_label_seq_id'             
41 5 'Structure model' '_struct_site.details'                        
42 5 'Structure model' '_struct_site.pdbx_auth_asym_id'              
43 5 'Structure model' '_struct_site.pdbx_auth_comp_id'              
44 5 'Structure model' '_struct_site.pdbx_auth_seq_id'               
45 6 'Structure model' '_database_2.pdbx_DOI'                        
46 6 'Structure model' '_database_2.pdbx_database_accession'         
# 
_pdbx_database_status.status_code                     REL 
_pdbx_database_status.entry_id                        1CXC 
_pdbx_database_status.recvd_initial_deposition_date   1994-02-14 
_pdbx_database_status.deposit_site                    ? 
_pdbx_database_status.process_site                    BNL 
_pdbx_database_status.status_code_sf                  REL 
_pdbx_database_status.status_code_mr                  ? 
_pdbx_database_status.SG_entry                        ? 
_pdbx_database_status.pdb_format_compatible           Y 
_pdbx_database_status.status_code_cs                  ? 
_pdbx_database_status.methods_development_category    ? 
_pdbx_database_status.status_code_nmr_data            ? 
# 
loop_
_pdbx_database_related.db_name 
_pdbx_database_related.db_id 
_pdbx_database_related.details 
_pdbx_database_related.content_type 
PDB 1CXA . unspecified 
PDB 2CXB . unspecified 
# 
loop_
_audit_author.name 
_audit_author.pdbx_ordinal 
'Axelrod, H.L.' 1 
'Feher, G.'     2 
'Allen, J.P.'   3 
'Chirino, A.J.' 4 
'Day, M.W.'     5 
'Hsu, B.T.'     6 
'Rees, D.C.'    7 
# 
_citation.id                        primary 
_citation.title                     
'Crystallization and X-ray structure determination of cytochrome c2 from Rhodobacter sphaeroides in three crystal forms.' 
_citation.journal_abbrev            'Acta Crystallogr.,Sect.D' 
_citation.journal_volume            50 
_citation.page_first                596 
_citation.page_last                 602 
_citation.year                      1994 
_citation.journal_id_ASTM           ABCRE6 
_citation.country                   DK 
_citation.journal_id_ISSN           0907-4449 
_citation.journal_id_CSD            0766 
_citation.book_publisher            ? 
_citation.pdbx_database_id_PubMed   15299423 
_citation.pdbx_database_id_DOI      10.1107/S0907444994001319 
# 
loop_
_citation_author.citation_id 
_citation_author.name 
_citation_author.ordinal 
_citation_author.identifier_ORCID 
primary 'Axelrod, H.L.' 1 ? 
primary 'Feher, G.'     2 ? 
primary 'Allen, J.P.'   3 ? 
primary 'Chirino, A.J.' 4 ? 
primary 'Day, M.W.'     5 ? 
primary 'Hsu, B.T.'     6 ? 
primary 'Rees, D.C.'    7 ? 
# 
loop_
_entity.id 
_entity.type 
_entity.src_method 
_entity.pdbx_description 
_entity.formula_weight 
_entity.pdbx_number_of_molecules 
_entity.pdbx_ec 
_entity.pdbx_mutation 
_entity.pdbx_fragment 
_entity.details 
1 polymer     nat 'CYTOCHROME C2' 13488.064 1  ? ? ? ? 
2 non-polymer syn 'HEME C'        618.503   1  ? ? ? ? 
3 water       nat water           18.015    24 ? ? ? ? 
# 
_entity_poly.entity_id                      1 
_entity_poly.type                           'polypeptide(L)' 
_entity_poly.nstd_linkage                   no 
_entity_poly.nstd_monomer                   no 
_entity_poly.pdbx_seq_one_letter_code       
;QEGDPEAGAKAFNQCQTCHVIVDDSGTTIAGRNAKTGPNLYGVVGRTAGTQADFKGYGEGMKEAGAKGLAWDEEHFVQYV
QDPTKFLKEYTGDAKAKGKMTFKLKKEADAHNIWAYLQQVAVRP
;
_entity_poly.pdbx_seq_one_letter_code_can   
;QEGDPEAGAKAFNQCQTCHVIVDDSGTTIAGRNAKTGPNLYGVVGRTAGTQADFKGYGEGMKEAGAKGLAWDEEHFVQYV
QDPTKFLKEYTGDAKAKGKMTFKLKKEADAHNIWAYLQQVAVRP
;
_entity_poly.pdbx_strand_id                 A 
_entity_poly.pdbx_target_identifier         ? 
# 
loop_
_pdbx_entity_nonpoly.entity_id 
_pdbx_entity_nonpoly.name 
_pdbx_entity_nonpoly.comp_id 
2 'HEME C' HEC 
3 water    HOH 
# 
loop_
_entity_poly_seq.entity_id 
_entity_poly_seq.num 
_entity_poly_seq.mon_id 
_entity_poly_seq.hetero 
1 1   GLN n 
1 2   GLU n 
1 3   GLY n 
1 4   ASP n 
1 5   PRO n 
1 6   GLU n 
1 7   ALA n 
1 8   GLY n 
1 9   ALA n 
1 10  LYS n 
1 11  ALA n 
1 12  PHE n 
1 13  ASN n 
1 14  GLN n 
1 15  CYS n 
1 16  GLN n 
1 17  THR n 
1 18  CYS n 
1 19  HIS n 
1 20  VAL n 
1 21  ILE n 
1 22  VAL n 
1 23  ASP n 
1 24  ASP n 
1 25  SER n 
1 26  GLY n 
1 27  THR n 
1 28  THR n 
1 29  ILE n 
1 30  ALA n 
1 31  GLY n 
1 32  ARG n 
1 33  ASN n 
1 34  ALA n 
1 35  LYS n 
1 36  THR n 
1 37  GLY n 
1 38  PRO n 
1 39  ASN n 
1 40  LEU n 
1 41  TYR n 
1 42  GLY n 
1 43  VAL n 
1 44  VAL n 
1 45  GLY n 
1 46  ARG n 
1 47  THR n 
1 48  ALA n 
1 49  GLY n 
1 50  THR n 
1 51  GLN n 
1 52  ALA n 
1 53  ASP n 
1 54  PHE n 
1 55  LYS n 
1 56  GLY n 
1 57  TYR n 
1 58  GLY n 
1 59  GLU n 
1 60  GLY n 
1 61  MET n 
1 62  LYS n 
1 63  GLU n 
1 64  ALA n 
1 65  GLY n 
1 66  ALA n 
1 67  LYS n 
1 68  GLY n 
1 69  LEU n 
1 70  ALA n 
1 71  TRP n 
1 72  ASP n 
1 73  GLU n 
1 74  GLU n 
1 75  HIS n 
1 76  PHE n 
1 77  VAL n 
1 78  GLN n 
1 79  TYR n 
1 80  VAL n 
1 81  GLN n 
1 82  ASP n 
1 83  PRO n 
1 84  THR n 
1 85  LYS n 
1 86  PHE n 
1 87  LEU n 
1 88  LYS n 
1 89  GLU n 
1 90  TYR n 
1 91  THR n 
1 92  GLY n 
1 93  ASP n 
1 94  ALA n 
1 95  LYS n 
1 96  ALA n 
1 97  LYS n 
1 98  GLY n 
1 99  LYS n 
1 100 MET n 
1 101 THR n 
1 102 PHE n 
1 103 LYS n 
1 104 LEU n 
1 105 LYS n 
1 106 LYS n 
1 107 GLU n 
1 108 ALA n 
1 109 ASP n 
1 110 ALA n 
1 111 HIS n 
1 112 ASN n 
1 113 ILE n 
1 114 TRP n 
1 115 ALA n 
1 116 TYR n 
1 117 LEU n 
1 118 GLN n 
1 119 GLN n 
1 120 VAL n 
1 121 ALA n 
1 122 VAL n 
1 123 ARG n 
1 124 PRO n 
# 
_entity_src_nat.entity_id                  1 
_entity_src_nat.pdbx_src_id                1 
_entity_src_nat.pdbx_alt_source_flag       sample 
_entity_src_nat.pdbx_beg_seq_num           ? 
_entity_src_nat.pdbx_end_seq_num           ? 
_entity_src_nat.common_name                ? 
_entity_src_nat.pdbx_organism_scientific   'Rhodobacter sphaeroides' 
_entity_src_nat.pdbx_ncbi_taxonomy_id      1063 
_entity_src_nat.genus                      Rhodobacter 
_entity_src_nat.species                    ? 
_entity_src_nat.strain                     ? 
_entity_src_nat.tissue                     ? 
_entity_src_nat.tissue_fraction            ? 
_entity_src_nat.pdbx_secretion             ? 
_entity_src_nat.pdbx_fragment              ? 
_entity_src_nat.pdbx_variant               ? 
_entity_src_nat.pdbx_cell_line             ? 
_entity_src_nat.pdbx_atcc                  ? 
_entity_src_nat.pdbx_cellular_location     ? 
_entity_src_nat.pdbx_organ                 ? 
_entity_src_nat.pdbx_organelle             ? 
_entity_src_nat.pdbx_cell                  ? 
_entity_src_nat.pdbx_plasmid_name          ? 
_entity_src_nat.pdbx_plasmid_details       ? 
_entity_src_nat.details                    ? 
# 
loop_
_chem_comp.id 
_chem_comp.type 
_chem_comp.mon_nstd_flag 
_chem_comp.name 
_chem_comp.pdbx_synonyms 
_chem_comp.formula 
_chem_comp.formula_weight 
ALA 'L-peptide linking' y ALANINE         ? 'C3 H7 N O2'       89.093  
ARG 'L-peptide linking' y ARGININE        ? 'C6 H15 N4 O2 1'   175.209 
ASN 'L-peptide linking' y ASPARAGINE      ? 'C4 H8 N2 O3'      132.118 
ASP 'L-peptide linking' y 'ASPARTIC ACID' ? 'C4 H7 N O4'       133.103 
CYS 'L-peptide linking' y CYSTEINE        ? 'C3 H7 N O2 S'     121.158 
GLN 'L-peptide linking' y GLUTAMINE       ? 'C5 H10 N2 O3'     146.144 
GLU 'L-peptide linking' y 'GLUTAMIC ACID' ? 'C5 H9 N O4'       147.129 
GLY 'peptide linking'   y GLYCINE         ? 'C2 H5 N O2'       75.067  
HEC non-polymer         . 'HEME C'        ? 'C34 H34 Fe N4 O4' 618.503 
HIS 'L-peptide linking' y HISTIDINE       ? 'C6 H10 N3 O2 1'   156.162 
HOH non-polymer         . WATER           ? 'H2 O'             18.015  
ILE 'L-peptide linking' y ISOLEUCINE      ? 'C6 H13 N O2'      131.173 
LEU 'L-peptide linking' y LEUCINE         ? 'C6 H13 N O2'      131.173 
LYS 'L-peptide linking' y LYSINE          ? 'C6 H15 N2 O2 1'   147.195 
MET 'L-peptide linking' y METHIONINE      ? 'C5 H11 N O2 S'    149.211 
PHE 'L-peptide linking' y PHENYLALANINE   ? 'C9 H11 N O2'      165.189 
PRO 'L-peptide linking' y PROLINE         ? 'C5 H9 N O2'       115.130 
SER 'L-peptide linking' y SERINE          ? 'C3 H7 N O3'       105.093 
THR 'L-peptide linking' y THREONINE       ? 'C4 H9 N O3'       119.119 
TRP 'L-peptide linking' y TRYPTOPHAN      ? 'C11 H12 N2 O2'    204.225 
TYR 'L-peptide linking' y TYROSINE        ? 'C9 H11 N O3'      181.189 
VAL 'L-peptide linking' y VALINE          ? 'C5 H11 N O2'      117.146 
# 
loop_
_pdbx_poly_seq_scheme.asym_id 
_pdbx_poly_seq_scheme.entity_id 
_pdbx_poly_seq_scheme.seq_id 
_pdbx_poly_seq_scheme.mon_id 
_pdbx_poly_seq_scheme.ndb_seq_num 
_pdbx_poly_seq_scheme.pdb_seq_num 
_pdbx_poly_seq_scheme.auth_seq_num 
_pdbx_poly_seq_scheme.pdb_mon_id 
_pdbx_poly_seq_scheme.auth_mon_id 
_pdbx_poly_seq_scheme.pdb_strand_id 
_pdbx_poly_seq_scheme.pdb_ins_code 
_pdbx_poly_seq_scheme.hetero 
A 1 1   GLN 1   1   1   GLN GLN A . n 
A 1 2   GLU 2   2   2   GLU GLU A . n 
A 1 3   GLY 3   3   3   GLY GLY A . n 
A 1 4   ASP 4   4   4   ASP ASP A . n 
A 1 5   PRO 5   5   5   PRO PRO A . n 
A 1 6   GLU 6   6   6   GLU GLU A . n 
A 1 7   ALA 7   7   7   ALA ALA A . n 
A 1 8   GLY 8   8   8   GLY GLY A . n 
A 1 9   ALA 9   9   9   ALA ALA A . n 
A 1 10  LYS 10  10  10  LYS LYS A . n 
A 1 11  ALA 11  11  11  ALA ALA A . n 
A 1 12  PHE 12  12  12  PHE PHE A . n 
A 1 13  ASN 13  13  13  ASN ASN A . n 
A 1 14  GLN 14  14  14  GLN GLN A . n 
A 1 15  CYS 15  15  15  CYS CYS A . n 
A 1 16  GLN 16  16  16  GLN GLN A . n 
A 1 17  THR 17  17  17  THR THR A . n 
A 1 18  CYS 18  18  18  CYS CYS A . n 
A 1 19  HIS 19  19  19  HIS HIS A . n 
A 1 20  VAL 20  20  20  VAL VAL A . n 
A 1 21  ILE 21  21  21  ILE ILE A . n 
A 1 22  VAL 22  22  22  VAL VAL A . n 
A 1 23  ASP 23  23  23  ASP ASP A . n 
A 1 24  ASP 24  24  24  ASP ASP A . n 
A 1 25  SER 25  25  25  SER SER A . n 
A 1 26  GLY 26  26  26  GLY GLY A . n 
A 1 27  THR 27  27  27  THR THR A . n 
A 1 28  THR 28  28  28  THR THR A . n 
A 1 29  ILE 29  29  29  ILE ILE A . n 
A 1 30  ALA 30  30  30  ALA ALA A . n 
A 1 31  GLY 31  31  31  GLY GLY A . n 
A 1 32  ARG 32  32  32  ARG ARG A . n 
A 1 33  ASN 33  33  33  ASN ASN A . n 
A 1 34  ALA 34  34  34  ALA ALA A . n 
A 1 35  LYS 35  35  35  LYS LYS A . n 
A 1 36  THR 36  36  36  THR THR A . n 
A 1 37  GLY 37  37  37  GLY GLY A . n 
A 1 38  PRO 38  38  38  PRO PRO A . n 
A 1 39  ASN 39  39  39  ASN ASN A . n 
A 1 40  LEU 40  40  40  LEU LEU A . n 
A 1 41  TYR 41  41  41  TYR TYR A . n 
A 1 42  GLY 42  42  42  GLY GLY A . n 
A 1 43  VAL 43  43  43  VAL VAL A . n 
A 1 44  VAL 44  44  44  VAL VAL A . n 
A 1 45  GLY 45  45  45  GLY GLY A . n 
A 1 46  ARG 46  46  46  ARG ARG A . n 
A 1 47  THR 47  47  47  THR THR A . n 
A 1 48  ALA 48  48  48  ALA ALA A . n 
A 1 49  GLY 49  49  49  GLY GLY A . n 
A 1 50  THR 50  50  50  THR THR A . n 
A 1 51  GLN 51  51  51  GLN GLN A . n 
A 1 52  ALA 52  52  52  ALA ALA A . n 
A 1 53  ASP 53  53  53  ASP ASP A . n 
A 1 54  PHE 54  54  54  PHE PHE A . n 
A 1 55  LYS 55  55  55  LYS LYS A . n 
A 1 56  GLY 56  56  56  GLY GLY A . n 
A 1 57  TYR 57  57  57  TYR TYR A . n 
A 1 58  GLY 58  58  58  GLY GLY A . n 
A 1 59  GLU 59  59  59  GLU GLU A . n 
A 1 60  GLY 60  60  60  GLY GLY A . n 
A 1 61  MET 61  61  61  MET MET A . n 
A 1 62  LYS 62  62  62  LYS LYS A . n 
A 1 63  GLU 63  63  63  GLU GLU A . n 
A 1 64  ALA 64  64  64  ALA ALA A . n 
A 1 65  GLY 65  65  65  GLY GLY A . n 
A 1 66  ALA 66  66  66  ALA ALA A . n 
A 1 67  LYS 67  67  67  LYS LYS A . n 
A 1 68  GLY 68  68  68  GLY GLY A . n 
A 1 69  LEU 69  69  69  LEU LEU A . n 
A 1 70  ALA 70  70  70  ALA ALA A . n 
A 1 71  TRP 71  71  71  TRP TRP A . n 
A 1 72  ASP 72  72  72  ASP ASP A . n 
A 1 73  GLU 73  73  73  GLU GLU A . n 
A 1 74  GLU 74  74  74  GLU GLU A . n 
A 1 75  HIS 75  75  75  HIS HIS A . n 
A 1 76  PHE 76  76  76  PHE PHE A . n 
A 1 77  VAL 77  77  77  VAL VAL A . n 
A 1 78  GLN 78  78  78  GLN GLN A . n 
A 1 79  TYR 79  79  79  TYR TYR A . n 
A 1 80  VAL 80  80  80  VAL VAL A . n 
A 1 81  GLN 81  81  81  GLN GLN A . n 
A 1 82  ASP 82  82  82  ASP ASP A . n 
A 1 83  PRO 83  83  83  PRO PRO A . n 
A 1 84  THR 84  84  84  THR THR A . n 
A 1 85  LYS 85  85  85  LYS LYS A . n 
A 1 86  PHE 86  86  86  PHE PHE A . n 
A 1 87  LEU 87  87  87  LEU LEU A . n 
A 1 88  LYS 88  88  88  LYS LYS A . n 
A 1 89  GLU 89  89  89  GLU GLU A . n 
A 1 90  TYR 90  90  90  TYR TYR A . n 
A 1 91  THR 91  91  91  THR THR A . n 
A 1 92  GLY 92  92  92  GLY GLY A . n 
A 1 93  ASP 93  93  93  ASP ASP A . n 
A 1 94  ALA 94  94  94  ALA ALA A . n 
A 1 95  LYS 95  95  95  LYS LYS A . n 
A 1 96  ALA 96  96  96  ALA ALA A . n 
A 1 97  LYS 97  97  97  LYS LYS A . n 
A 1 98  GLY 98  98  98  GLY GLY A . n 
A 1 99  LYS 99  99  99  LYS LYS A . n 
A 1 100 MET 100 100 100 MET MET A . n 
A 1 101 THR 101 101 101 THR THR A . n 
A 1 102 PHE 102 102 102 PHE PHE A . n 
A 1 103 LYS 103 103 103 LYS LYS A . n 
A 1 104 LEU 104 104 104 LEU LEU A . n 
A 1 105 LYS 105 105 105 LYS LYS A . n 
A 1 106 LYS 106 106 106 LYS LYS A . n 
A 1 107 GLU 107 107 107 GLU GLU A . n 
A 1 108 ALA 108 108 108 ALA ALA A . n 
A 1 109 ASP 109 109 109 ASP ASP A . n 
A 1 110 ALA 110 110 110 ALA ALA A . n 
A 1 111 HIS 111 111 111 HIS HIS A . n 
A 1 112 ASN 112 112 112 ASN ASN A . n 
A 1 113 ILE 113 113 113 ILE ILE A . n 
A 1 114 TRP 114 114 114 TRP TRP A . n 
A 1 115 ALA 115 115 115 ALA ALA A . n 
A 1 116 TYR 116 116 116 TYR TYR A . n 
A 1 117 LEU 117 117 117 LEU LEU A . n 
A 1 118 GLN 118 118 118 GLN GLN A . n 
A 1 119 GLN 119 119 119 GLN GLN A . n 
A 1 120 VAL 120 120 120 VAL VAL A . n 
A 1 121 ALA 121 121 121 ALA ALA A . n 
A 1 122 VAL 122 122 122 VAL VAL A . n 
A 1 123 ARG 123 123 123 ARG ARG A . n 
A 1 124 PRO 124 124 124 PRO PRO A . n 
# 
loop_
_pdbx_nonpoly_scheme.asym_id 
_pdbx_nonpoly_scheme.entity_id 
_pdbx_nonpoly_scheme.mon_id 
_pdbx_nonpoly_scheme.ndb_seq_num 
_pdbx_nonpoly_scheme.pdb_seq_num 
_pdbx_nonpoly_scheme.auth_seq_num 
_pdbx_nonpoly_scheme.pdb_mon_id 
_pdbx_nonpoly_scheme.auth_mon_id 
_pdbx_nonpoly_scheme.pdb_strand_id 
_pdbx_nonpoly_scheme.pdb_ins_code 
B 2 HEC 1  125 125 HEC HEM A . 
C 3 HOH 1  126 1   HOH HOH A . 
C 3 HOH 2  127 2   HOH HOH A . 
C 3 HOH 3  128 3   HOH HOH A . 
C 3 HOH 4  129 4   HOH HOH A . 
C 3 HOH 5  130 5   HOH HOH A . 
C 3 HOH 6  131 6   HOH HOH A . 
C 3 HOH 7  132 7   HOH HOH A . 
C 3 HOH 8  133 8   HOH HOH A . 
C 3 HOH 9  134 9   HOH HOH A . 
C 3 HOH 10 135 10  HOH HOH A . 
C 3 HOH 11 136 11  HOH HOH A . 
C 3 HOH 12 137 12  HOH HOH A . 
C 3 HOH 13 138 13  HOH HOH A . 
C 3 HOH 14 139 14  HOH HOH A . 
C 3 HOH 15 140 15  HOH HOH A . 
C 3 HOH 16 141 16  HOH HOH A . 
C 3 HOH 17 142 17  HOH HOH A . 
C 3 HOH 18 143 18  HOH HOH A . 
C 3 HOH 19 144 19  HOH HOH A . 
C 3 HOH 20 145 21  HOH HOH A . 
C 3 HOH 21 146 22  HOH HOH A . 
C 3 HOH 22 147 23  HOH HOH A . 
C 3 HOH 23 148 24  HOH HOH A . 
C 3 HOH 24 149 25  HOH HOH A . 
# 
loop_
_pdbx_unobs_or_zero_occ_atoms.id 
_pdbx_unobs_or_zero_occ_atoms.PDB_model_num 
_pdbx_unobs_or_zero_occ_atoms.polymer_flag 
_pdbx_unobs_or_zero_occ_atoms.occupancy_flag 
_pdbx_unobs_or_zero_occ_atoms.auth_asym_id 
_pdbx_unobs_or_zero_occ_atoms.auth_comp_id 
_pdbx_unobs_or_zero_occ_atoms.auth_seq_id 
_pdbx_unobs_or_zero_occ_atoms.PDB_ins_code 
_pdbx_unobs_or_zero_occ_atoms.auth_atom_id 
_pdbx_unobs_or_zero_occ_atoms.label_alt_id 
_pdbx_unobs_or_zero_occ_atoms.label_asym_id 
_pdbx_unobs_or_zero_occ_atoms.label_comp_id 
_pdbx_unobs_or_zero_occ_atoms.label_seq_id 
_pdbx_unobs_or_zero_occ_atoms.label_atom_id 
1  1 Y 1 A LYS 10  ? NZ  ? A LYS 10  NZ  
2  1 Y 1 A ARG 32  ? NE  ? A ARG 32  NE  
3  1 Y 1 A ARG 32  ? CZ  ? A ARG 32  CZ  
4  1 Y 1 A ARG 32  ? NH1 ? A ARG 32  NH1 
5  1 Y 1 A ARG 32  ? NH2 ? A ARG 32  NH2 
6  1 Y 1 A ASN 33  ? CG  ? A ASN 33  CG  
7  1 Y 1 A ASN 33  ? OD1 ? A ASN 33  OD1 
8  1 Y 1 A ASN 33  ? ND2 ? A ASN 33  ND2 
9  1 Y 1 A LYS 35  ? CE  ? A LYS 35  CE  
10 1 Y 1 A LYS 35  ? NZ  ? A LYS 35  NZ  
11 1 Y 1 A GLU 74  ? CG  ? A GLU 74  CG  
12 1 Y 1 A GLU 74  ? CD  ? A GLU 74  CD  
13 1 Y 1 A GLU 74  ? OE1 ? A GLU 74  OE1 
14 1 Y 1 A GLU 74  ? OE2 ? A GLU 74  OE2 
15 1 Y 1 A GLN 78  ? OE1 ? A GLN 78  OE1 
16 1 Y 1 A GLN 78  ? NE2 ? A GLN 78  NE2 
17 1 Y 1 A LYS 85  ? NZ  ? A LYS 85  NZ  
18 1 Y 1 A GLU 89  ? OE1 ? A GLU 89  OE1 
19 1 Y 1 A GLU 89  ? OE2 ? A GLU 89  OE2 
20 1 Y 1 A LYS 95  ? CD  ? A LYS 95  CD  
21 1 Y 1 A LYS 95  ? CE  ? A LYS 95  CE  
22 1 Y 1 A LYS 95  ? NZ  ? A LYS 95  NZ  
23 1 Y 1 A LYS 97  ? CG  ? A LYS 97  CG  
24 1 Y 1 A LYS 97  ? CD  ? A LYS 97  CD  
25 1 Y 1 A LYS 97  ? CE  ? A LYS 97  CE  
26 1 Y 1 A LYS 97  ? NZ  ? A LYS 97  NZ  
27 1 Y 1 A LYS 105 ? CE  ? A LYS 105 CE  
28 1 Y 1 A LYS 105 ? NZ  ? A LYS 105 NZ  
29 1 Y 1 A LYS 106 ? CE  ? A LYS 106 CE  
30 1 Y 1 A LYS 106 ? NZ  ? A LYS 106 NZ  
# 
loop_
_software.name 
_software.classification 
_software.version 
_software.citation_id 
_software.pdbx_ordinal 
X-PLOR 'model building' . ? 1 
TNT    refinement       . ? 2 
X-PLOR refinement       . ? 3 
X-PLOR phasing          . ? 4 
# 
_cell.entry_id           1CXC 
_cell.length_a           82.330 
_cell.length_b           82.330 
_cell.length_c           37.610 
_cell.angle_alpha        90.00 
_cell.angle_beta         90.00 
_cell.angle_gamma        90.00 
_cell.Z_PDB              8 
_cell.pdbx_unique_axis   ? 
_cell.length_a_esd       ? 
_cell.length_b_esd       ? 
_cell.length_c_esd       ? 
_cell.angle_alpha_esd    ? 
_cell.angle_beta_esd     ? 
_cell.angle_gamma_esd    ? 
# 
_symmetry.entry_id                         1CXC 
_symmetry.space_group_name_H-M             'P 41 21 2' 
_symmetry.pdbx_full_space_group_name_H-M   ? 
_symmetry.cell_setting                     ? 
_symmetry.Int_Tables_number                92 
_symmetry.space_group_name_Hall            ? 
# 
_exptl.entry_id          1CXC 
_exptl.method            'X-RAY DIFFRACTION' 
_exptl.crystals_number   ? 
# 
_exptl_crystal.id                    1 
_exptl_crystal.density_meas          ? 
_exptl_crystal.density_Matthews      2.36 
_exptl_crystal.density_percent_sol   47.92 
_exptl_crystal.description           ? 
_exptl_crystal.F_000                 ? 
_exptl_crystal.preparation           ? 
# 
_diffrn.id                     1 
_diffrn.ambient_temp           ? 
_diffrn.ambient_temp_details   ? 
_diffrn.crystal_id             1 
# 
_diffrn_radiation.diffrn_id                        1 
_diffrn_radiation.wavelength_id                    1 
_diffrn_radiation.pdbx_monochromatic_or_laue_m_l   ? 
_diffrn_radiation.monochromator                    ? 
_diffrn_radiation.pdbx_diffrn_protocol             ? 
_diffrn_radiation.pdbx_scattering_type             x-ray 
# 
_diffrn_radiation_wavelength.id           1 
_diffrn_radiation_wavelength.wavelength   . 
_diffrn_radiation_wavelength.wt           1.0 
# 
_reflns.entry_id                     1CXC 
_reflns.observed_criterion_sigma_I   0.0 
_reflns.observed_criterion_sigma_F   ? 
_reflns.d_resolution_low             29.1 
_reflns.d_resolution_high            1.53 
_reflns.number_obs                   18286 
_reflns.number_all                   ? 
_reflns.percent_possible_obs         91.1 
_reflns.pdbx_Rmerge_I_obs            ? 
_reflns.pdbx_Rsym_value              ? 
_reflns.pdbx_netI_over_sigmaI        ? 
_reflns.B_iso_Wilson_estimate        ? 
_reflns.pdbx_redundancy              ? 
_reflns.R_free_details               ? 
_reflns.limit_h_max                  ? 
_reflns.limit_h_min                  ? 
_reflns.limit_k_max                  ? 
_reflns.limit_k_min                  ? 
_reflns.limit_l_max                  ? 
_reflns.limit_l_min                  ? 
_reflns.observed_criterion_F_max     ? 
_reflns.observed_criterion_F_min     ? 
_reflns.pdbx_chi_squared             ? 
_reflns.pdbx_scaling_rejects         ? 
_reflns.pdbx_diffrn_id               1 
_reflns.pdbx_ordinal                 1 
# 
_refine.entry_id                                 1CXC 
_refine.ls_number_reflns_obs                     16495 
_refine.ls_number_reflns_all                     ? 
_refine.pdbx_ls_sigma_I                          ? 
_refine.pdbx_ls_sigma_F                          0.0 
_refine.pdbx_data_cutoff_high_absF               ? 
_refine.pdbx_data_cutoff_low_absF                ? 
_refine.pdbx_data_cutoff_high_rms_absF           ? 
_refine.ls_d_res_low                             6.0 
_refine.ls_d_res_high                            1.6 
_refine.ls_percent_reflns_obs                    95.7 
_refine.ls_R_factor_obs                          0.2250000 
_refine.ls_R_factor_all                          ? 
_refine.ls_R_factor_R_work                       ? 
_refine.ls_R_factor_R_free                       ? 
_refine.ls_R_factor_R_free_error                 ? 
_refine.ls_R_factor_R_free_error_details         ? 
_refine.ls_percent_reflns_R_free                 ? 
_refine.ls_number_reflns_R_free                  ? 
_refine.ls_number_parameters                     ? 
_refine.ls_number_restraints                     ? 
_refine.occupancy_min                            ? 
_refine.occupancy_max                            ? 
_refine.B_iso_mean                               ? 
_refine.aniso_B[1][1]                            ? 
_refine.aniso_B[2][2]                            ? 
_refine.aniso_B[3][3]                            ? 
_refine.aniso_B[1][2]                            ? 
_refine.aniso_B[1][3]                            ? 
_refine.aniso_B[2][3]                            ? 
_refine.solvent_model_details                    ? 
_refine.solvent_model_param_ksol                 ? 
_refine.solvent_model_param_bsol                 ? 
_refine.pdbx_ls_cross_valid_method               ? 
_refine.details                                  ? 
_refine.pdbx_starting_model                      ? 
_refine.pdbx_method_to_determine_struct          ? 
_refine.pdbx_isotropic_thermal_model             ? 
_refine.pdbx_stereochemistry_target_values       ? 
_refine.pdbx_stereochem_target_val_spec_case     ? 
_refine.pdbx_R_Free_selection_details            ? 
_refine.pdbx_overall_ESU_R                       ? 
_refine.pdbx_overall_ESU_R_Free                  ? 
_refine.overall_SU_ML                            ? 
_refine.overall_SU_B                             ? 
_refine.pdbx_refine_id                           'X-RAY DIFFRACTION' 
_refine.ls_redundancy_reflns_obs                 ? 
_refine.pdbx_overall_phase_error                 ? 
_refine.B_iso_min                                ? 
_refine.B_iso_max                                ? 
_refine.correlation_coeff_Fo_to_Fc               ? 
_refine.correlation_coeff_Fo_to_Fc_free          ? 
_refine.pdbx_solvent_vdw_probe_radii             ? 
_refine.pdbx_solvent_ion_probe_radii             ? 
_refine.pdbx_solvent_shrinkage_radii             ? 
_refine.overall_SU_R_Cruickshank_DPI             ? 
_refine.overall_SU_R_free                        ? 
_refine.ls_wR_factor_R_free                      ? 
_refine.ls_wR_factor_R_work                      ? 
_refine.overall_FOM_free_R_set                   ? 
_refine.overall_FOM_work_R_set                   ? 
_refine.pdbx_diffrn_id                           1 
_refine.pdbx_TLS_residual_ADP_flag               ? 
_refine.pdbx_overall_SU_R_free_Cruickshank_DPI   ? 
_refine.pdbx_overall_SU_R_Blow_DPI               ? 
_refine.pdbx_overall_SU_R_free_Blow_DPI          ? 
# 
_refine_hist.pdbx_refine_id                   'X-RAY DIFFRACTION' 
_refine_hist.cycle_id                         LAST 
_refine_hist.pdbx_number_atoms_protein        919 
_refine_hist.pdbx_number_atoms_nucleic_acid   0 
_refine_hist.pdbx_number_atoms_ligand         43 
_refine_hist.number_atoms_solvent             24 
_refine_hist.number_atoms_total               986 
_refine_hist.d_res_high                       1.6 
_refine_hist.d_res_low                        6.0 
# 
loop_
_refine_ls_restr.type 
_refine_ls_restr.dev_ideal 
_refine_ls_restr.dev_ideal_target 
_refine_ls_restr.weight 
_refine_ls_restr.number 
_refine_ls_restr.pdbx_refine_id 
_refine_ls_restr.pdbx_restraint_function 
t_bond_d           0.010 ? ? ? 'X-RAY DIFFRACTION' ? 
t_angle_deg        1.80  ? ? ? 'X-RAY DIFFRACTION' ? 
t_dihedral_angle_d ?     ? ? ? 'X-RAY DIFFRACTION' ? 
t_incorr_chiral_ct ?     ? ? ? 'X-RAY DIFFRACTION' ? 
t_pseud_angle      ?     ? ? ? 'X-RAY DIFFRACTION' ? 
t_trig_c_planes    ?     ? ? ? 'X-RAY DIFFRACTION' ? 
t_gen_planes       ?     ? ? ? 'X-RAY DIFFRACTION' ? 
t_it               ?     ? ? ? 'X-RAY DIFFRACTION' ? 
t_nbd              ?     ? ? ? 'X-RAY DIFFRACTION' ? 
# 
_struct.entry_id                  1CXC 
_struct.title                     
'CRYSTALLIZATION AND X-RAY STRUCTURE DETERMINATION OF CYTOCHROME C2 FROM RHODOBACTER SPHAEROIDES IN THREE CRYSTAL FORMS' 
_struct.pdbx_model_details        ? 
_struct.pdbx_CASP_flag            ? 
_struct.pdbx_model_type_details   ? 
# 
_struct_keywords.entry_id        1CXC 
_struct_keywords.pdbx_keywords   'ELECTRON TRANSPORT (CYTOCHROME)' 
_struct_keywords.text            'ELECTRON TRANSPORT (CYTOCHROME)' 
# 
loop_
_struct_asym.id 
_struct_asym.pdbx_blank_PDB_chainid_flag 
_struct_asym.pdbx_modified 
_struct_asym.entity_id 
_struct_asym.details 
A N N 1 ? 
B N N 2 ? 
C N N 3 ? 
# 
_struct_ref.id                         1 
_struct_ref.db_name                    UNP 
_struct_ref.db_code                    CYC2_RHOSH 
_struct_ref.entity_id                  1 
_struct_ref.pdbx_db_accession          P00095 
_struct_ref.pdbx_align_begin           1 
_struct_ref.pdbx_seq_one_letter_code   
;MKFQVKALAAIAAFAALPALAQEGDPEAGAKAFNQCQTCHVIVDDSGTTIAGRNAKTGPNLYGVVGRTAGTQADFKGYGE
GMKEAGAKGLAWDEEHFVQYVQDPTKFLKEYTGDAKAKGKMTFKLKKEADAHNIWAYLQQVAVRP
;
_struct_ref.pdbx_db_isoform            ? 
# 
_struct_ref_seq.align_id                      1 
_struct_ref_seq.ref_id                        1 
_struct_ref_seq.pdbx_PDB_id_code              1CXC 
_struct_ref_seq.pdbx_strand_id                A 
_struct_ref_seq.seq_align_beg                 1 
_struct_ref_seq.pdbx_seq_align_beg_ins_code   ? 
_struct_ref_seq.seq_align_end                 124 
_struct_ref_seq.pdbx_seq_align_end_ins_code   ? 
_struct_ref_seq.pdbx_db_accession             P00095 
_struct_ref_seq.db_align_beg                  22 
_struct_ref_seq.pdbx_db_align_beg_ins_code    ? 
_struct_ref_seq.db_align_end                  145 
_struct_ref_seq.pdbx_db_align_end_ins_code    ? 
_struct_ref_seq.pdbx_auth_seq_align_beg       1 
_struct_ref_seq.pdbx_auth_seq_align_end       124 
# 
_pdbx_struct_assembly.id                   1 
_pdbx_struct_assembly.details              author_defined_assembly 
_pdbx_struct_assembly.method_details       ? 
_pdbx_struct_assembly.oligomeric_details   monomeric 
_pdbx_struct_assembly.oligomeric_count     1 
# 
_pdbx_struct_assembly_gen.assembly_id       1 
_pdbx_struct_assembly_gen.oper_expression   1 
_pdbx_struct_assembly_gen.asym_id_list      A,B,C 
# 
_pdbx_struct_oper_list.id                   1 
_pdbx_struct_oper_list.type                 'identity operation' 
_pdbx_struct_oper_list.name                 1_555 
_pdbx_struct_oper_list.symmetry_operation   x,y,z 
_pdbx_struct_oper_list.matrix[1][1]         1.0000000000 
_pdbx_struct_oper_list.matrix[1][2]         0.0000000000 
_pdbx_struct_oper_list.matrix[1][3]         0.0000000000 
_pdbx_struct_oper_list.vector[1]            0.0000000000 
_pdbx_struct_oper_list.matrix[2][1]         0.0000000000 
_pdbx_struct_oper_list.matrix[2][2]         1.0000000000 
_pdbx_struct_oper_list.matrix[2][3]         0.0000000000 
_pdbx_struct_oper_list.vector[2]            0.0000000000 
_pdbx_struct_oper_list.matrix[3][1]         0.0000000000 
_pdbx_struct_oper_list.matrix[3][2]         0.0000000000 
_pdbx_struct_oper_list.matrix[3][3]         1.0000000000 
_pdbx_struct_oper_list.vector[3]            0.0000000000 
# 
_struct_biol.id        1 
_struct_biol.details   ? 
# 
loop_
_struct_conf.conf_type_id 
_struct_conf.id 
_struct_conf.pdbx_PDB_helix_id 
_struct_conf.beg_label_comp_id 
_struct_conf.beg_label_asym_id 
_struct_conf.beg_label_seq_id 
_struct_conf.pdbx_beg_PDB_ins_code 
_struct_conf.end_label_comp_id 
_struct_conf.end_label_asym_id 
_struct_conf.end_label_seq_id 
_struct_conf.pdbx_end_PDB_ins_code 
_struct_conf.beg_auth_comp_id 
_struct_conf.beg_auth_asym_id 
_struct_conf.beg_auth_seq_id 
_struct_conf.end_auth_comp_id 
_struct_conf.end_auth_asym_id 
_struct_conf.end_auth_seq_id 
_struct_conf.pdbx_PDB_helix_class 
_struct_conf.details 
_struct_conf.pdbx_PDB_helix_length 
HELX_P HELX_P1 A PRO A 5   ? CYS A 18  ? PRO A 5   CYS A 18  1 ? 14 
HELX_P HELX_P2 B GLU A 59  ? ALA A 66  ? GLU A 59  ALA A 66  1 ? 8  
HELX_P HELX_P3 C GLU A 73  ? GLN A 81  ? GLU A 73  GLN A 81  1 ? 9  
HELX_P HELX_P4 D PRO A 83  ? THR A 91  ? PRO A 83  THR A 91  1 ? 9  
HELX_P HELX_P5 E GLU A 107 ? VAL A 120 ? GLU A 107 VAL A 120 1 ? 14 
# 
_struct_conf_type.id          HELX_P 
_struct_conf_type.criteria    ? 
_struct_conf_type.reference   ? 
# 
loop_
_struct_conn.id 
_struct_conn.conn_type_id 
_struct_conn.pdbx_leaving_atom_flag 
_struct_conn.pdbx_PDB_id 
_struct_conn.ptnr1_label_asym_id 
_struct_conn.ptnr1_label_comp_id 
_struct_conn.ptnr1_label_seq_id 
_struct_conn.ptnr1_label_atom_id 
_struct_conn.pdbx_ptnr1_label_alt_id 
_struct_conn.pdbx_ptnr1_PDB_ins_code 
_struct_conn.pdbx_ptnr1_standard_comp_id 
_struct_conn.ptnr1_symmetry 
_struct_conn.ptnr2_label_asym_id 
_struct_conn.ptnr2_label_comp_id 
_struct_conn.ptnr2_label_seq_id 
_struct_conn.ptnr2_label_atom_id 
_struct_conn.pdbx_ptnr2_label_alt_id 
_struct_conn.pdbx_ptnr2_PDB_ins_code 
_struct_conn.ptnr1_auth_asym_id 
_struct_conn.ptnr1_auth_comp_id 
_struct_conn.ptnr1_auth_seq_id 
_struct_conn.ptnr2_auth_asym_id 
_struct_conn.ptnr2_auth_comp_id 
_struct_conn.ptnr2_auth_seq_id 
_struct_conn.ptnr2_symmetry 
_struct_conn.pdbx_ptnr3_label_atom_id 
_struct_conn.pdbx_ptnr3_label_seq_id 
_struct_conn.pdbx_ptnr3_label_comp_id 
_struct_conn.pdbx_ptnr3_label_asym_id 
_struct_conn.pdbx_ptnr3_label_alt_id 
_struct_conn.pdbx_ptnr3_PDB_ins_code 
_struct_conn.details 
_struct_conn.pdbx_dist_value 
_struct_conn.pdbx_value_order 
_struct_conn.pdbx_role 
covale1 covale none ? A CYS 15  SG  ? ? ? 1_555 B HEC . CAB ? ? A CYS 15  A HEC 125 1_555 ? ? ? ? ? ? ? 1.989 ? ? 
covale2 covale none ? A CYS 18  SG  ? ? ? 1_555 B HEC . CAC ? ? A CYS 18  A HEC 125 1_555 ? ? ? ? ? ? ? 1.965 ? ? 
metalc1 metalc ?    ? A HIS 19  NE2 ? ? ? 1_555 B HEC . FE  ? ? A HIS 19  A HEC 125 1_555 ? ? ? ? ? ? ? 2.017 ? ? 
metalc2 metalc ?    ? A MET 100 SD  ? ? ? 1_555 B HEC . FE  ? ? A MET 100 A HEC 125 1_555 ? ? ? ? ? ? ? 2.357 ? ? 
# 
loop_
_struct_conn_type.id 
_struct_conn_type.criteria 
_struct_conn_type.reference 
covale ? ? 
metalc ? ? 
# 
loop_
_pdbx_struct_conn_angle.id 
_pdbx_struct_conn_angle.ptnr1_label_atom_id 
_pdbx_struct_conn_angle.ptnr1_label_alt_id 
_pdbx_struct_conn_angle.ptnr1_label_asym_id 
_pdbx_struct_conn_angle.ptnr1_label_comp_id 
_pdbx_struct_conn_angle.ptnr1_label_seq_id 
_pdbx_struct_conn_angle.ptnr1_auth_atom_id 
_pdbx_struct_conn_angle.ptnr1_auth_asym_id 
_pdbx_struct_conn_angle.ptnr1_auth_comp_id 
_pdbx_struct_conn_angle.ptnr1_auth_seq_id 
_pdbx_struct_conn_angle.ptnr1_PDB_ins_code 
_pdbx_struct_conn_angle.ptnr1_symmetry 
_pdbx_struct_conn_angle.ptnr2_label_atom_id 
_pdbx_struct_conn_angle.ptnr2_label_alt_id 
_pdbx_struct_conn_angle.ptnr2_label_asym_id 
_pdbx_struct_conn_angle.ptnr2_label_comp_id 
_pdbx_struct_conn_angle.ptnr2_label_seq_id 
_pdbx_struct_conn_angle.ptnr2_auth_atom_id 
_pdbx_struct_conn_angle.ptnr2_auth_asym_id 
_pdbx_struct_conn_angle.ptnr2_auth_comp_id 
_pdbx_struct_conn_angle.ptnr2_auth_seq_id 
_pdbx_struct_conn_angle.ptnr2_PDB_ins_code 
_pdbx_struct_conn_angle.ptnr2_symmetry 
_pdbx_struct_conn_angle.ptnr3_label_atom_id 
_pdbx_struct_conn_angle.ptnr3_label_alt_id 
_pdbx_struct_conn_angle.ptnr3_label_asym_id 
_pdbx_struct_conn_angle.ptnr3_label_comp_id 
_pdbx_struct_conn_angle.ptnr3_label_seq_id 
_pdbx_struct_conn_angle.ptnr3_auth_atom_id 
_pdbx_struct_conn_angle.ptnr3_auth_asym_id 
_pdbx_struct_conn_angle.ptnr3_auth_comp_id 
_pdbx_struct_conn_angle.ptnr3_auth_seq_id 
_pdbx_struct_conn_angle.ptnr3_PDB_ins_code 
_pdbx_struct_conn_angle.ptnr3_symmetry 
_pdbx_struct_conn_angle.value 
_pdbx_struct_conn_angle.value_esd 
1  NE2 ? A HIS 19 ? A HIS 19  ? 1_555 FE ? B HEC . ? A HEC 125 ? 1_555 NA ? B HEC .   ? A HEC 125 ? 1_555 89.9  ? 
2  NE2 ? A HIS 19 ? A HIS 19  ? 1_555 FE ? B HEC . ? A HEC 125 ? 1_555 NB ? B HEC .   ? A HEC 125 ? 1_555 90.0  ? 
3  NA  ? B HEC .  ? A HEC 125 ? 1_555 FE ? B HEC . ? A HEC 125 ? 1_555 NB ? B HEC .   ? A HEC 125 ? 1_555 89.7  ? 
4  NE2 ? A HIS 19 ? A HIS 19  ? 1_555 FE ? B HEC . ? A HEC 125 ? 1_555 NC ? B HEC .   ? A HEC 125 ? 1_555 90.8  ? 
5  NA  ? B HEC .  ? A HEC 125 ? 1_555 FE ? B HEC . ? A HEC 125 ? 1_555 NC ? B HEC .   ? A HEC 125 ? 1_555 179.1 ? 
6  NB  ? B HEC .  ? A HEC 125 ? 1_555 FE ? B HEC . ? A HEC 125 ? 1_555 NC ? B HEC .   ? A HEC 125 ? 1_555 89.7  ? 
7  NE2 ? A HIS 19 ? A HIS 19  ? 1_555 FE ? B HEC . ? A HEC 125 ? 1_555 ND ? B HEC .   ? A HEC 125 ? 1_555 88.5  ? 
8  NA  ? B HEC .  ? A HEC 125 ? 1_555 FE ? B HEC . ? A HEC 125 ? 1_555 ND ? B HEC .   ? A HEC 125 ? 1_555 91.1  ? 
9  NB  ? B HEC .  ? A HEC 125 ? 1_555 FE ? B HEC . ? A HEC 125 ? 1_555 ND ? B HEC .   ? A HEC 125 ? 1_555 178.2 ? 
10 NC  ? B HEC .  ? A HEC 125 ? 1_555 FE ? B HEC . ? A HEC 125 ? 1_555 ND ? B HEC .   ? A HEC 125 ? 1_555 89.5  ? 
11 NE2 ? A HIS 19 ? A HIS 19  ? 1_555 FE ? B HEC . ? A HEC 125 ? 1_555 SD ? A MET 100 ? A MET 100 ? 1_555 177.7 ? 
12 NA  ? B HEC .  ? A HEC 125 ? 1_555 FE ? B HEC . ? A HEC 125 ? 1_555 SD ? A MET 100 ? A MET 100 ? 1_555 88.5  ? 
13 NB  ? B HEC .  ? A HEC 125 ? 1_555 FE ? B HEC . ? A HEC 125 ? 1_555 SD ? A MET 100 ? A MET 100 ? 1_555 91.7  ? 
14 NC  ? B HEC .  ? A HEC 125 ? 1_555 FE ? B HEC . ? A HEC 125 ? 1_555 SD ? A MET 100 ? A MET 100 ? 1_555 90.8  ? 
15 ND  ? B HEC .  ? A HEC 125 ? 1_555 FE ? B HEC . ? A HEC 125 ? 1_555 SD ? A MET 100 ? A MET 100 ? 1_555 89.8  ? 
# 
loop_
_pdbx_modification_feature.ordinal 
_pdbx_modification_feature.label_comp_id 
_pdbx_modification_feature.label_asym_id 
_pdbx_modification_feature.label_seq_id 
_pdbx_modification_feature.label_alt_id 
_pdbx_modification_feature.modified_residue_label_comp_id 
_pdbx_modification_feature.modified_residue_label_asym_id 
_pdbx_modification_feature.modified_residue_label_seq_id 
_pdbx_modification_feature.modified_residue_label_alt_id 
_pdbx_modification_feature.auth_comp_id 
_pdbx_modification_feature.auth_asym_id 
_pdbx_modification_feature.auth_seq_id 
_pdbx_modification_feature.PDB_ins_code 
_pdbx_modification_feature.symmetry 
_pdbx_modification_feature.modified_residue_auth_comp_id 
_pdbx_modification_feature.modified_residue_auth_asym_id 
_pdbx_modification_feature.modified_residue_auth_seq_id 
_pdbx_modification_feature.modified_residue_PDB_ins_code 
_pdbx_modification_feature.modified_residue_symmetry 
_pdbx_modification_feature.comp_id_linking_atom 
_pdbx_modification_feature.modified_residue_id_linking_atom 
_pdbx_modification_feature.modified_residue_id 
_pdbx_modification_feature.ref_pcm_id 
_pdbx_modification_feature.ref_comp_id 
_pdbx_modification_feature.type 
_pdbx_modification_feature.category 
1 HEC B . ? CYS A 15 ? HEC A 125 ? 1_555 CYS A 15 ? 1_555 CAB SG CYS 2 HEC None Heme/heme-like 
2 HEC B . ? CYS A 18 ? HEC A 125 ? 1_555 CYS A 18 ? 1_555 CAC SG CYS 3 HEC None Heme/heme-like 
# 
_struct_sheet.id               A 
_struct_sheet.type             ? 
_struct_sheet.number_strands   2 
_struct_sheet.details          ? 
# 
_struct_sheet_order.sheet_id     A 
_struct_sheet_order.range_id_1   1 
_struct_sheet_order.range_id_2   2 
_struct_sheet_order.offset       ? 
_struct_sheet_order.sense        anti-parallel 
# 
loop_
_struct_sheet_range.sheet_id 
_struct_sheet_range.id 
_struct_sheet_range.beg_label_comp_id 
_struct_sheet_range.beg_label_asym_id 
_struct_sheet_range.beg_label_seq_id 
_struct_sheet_range.pdbx_beg_PDB_ins_code 
_struct_sheet_range.end_label_comp_id 
_struct_sheet_range.end_label_asym_id 
_struct_sheet_range.end_label_seq_id 
_struct_sheet_range.pdbx_end_PDB_ins_code 
_struct_sheet_range.beg_auth_comp_id 
_struct_sheet_range.beg_auth_asym_id 
_struct_sheet_range.beg_auth_seq_id 
_struct_sheet_range.end_auth_comp_id 
_struct_sheet_range.end_auth_asym_id 
_struct_sheet_range.end_auth_seq_id 
A 1 ILE A 21 ? VAL A 22 ? ILE A 21 VAL A 22 
A 2 THR A 28 ? ALA A 30 ? THR A 28 ALA A 30 
# 
_pdbx_struct_sheet_hbond.sheet_id                A 
_pdbx_struct_sheet_hbond.range_id_1              1 
_pdbx_struct_sheet_hbond.range_id_2              2 
_pdbx_struct_sheet_hbond.range_1_label_atom_id   O 
_pdbx_struct_sheet_hbond.range_1_label_comp_id   ILE 
_pdbx_struct_sheet_hbond.range_1_label_asym_id   A 
_pdbx_struct_sheet_hbond.range_1_label_seq_id    21 
_pdbx_struct_sheet_hbond.range_1_PDB_ins_code    ? 
_pdbx_struct_sheet_hbond.range_1_auth_atom_id    O 
_pdbx_struct_sheet_hbond.range_1_auth_comp_id    ILE 
_pdbx_struct_sheet_hbond.range_1_auth_asym_id    A 
_pdbx_struct_sheet_hbond.range_1_auth_seq_id     21 
_pdbx_struct_sheet_hbond.range_2_label_atom_id   N 
_pdbx_struct_sheet_hbond.range_2_label_comp_id   ILE 
_pdbx_struct_sheet_hbond.range_2_label_asym_id   A 
_pdbx_struct_sheet_hbond.range_2_label_seq_id    29 
_pdbx_struct_sheet_hbond.range_2_PDB_ins_code    ? 
_pdbx_struct_sheet_hbond.range_2_auth_atom_id    N 
_pdbx_struct_sheet_hbond.range_2_auth_comp_id    ILE 
_pdbx_struct_sheet_hbond.range_2_auth_asym_id    A 
_pdbx_struct_sheet_hbond.range_2_auth_seq_id     29 
# 
_struct_site.id                   AC1 
_struct_site.pdbx_evidence_code   Software 
_struct_site.pdbx_auth_asym_id    A 
_struct_site.pdbx_auth_comp_id    HEC 
_struct_site.pdbx_auth_seq_id     125 
_struct_site.pdbx_auth_ins_code   ? 
_struct_site.pdbx_num_residues    21 
_struct_site.details              'BINDING SITE FOR RESIDUE HEC A 125' 
# 
loop_
_struct_site_gen.id 
_struct_site_gen.site_id 
_struct_site_gen.pdbx_num_res 
_struct_site_gen.label_comp_id 
_struct_site_gen.label_asym_id 
_struct_site_gen.label_seq_id 
_struct_site_gen.pdbx_auth_ins_code 
_struct_site_gen.auth_comp_id 
_struct_site_gen.auth_asym_id 
_struct_site_gen.auth_seq_id 
_struct_site_gen.label_atom_id 
_struct_site_gen.label_alt_id 
_struct_site_gen.symmetry 
_struct_site_gen.details 
1  AC1 21 CYS A 15  ? CYS A 15  . ? 1_555 ? 
2  AC1 21 CYS A 18  ? CYS A 18  . ? 1_555 ? 
3  AC1 21 HIS A 19  ? HIS A 19  . ? 1_555 ? 
4  AC1 21 THR A 36  ? THR A 36  . ? 1_555 ? 
5  AC1 21 PRO A 38  ? PRO A 38  . ? 1_555 ? 
6  AC1 21 ARG A 46  ? ARG A 46  . ? 1_555 ? 
7  AC1 21 ALA A 48  ? ALA A 48  . ? 1_555 ? 
8  AC1 21 GLY A 49  ? GLY A 49  . ? 1_555 ? 
9  AC1 21 TYR A 57  ? TYR A 57  . ? 1_555 ? 
10 AC1 21 GLY A 58  ? GLY A 58  . ? 1_555 ? 
11 AC1 21 MET A 61  ? MET A 61  . ? 1_555 ? 
12 AC1 21 TRP A 71  ? TRP A 71  . ? 1_555 ? 
13 AC1 21 PHE A 76  ? PHE A 76  . ? 1_555 ? 
14 AC1 21 TYR A 79  ? TYR A 79  . ? 1_555 ? 
15 AC1 21 GLY A 98  ? GLY A 98  . ? 1_555 ? 
16 AC1 21 LYS A 99  ? LYS A 99  . ? 1_555 ? 
17 AC1 21 MET A 100 ? MET A 100 . ? 1_555 ? 
18 AC1 21 PHE A 102 ? PHE A 102 . ? 1_555 ? 
19 AC1 21 HOH C .   ? HOH A 138 . ? 1_555 ? 
20 AC1 21 HOH C .   ? HOH A 141 . ? 1_555 ? 
21 AC1 21 HOH C .   ? HOH A 142 . ? 1_555 ? 
# 
_pdbx_entry_details.entry_id                   1CXC 
_pdbx_entry_details.compound_details           ? 
_pdbx_entry_details.source_details             ? 
_pdbx_entry_details.nonpolymer_details         ? 
_pdbx_entry_details.sequence_details           ? 
_pdbx_entry_details.has_ligand_of_interest     ? 
_pdbx_entry_details.has_protein_modification   Y 
# 
loop_
_pdbx_validate_rmsd_angle.id 
_pdbx_validate_rmsd_angle.PDB_model_num 
_pdbx_validate_rmsd_angle.auth_atom_id_1 
_pdbx_validate_rmsd_angle.auth_asym_id_1 
_pdbx_validate_rmsd_angle.auth_comp_id_1 
_pdbx_validate_rmsd_angle.auth_seq_id_1 
_pdbx_validate_rmsd_angle.PDB_ins_code_1 
_pdbx_validate_rmsd_angle.label_alt_id_1 
_pdbx_validate_rmsd_angle.auth_atom_id_2 
_pdbx_validate_rmsd_angle.auth_asym_id_2 
_pdbx_validate_rmsd_angle.auth_comp_id_2 
_pdbx_validate_rmsd_angle.auth_seq_id_2 
_pdbx_validate_rmsd_angle.PDB_ins_code_2 
_pdbx_validate_rmsd_angle.label_alt_id_2 
_pdbx_validate_rmsd_angle.auth_atom_id_3 
_pdbx_validate_rmsd_angle.auth_asym_id_3 
_pdbx_validate_rmsd_angle.auth_comp_id_3 
_pdbx_validate_rmsd_angle.auth_seq_id_3 
_pdbx_validate_rmsd_angle.PDB_ins_code_3 
_pdbx_validate_rmsd_angle.label_alt_id_3 
_pdbx_validate_rmsd_angle.angle_value 
_pdbx_validate_rmsd_angle.angle_target_value 
_pdbx_validate_rmsd_angle.angle_deviation 
_pdbx_validate_rmsd_angle.angle_standard_deviation 
_pdbx_validate_rmsd_angle.linker_flag 
1 1 CB  A VAL 43  ? ? CA  A VAL 43  ? ? C   A VAL 43  ? ? 99.03  111.40 -12.37 1.90 N 
2 1 NE  A ARG 46  ? ? CZ  A ARG 46  ? ? NH1 A ARG 46  ? ? 124.06 120.30 3.76   0.50 N 
3 1 NE  A ARG 46  ? ? CZ  A ARG 46  ? ? NH2 A ARG 46  ? ? 113.38 120.30 -6.92  0.50 N 
4 1 CD1 A TRP 71  ? ? CG  A TRP 71  ? ? CD2 A TRP 71  ? ? 113.28 106.30 6.98   0.80 N 
5 1 CG  A TRP 71  ? ? CD1 A TRP 71  ? ? NE1 A TRP 71  ? ? 103.84 110.10 -6.26  1.00 N 
6 1 CE2 A TRP 71  ? ? CD2 A TRP 71  ? ? CG  A TRP 71  ? ? 101.59 107.30 -5.71  0.80 N 
7 1 CD1 A TRP 114 ? ? CG  A TRP 114 ? ? CD2 A TRP 114 ? ? 112.37 106.30 6.07   0.80 N 
8 1 CE2 A TRP 114 ? ? CD2 A TRP 114 ? ? CG  A TRP 114 ? ? 102.27 107.30 -5.03  0.80 N 
# 
loop_
_pdbx_validate_torsion.id 
_pdbx_validate_torsion.PDB_model_num 
_pdbx_validate_torsion.auth_comp_id 
_pdbx_validate_torsion.auth_asym_id 
_pdbx_validate_torsion.auth_seq_id 
_pdbx_validate_torsion.PDB_ins_code 
_pdbx_validate_torsion.label_alt_id 
_pdbx_validate_torsion.phi 
_pdbx_validate_torsion.psi 
1 1 ASP A 24 ? ? -67.55  0.11  
2 1 ASP A 82 ? ? -164.12 92.87 
# 
loop_
_pdbx_validate_planes.id 
_pdbx_validate_planes.PDB_model_num 
_pdbx_validate_planes.auth_comp_id 
_pdbx_validate_planes.auth_asym_id 
_pdbx_validate_planes.auth_seq_id 
_pdbx_validate_planes.PDB_ins_code 
_pdbx_validate_planes.label_alt_id 
_pdbx_validate_planes.rmsd 
_pdbx_validate_planes.type 
1 1 ASP A 4  ? ? 0.074 'SIDE CHAIN' 
2 1 ARG A 46 ? ? 0.085 'SIDE CHAIN' 
# 
loop_
_pdbx_validate_main_chain_plane.id 
_pdbx_validate_main_chain_plane.PDB_model_num 
_pdbx_validate_main_chain_plane.auth_comp_id 
_pdbx_validate_main_chain_plane.auth_asym_id 
_pdbx_validate_main_chain_plane.auth_seq_id 
_pdbx_validate_main_chain_plane.PDB_ins_code 
_pdbx_validate_main_chain_plane.label_alt_id 
_pdbx_validate_main_chain_plane.improper_torsion_angle 
1  1 GLN A 1   ? ? 17.75  
2  1 PRO A 5   ? ? 11.52  
3  1 GLY A 8   ? ? 10.60  
4  1 HIS A 19  ? ? -15.87 
5  1 VAL A 20  ? ? 14.05  
6  1 ILE A 21  ? ? 10.80  
7  1 ALA A 30  ? ? 10.85  
8  1 GLY A 31  ? ? -14.44 
9  1 VAL A 43  ? ? 16.29  
10 1 GLY A 45  ? ? -10.06 
11 1 GLY A 49  ? ? -10.26 
12 1 LYS A 55  ? ? -12.37 
13 1 GLU A 63  ? ? 11.03  
14 1 LYS A 67  ? ? 14.75  
15 1 LEU A 69  ? ? 10.49  
16 1 VAL A 77  ? ? -10.27 
17 1 GLU A 89  ? ? 10.49  
18 1 TYR A 90  ? ? 14.58  
19 1 ALA A 94  ? ? 11.34  
20 1 LYS A 95  ? ? 11.16  
21 1 THR A 101 ? ? -17.23 
22 1 PHE A 102 ? ? 10.69  
23 1 ARG A 123 ? ? 10.32  
# 
loop_
_chem_comp_atom.comp_id 
_chem_comp_atom.atom_id 
_chem_comp_atom.type_symbol 
_chem_comp_atom.pdbx_aromatic_flag 
_chem_comp_atom.pdbx_stereo_config 
_chem_comp_atom.pdbx_ordinal 
ALA N    N  N N 1   
ALA CA   C  N S 2   
ALA C    C  N N 3   
ALA O    O  N N 4   
ALA CB   C  N N 5   
ALA OXT  O  N N 6   
ALA H    H  N N 7   
ALA H2   H  N N 8   
ALA HA   H  N N 9   
ALA HB1  H  N N 10  
ALA HB2  H  N N 11  
ALA HB3  H  N N 12  
ALA HXT  H  N N 13  
ARG N    N  N N 14  
ARG CA   C  N S 15  
ARG C    C  N N 16  
ARG O    O  N N 17  
ARG CB   C  N N 18  
ARG CG   C  N N 19  
ARG CD   C  N N 20  
ARG NE   N  N N 21  
ARG CZ   C  N N 22  
ARG NH1  N  N N 23  
ARG NH2  N  N N 24  
ARG OXT  O  N N 25  
ARG H    H  N N 26  
ARG H2   H  N N 27  
ARG HA   H  N N 28  
ARG HB2  H  N N 29  
ARG HB3  H  N N 30  
ARG HG2  H  N N 31  
ARG HG3  H  N N 32  
ARG HD2  H  N N 33  
ARG HD3  H  N N 34  
ARG HE   H  N N 35  
ARG HH11 H  N N 36  
ARG HH12 H  N N 37  
ARG HH21 H  N N 38  
ARG HH22 H  N N 39  
ARG HXT  H  N N 40  
ASN N    N  N N 41  
ASN CA   C  N S 42  
ASN C    C  N N 43  
ASN O    O  N N 44  
ASN CB   C  N N 45  
ASN CG   C  N N 46  
ASN OD1  O  N N 47  
ASN ND2  N  N N 48  
ASN OXT  O  N N 49  
ASN H    H  N N 50  
ASN H2   H  N N 51  
ASN HA   H  N N 52  
ASN HB2  H  N N 53  
ASN HB3  H  N N 54  
ASN HD21 H  N N 55  
ASN HD22 H  N N 56  
ASN HXT  H  N N 57  
ASP N    N  N N 58  
ASP CA   C  N S 59  
ASP C    C  N N 60  
ASP O    O  N N 61  
ASP CB   C  N N 62  
ASP CG   C  N N 63  
ASP OD1  O  N N 64  
ASP OD2  O  N N 65  
ASP OXT  O  N N 66  
ASP H    H  N N 67  
ASP H2   H  N N 68  
ASP HA   H  N N 69  
ASP HB2  H  N N 70  
ASP HB3  H  N N 71  
ASP HD2  H  N N 72  
ASP HXT  H  N N 73  
CYS N    N  N N 74  
CYS CA   C  N R 75  
CYS C    C  N N 76  
CYS O    O  N N 77  
CYS CB   C  N N 78  
CYS SG   S  N N 79  
CYS OXT  O  N N 80  
CYS H    H  N N 81  
CYS H2   H  N N 82  
CYS HA   H  N N 83  
CYS HB2  H  N N 84  
CYS HB3  H  N N 85  
CYS HG   H  N N 86  
CYS HXT  H  N N 87  
GLN N    N  N N 88  
GLN CA   C  N S 89  
GLN C    C  N N 90  
GLN O    O  N N 91  
GLN CB   C  N N 92  
GLN CG   C  N N 93  
GLN CD   C  N N 94  
GLN OE1  O  N N 95  
GLN NE2  N  N N 96  
GLN OXT  O  N N 97  
GLN H    H  N N 98  
GLN H2   H  N N 99  
GLN HA   H  N N 100 
GLN HB2  H  N N 101 
GLN HB3  H  N N 102 
GLN HG2  H  N N 103 
GLN HG3  H  N N 104 
GLN HE21 H  N N 105 
GLN HE22 H  N N 106 
GLN HXT  H  N N 107 
GLU N    N  N N 108 
GLU CA   C  N S 109 
GLU C    C  N N 110 
GLU O    O  N N 111 
GLU CB   C  N N 112 
GLU CG   C  N N 113 
GLU CD   C  N N 114 
GLU OE1  O  N N 115 
GLU OE2  O  N N 116 
GLU OXT  O  N N 117 
GLU H    H  N N 118 
GLU H2   H  N N 119 
GLU HA   H  N N 120 
GLU HB2  H  N N 121 
GLU HB3  H  N N 122 
GLU HG2  H  N N 123 
GLU HG3  H  N N 124 
GLU HE2  H  N N 125 
GLU HXT  H  N N 126 
GLY N    N  N N 127 
GLY CA   C  N N 128 
GLY C    C  N N 129 
GLY O    O  N N 130 
GLY OXT  O  N N 131 
GLY H    H  N N 132 
GLY H2   H  N N 133 
GLY HA2  H  N N 134 
GLY HA3  H  N N 135 
GLY HXT  H  N N 136 
HEC FE   FE N N 137 
HEC CHA  C  N N 138 
HEC CHB  C  N N 139 
HEC CHC  C  N N 140 
HEC CHD  C  N N 141 
HEC NA   N  Y N 142 
HEC C1A  C  Y N 143 
HEC C2A  C  Y N 144 
HEC C3A  C  Y N 145 
HEC C4A  C  Y N 146 
HEC CMA  C  N N 147 
HEC CAA  C  N N 148 
HEC CBA  C  N N 149 
HEC CGA  C  N N 150 
HEC O1A  O  N N 151 
HEC O2A  O  N N 152 
HEC NB   N  Y N 153 
HEC C1B  C  Y N 154 
HEC C2B  C  Y N 155 
HEC C3B  C  Y N 156 
HEC C4B  C  Y N 157 
HEC CMB  C  N N 158 
HEC CAB  C  N N 159 
HEC CBB  C  N N 160 
HEC NC   N  Y N 161 
HEC C1C  C  Y N 162 
HEC C2C  C  Y N 163 
HEC C3C  C  Y N 164 
HEC C4C  C  Y N 165 
HEC CMC  C  N N 166 
HEC CAC  C  N N 167 
HEC CBC  C  N N 168 
HEC ND   N  Y N 169 
HEC C1D  C  Y N 170 
HEC C2D  C  Y N 171 
HEC C3D  C  Y N 172 
HEC C4D  C  Y N 173 
HEC CMD  C  N N 174 
HEC CAD  C  N N 175 
HEC CBD  C  N N 176 
HEC CGD  C  N N 177 
HEC O1D  O  N N 178 
HEC O2D  O  N N 179 
HEC HHA  H  N N 180 
HEC HHB  H  N N 181 
HEC HHC  H  N N 182 
HEC HHD  H  N N 183 
HEC HMA1 H  N N 184 
HEC HMA2 H  N N 185 
HEC HMA3 H  N N 186 
HEC HAA1 H  N N 187 
HEC HAA2 H  N N 188 
HEC HBA1 H  N N 189 
HEC HBA2 H  N N 190 
HEC H2A  H  N N 191 
HEC HMB1 H  N N 192 
HEC HMB2 H  N N 193 
HEC HMB3 H  N N 194 
HEC HAB  H  N N 195 
HEC HBB1 H  N N 196 
HEC HBB2 H  N N 197 
HEC HBB3 H  N N 198 
HEC HMC1 H  N N 199 
HEC HMC2 H  N N 200 
HEC HMC3 H  N N 201 
HEC HAC  H  N N 202 
HEC HBC1 H  N N 203 
HEC HBC2 H  N N 204 
HEC HBC3 H  N N 205 
HEC HMD1 H  N N 206 
HEC HMD2 H  N N 207 
HEC HMD3 H  N N 208 
HEC HAD1 H  N N 209 
HEC HAD2 H  N N 210 
HEC HBD1 H  N N 211 
HEC HBD2 H  N N 212 
HEC H2D  H  N N 213 
HIS N    N  N N 214 
HIS CA   C  N S 215 
HIS C    C  N N 216 
HIS O    O  N N 217 
HIS CB   C  N N 218 
HIS CG   C  Y N 219 
HIS ND1  N  Y N 220 
HIS CD2  C  Y N 221 
HIS CE1  C  Y N 222 
HIS NE2  N  Y N 223 
HIS OXT  O  N N 224 
HIS H    H  N N 225 
HIS H2   H  N N 226 
HIS HA   H  N N 227 
HIS HB2  H  N N 228 
HIS HB3  H  N N 229 
HIS HD1  H  N N 230 
HIS HD2  H  N N 231 
HIS HE1  H  N N 232 
HIS HE2  H  N N 233 
HIS HXT  H  N N 234 
HOH O    O  N N 235 
HOH H1   H  N N 236 
HOH H2   H  N N 237 
ILE N    N  N N 238 
ILE CA   C  N S 239 
ILE C    C  N N 240 
ILE O    O  N N 241 
ILE CB   C  N S 242 
ILE CG1  C  N N 243 
ILE CG2  C  N N 244 
ILE CD1  C  N N 245 
ILE OXT  O  N N 246 
ILE H    H  N N 247 
ILE H2   H  N N 248 
ILE HA   H  N N 249 
ILE HB   H  N N 250 
ILE HG12 H  N N 251 
ILE HG13 H  N N 252 
ILE HG21 H  N N 253 
ILE HG22 H  N N 254 
ILE HG23 H  N N 255 
ILE HD11 H  N N 256 
ILE HD12 H  N N 257 
ILE HD13 H  N N 258 
ILE HXT  H  N N 259 
LEU N    N  N N 260 
LEU CA   C  N S 261 
LEU C    C  N N 262 
LEU O    O  N N 263 
LEU CB   C  N N 264 
LEU CG   C  N N 265 
LEU CD1  C  N N 266 
LEU CD2  C  N N 267 
LEU OXT  O  N N 268 
LEU H    H  N N 269 
LEU H2   H  N N 270 
LEU HA   H  N N 271 
LEU HB2  H  N N 272 
LEU HB3  H  N N 273 
LEU HG   H  N N 274 
LEU HD11 H  N N 275 
LEU HD12 H  N N 276 
LEU HD13 H  N N 277 
LEU HD21 H  N N 278 
LEU HD22 H  N N 279 
LEU HD23 H  N N 280 
LEU HXT  H  N N 281 
LYS N    N  N N 282 
LYS CA   C  N S 283 
LYS C    C  N N 284 
LYS O    O  N N 285 
LYS CB   C  N N 286 
LYS CG   C  N N 287 
LYS CD   C  N N 288 
LYS CE   C  N N 289 
LYS NZ   N  N N 290 
LYS OXT  O  N N 291 
LYS H    H  N N 292 
LYS H2   H  N N 293 
LYS HA   H  N N 294 
LYS HB2  H  N N 295 
LYS HB3  H  N N 296 
LYS HG2  H  N N 297 
LYS HG3  H  N N 298 
LYS HD2  H  N N 299 
LYS HD3  H  N N 300 
LYS HE2  H  N N 301 
LYS HE3  H  N N 302 
LYS HZ1  H  N N 303 
LYS HZ2  H  N N 304 
LYS HZ3  H  N N 305 
LYS HXT  H  N N 306 
MET N    N  N N 307 
MET CA   C  N S 308 
MET C    C  N N 309 
MET O    O  N N 310 
MET CB   C  N N 311 
MET CG   C  N N 312 
MET SD   S  N N 313 
MET CE   C  N N 314 
MET OXT  O  N N 315 
MET H    H  N N 316 
MET H2   H  N N 317 
MET HA   H  N N 318 
MET HB2  H  N N 319 
MET HB3  H  N N 320 
MET HG2  H  N N 321 
MET HG3  H  N N 322 
MET HE1  H  N N 323 
MET HE2  H  N N 324 
MET HE3  H  N N 325 
MET HXT  H  N N 326 
PHE N    N  N N 327 
PHE CA   C  N S 328 
PHE C    C  N N 329 
PHE O    O  N N 330 
PHE CB   C  N N 331 
PHE CG   C  Y N 332 
PHE CD1  C  Y N 333 
PHE CD2  C  Y N 334 
PHE CE1  C  Y N 335 
PHE CE2  C  Y N 336 
PHE CZ   C  Y N 337 
PHE OXT  O  N N 338 
PHE H    H  N N 339 
PHE H2   H  N N 340 
PHE HA   H  N N 341 
PHE HB2  H  N N 342 
PHE HB3  H  N N 343 
PHE HD1  H  N N 344 
PHE HD2  H  N N 345 
PHE HE1  H  N N 346 
PHE HE2  H  N N 347 
PHE HZ   H  N N 348 
PHE HXT  H  N N 349 
PRO N    N  N N 350 
PRO CA   C  N S 351 
PRO C    C  N N 352 
PRO O    O  N N 353 
PRO CB   C  N N 354 
PRO CG   C  N N 355 
PRO CD   C  N N 356 
PRO OXT  O  N N 357 
PRO H    H  N N 358 
PRO HA   H  N N 359 
PRO HB2  H  N N 360 
PRO HB3  H  N N 361 
PRO HG2  H  N N 362 
PRO HG3  H  N N 363 
PRO HD2  H  N N 364 
PRO HD3  H  N N 365 
PRO HXT  H  N N 366 
SER N    N  N N 367 
SER CA   C  N S 368 
SER C    C  N N 369 
SER O    O  N N 370 
SER CB   C  N N 371 
SER OG   O  N N 372 
SER OXT  O  N N 373 
SER H    H  N N 374 
SER H2   H  N N 375 
SER HA   H  N N 376 
SER HB2  H  N N 377 
SER HB3  H  N N 378 
SER HG   H  N N 379 
SER HXT  H  N N 380 
THR N    N  N N 381 
THR CA   C  N S 382 
THR C    C  N N 383 
THR O    O  N N 384 
THR CB   C  N R 385 
THR OG1  O  N N 386 
THR CG2  C  N N 387 
THR OXT  O  N N 388 
THR H    H  N N 389 
THR H2   H  N N 390 
THR HA   H  N N 391 
THR HB   H  N N 392 
THR HG1  H  N N 393 
THR HG21 H  N N 394 
THR HG22 H  N N 395 
THR HG23 H  N N 396 
THR HXT  H  N N 397 
TRP N    N  N N 398 
TRP CA   C  N S 399 
TRP C    C  N N 400 
TRP O    O  N N 401 
TRP CB   C  N N 402 
TRP CG   C  Y N 403 
TRP CD1  C  Y N 404 
TRP CD2  C  Y N 405 
TRP NE1  N  Y N 406 
TRP CE2  C  Y N 407 
TRP CE3  C  Y N 408 
TRP CZ2  C  Y N 409 
TRP CZ3  C  Y N 410 
TRP CH2  C  Y N 411 
TRP OXT  O  N N 412 
TRP H    H  N N 413 
TRP H2   H  N N 414 
TRP HA   H  N N 415 
TRP HB2  H  N N 416 
TRP HB3  H  N N 417 
TRP HD1  H  N N 418 
TRP HE1  H  N N 419 
TRP HE3  H  N N 420 
TRP HZ2  H  N N 421 
TRP HZ3  H  N N 422 
TRP HH2  H  N N 423 
TRP HXT  H  N N 424 
TYR N    N  N N 425 
TYR CA   C  N S 426 
TYR C    C  N N 427 
TYR O    O  N N 428 
TYR CB   C  N N 429 
TYR CG   C  Y N 430 
TYR CD1  C  Y N 431 
TYR CD2  C  Y N 432 
TYR CE1  C  Y N 433 
TYR CE2  C  Y N 434 
TYR CZ   C  Y N 435 
TYR OH   O  N N 436 
TYR OXT  O  N N 437 
TYR H    H  N N 438 
TYR H2   H  N N 439 
TYR HA   H  N N 440 
TYR HB2  H  N N 441 
TYR HB3  H  N N 442 
TYR HD1  H  N N 443 
TYR HD2  H  N N 444 
TYR HE1  H  N N 445 
TYR HE2  H  N N 446 
TYR HH   H  N N 447 
TYR HXT  H  N N 448 
VAL N    N  N N 449 
VAL CA   C  N S 450 
VAL C    C  N N 451 
VAL O    O  N N 452 
VAL CB   C  N N 453 
VAL CG1  C  N N 454 
VAL CG2  C  N N 455 
VAL OXT  O  N N 456 
VAL H    H  N N 457 
VAL H2   H  N N 458 
VAL HA   H  N N 459 
VAL HB   H  N N 460 
VAL HG11 H  N N 461 
VAL HG12 H  N N 462 
VAL HG13 H  N N 463 
VAL HG21 H  N N 464 
VAL HG22 H  N N 465 
VAL HG23 H  N N 466 
VAL HXT  H  N N 467 
# 
loop_
_chem_comp_bond.comp_id 
_chem_comp_bond.atom_id_1 
_chem_comp_bond.atom_id_2 
_chem_comp_bond.value_order 
_chem_comp_bond.pdbx_aromatic_flag 
_chem_comp_bond.pdbx_stereo_config 
_chem_comp_bond.pdbx_ordinal 
ALA N   CA   sing N N 1   
ALA N   H    sing N N 2   
ALA N   H2   sing N N 3   
ALA CA  C    sing N N 4   
ALA CA  CB   sing N N 5   
ALA CA  HA   sing N N 6   
ALA C   O    doub N N 7   
ALA C   OXT  sing N N 8   
ALA CB  HB1  sing N N 9   
ALA CB  HB2  sing N N 10  
ALA CB  HB3  sing N N 11  
ALA OXT HXT  sing N N 12  
ARG N   CA   sing N N 13  
ARG N   H    sing N N 14  
ARG N   H2   sing N N 15  
ARG CA  C    sing N N 16  
ARG CA  CB   sing N N 17  
ARG CA  HA   sing N N 18  
ARG C   O    doub N N 19  
ARG C   OXT  sing N N 20  
ARG CB  CG   sing N N 21  
ARG CB  HB2  sing N N 22  
ARG CB  HB3  sing N N 23  
ARG CG  CD   sing N N 24  
ARG CG  HG2  sing N N 25  
ARG CG  HG3  sing N N 26  
ARG CD  NE   sing N N 27  
ARG CD  HD2  sing N N 28  
ARG CD  HD3  sing N N 29  
ARG NE  CZ   sing N N 30  
ARG NE  HE   sing N N 31  
ARG CZ  NH1  sing N N 32  
ARG CZ  NH2  doub N N 33  
ARG NH1 HH11 sing N N 34  
ARG NH1 HH12 sing N N 35  
ARG NH2 HH21 sing N N 36  
ARG NH2 HH22 sing N N 37  
ARG OXT HXT  sing N N 38  
ASN N   CA   sing N N 39  
ASN N   H    sing N N 40  
ASN N   H2   sing N N 41  
ASN CA  C    sing N N 42  
ASN CA  CB   sing N N 43  
ASN CA  HA   sing N N 44  
ASN C   O    doub N N 45  
ASN C   OXT  sing N N 46  
ASN CB  CG   sing N N 47  
ASN CB  HB2  sing N N 48  
ASN CB  HB3  sing N N 49  
ASN CG  OD1  doub N N 50  
ASN CG  ND2  sing N N 51  
ASN ND2 HD21 sing N N 52  
ASN ND2 HD22 sing N N 53  
ASN OXT HXT  sing N N 54  
ASP N   CA   sing N N 55  
ASP N   H    sing N N 56  
ASP N   H2   sing N N 57  
ASP CA  C    sing N N 58  
ASP CA  CB   sing N N 59  
ASP CA  HA   sing N N 60  
ASP C   O    doub N N 61  
ASP C   OXT  sing N N 62  
ASP CB  CG   sing N N 63  
ASP CB  HB2  sing N N 64  
ASP CB  HB3  sing N N 65  
ASP CG  OD1  doub N N 66  
ASP CG  OD2  sing N N 67  
ASP OD2 HD2  sing N N 68  
ASP OXT HXT  sing N N 69  
CYS N   CA   sing N N 70  
CYS N   H    sing N N 71  
CYS N   H2   sing N N 72  
CYS CA  C    sing N N 73  
CYS CA  CB   sing N N 74  
CYS CA  HA   sing N N 75  
CYS C   O    doub N N 76  
CYS C   OXT  sing N N 77  
CYS CB  SG   sing N N 78  
CYS CB  HB2  sing N N 79  
CYS CB  HB3  sing N N 80  
CYS SG  HG   sing N N 81  
CYS OXT HXT  sing N N 82  
GLN N   CA   sing N N 83  
GLN N   H    sing N N 84  
GLN N   H2   sing N N 85  
GLN CA  C    sing N N 86  
GLN CA  CB   sing N N 87  
GLN CA  HA   sing N N 88  
GLN C   O    doub N N 89  
GLN C   OXT  sing N N 90  
GLN CB  CG   sing N N 91  
GLN CB  HB2  sing N N 92  
GLN CB  HB3  sing N N 93  
GLN CG  CD   sing N N 94  
GLN CG  HG2  sing N N 95  
GLN CG  HG3  sing N N 96  
GLN CD  OE1  doub N N 97  
GLN CD  NE2  sing N N 98  
GLN NE2 HE21 sing N N 99  
GLN NE2 HE22 sing N N 100 
GLN OXT HXT  sing N N 101 
GLU N   CA   sing N N 102 
GLU N   H    sing N N 103 
GLU N   H2   sing N N 104 
GLU CA  C    sing N N 105 
GLU CA  CB   sing N N 106 
GLU CA  HA   sing N N 107 
GLU C   O    doub N N 108 
GLU C   OXT  sing N N 109 
GLU CB  CG   sing N N 110 
GLU CB  HB2  sing N N 111 
GLU CB  HB3  sing N N 112 
GLU CG  CD   sing N N 113 
GLU CG  HG2  sing N N 114 
GLU CG  HG3  sing N N 115 
GLU CD  OE1  doub N N 116 
GLU CD  OE2  sing N N 117 
GLU OE2 HE2  sing N N 118 
GLU OXT HXT  sing N N 119 
GLY N   CA   sing N N 120 
GLY N   H    sing N N 121 
GLY N   H2   sing N N 122 
GLY CA  C    sing N N 123 
GLY CA  HA2  sing N N 124 
GLY CA  HA3  sing N N 125 
GLY C   O    doub N N 126 
GLY C   OXT  sing N N 127 
GLY OXT HXT  sing N N 128 
HEC FE  NA   sing N N 129 
HEC FE  NB   sing N N 130 
HEC FE  NC   sing N N 131 
HEC FE  ND   sing N N 132 
HEC CHA C1A  doub N N 133 
HEC CHA C4D  sing N N 134 
HEC CHA HHA  sing N N 135 
HEC CHB C4A  doub N N 136 
HEC CHB C1B  sing N N 137 
HEC CHB HHB  sing N N 138 
HEC CHC C4B  doub N N 139 
HEC CHC C1C  sing N N 140 
HEC CHC HHC  sing N N 141 
HEC CHD C4C  doub N N 142 
HEC CHD C1D  sing N N 143 
HEC CHD HHD  sing N N 144 
HEC NA  C1A  sing Y N 145 
HEC NA  C4A  sing Y N 146 
HEC C1A C2A  sing Y N 147 
HEC C2A C3A  doub Y N 148 
HEC C2A CAA  sing N N 149 
HEC C3A C4A  sing Y N 150 
HEC C3A CMA  sing N N 151 
HEC CMA HMA1 sing N N 152 
HEC CMA HMA2 sing N N 153 
HEC CMA HMA3 sing N N 154 
HEC CAA CBA  sing N N 155 
HEC CAA HAA1 sing N N 156 
HEC CAA HAA2 sing N N 157 
HEC CBA CGA  sing N N 158 
HEC CBA HBA1 sing N N 159 
HEC CBA HBA2 sing N N 160 
HEC CGA O1A  doub N N 161 
HEC CGA O2A  sing N N 162 
HEC O2A H2A  sing N N 163 
HEC NB  C1B  sing Y N 164 
HEC NB  C4B  sing Y N 165 
HEC C1B C2B  doub Y N 166 
HEC C2B C3B  sing Y N 167 
HEC C2B CMB  sing N N 168 
HEC C3B C4B  sing Y N 169 
HEC C3B CAB  doub N E 170 
HEC CMB HMB1 sing N N 171 
HEC CMB HMB2 sing N N 172 
HEC CMB HMB3 sing N N 173 
HEC CAB CBB  sing N N 174 
HEC CAB HAB  sing N N 175 
HEC CBB HBB1 sing N N 176 
HEC CBB HBB2 sing N N 177 
HEC CBB HBB3 sing N N 178 
HEC NC  C1C  sing Y N 179 
HEC NC  C4C  sing Y N 180 
HEC C1C C2C  doub Y N 181 
HEC C2C C3C  sing Y N 182 
HEC C2C CMC  sing N N 183 
HEC C3C C4C  sing Y N 184 
HEC C3C CAC  doub N E 185 
HEC CMC HMC1 sing N N 186 
HEC CMC HMC2 sing N N 187 
HEC CMC HMC3 sing N N 188 
HEC CAC CBC  sing N N 189 
HEC CAC HAC  sing N N 190 
HEC CBC HBC1 sing N N 191 
HEC CBC HBC2 sing N N 192 
HEC CBC HBC3 sing N N 193 
HEC ND  C1D  sing Y N 194 
HEC ND  C4D  sing Y N 195 
HEC C1D C2D  doub Y N 196 
HEC C2D C3D  sing Y N 197 
HEC C2D CMD  sing N N 198 
HEC C3D C4D  doub Y N 199 
HEC C3D CAD  sing N N 200 
HEC CMD HMD1 sing N N 201 
HEC CMD HMD2 sing N N 202 
HEC CMD HMD3 sing N N 203 
HEC CAD CBD  sing N N 204 
HEC CAD HAD1 sing N N 205 
HEC CAD HAD2 sing N N 206 
HEC CBD CGD  sing N N 207 
HEC CBD HBD1 sing N N 208 
HEC CBD HBD2 sing N N 209 
HEC CGD O1D  doub N N 210 
HEC CGD O2D  sing N N 211 
HEC O2D H2D  sing N N 212 
HIS N   CA   sing N N 213 
HIS N   H    sing N N 214 
HIS N   H2   sing N N 215 
HIS CA  C    sing N N 216 
HIS CA  CB   sing N N 217 
HIS CA  HA   sing N N 218 
HIS C   O    doub N N 219 
HIS C   OXT  sing N N 220 
HIS CB  CG   sing N N 221 
HIS CB  HB2  sing N N 222 
HIS CB  HB3  sing N N 223 
HIS CG  ND1  sing Y N 224 
HIS CG  CD2  doub Y N 225 
HIS ND1 CE1  doub Y N 226 
HIS ND1 HD1  sing N N 227 
HIS CD2 NE2  sing Y N 228 
HIS CD2 HD2  sing N N 229 
HIS CE1 NE2  sing Y N 230 
HIS CE1 HE1  sing N N 231 
HIS NE2 HE2  sing N N 232 
HIS OXT HXT  sing N N 233 
HOH O   H1   sing N N 234 
HOH O   H2   sing N N 235 
ILE N   CA   sing N N 236 
ILE N   H    sing N N 237 
ILE N   H2   sing N N 238 
ILE CA  C    sing N N 239 
ILE CA  CB   sing N N 240 
ILE CA  HA   sing N N 241 
ILE C   O    doub N N 242 
ILE C   OXT  sing N N 243 
ILE CB  CG1  sing N N 244 
ILE CB  CG2  sing N N 245 
ILE CB  HB   sing N N 246 
ILE CG1 CD1  sing N N 247 
ILE CG1 HG12 sing N N 248 
ILE CG1 HG13 sing N N 249 
ILE CG2 HG21 sing N N 250 
ILE CG2 HG22 sing N N 251 
ILE CG2 HG23 sing N N 252 
ILE CD1 HD11 sing N N 253 
ILE CD1 HD12 sing N N 254 
ILE CD1 HD13 sing N N 255 
ILE OXT HXT  sing N N 256 
LEU N   CA   sing N N 257 
LEU N   H    sing N N 258 
LEU N   H2   sing N N 259 
LEU CA  C    sing N N 260 
LEU CA  CB   sing N N 261 
LEU CA  HA   sing N N 262 
LEU C   O    doub N N 263 
LEU C   OXT  sing N N 264 
LEU CB  CG   sing N N 265 
LEU CB  HB2  sing N N 266 
LEU CB  HB3  sing N N 267 
LEU CG  CD1  sing N N 268 
LEU CG  CD2  sing N N 269 
LEU CG  HG   sing N N 270 
LEU CD1 HD11 sing N N 271 
LEU CD1 HD12 sing N N 272 
LEU CD1 HD13 sing N N 273 
LEU CD2 HD21 sing N N 274 
LEU CD2 HD22 sing N N 275 
LEU CD2 HD23 sing N N 276 
LEU OXT HXT  sing N N 277 
LYS N   CA   sing N N 278 
LYS N   H    sing N N 279 
LYS N   H2   sing N N 280 
LYS CA  C    sing N N 281 
LYS CA  CB   sing N N 282 
LYS CA  HA   sing N N 283 
LYS C   O    doub N N 284 
LYS C   OXT  sing N N 285 
LYS CB  CG   sing N N 286 
LYS CB  HB2  sing N N 287 
LYS CB  HB3  sing N N 288 
LYS CG  CD   sing N N 289 
LYS CG  HG2  sing N N 290 
LYS CG  HG3  sing N N 291 
LYS CD  CE   sing N N 292 
LYS CD  HD2  sing N N 293 
LYS CD  HD3  sing N N 294 
LYS CE  NZ   sing N N 295 
LYS CE  HE2  sing N N 296 
LYS CE  HE3  sing N N 297 
LYS NZ  HZ1  sing N N 298 
LYS NZ  HZ2  sing N N 299 
LYS NZ  HZ3  sing N N 300 
LYS OXT HXT  sing N N 301 
MET N   CA   sing N N 302 
MET N   H    sing N N 303 
MET N   H2   sing N N 304 
MET CA  C    sing N N 305 
MET CA  CB   sing N N 306 
MET CA  HA   sing N N 307 
MET C   O    doub N N 308 
MET C   OXT  sing N N 309 
MET CB  CG   sing N N 310 
MET CB  HB2  sing N N 311 
MET CB  HB3  sing N N 312 
MET CG  SD   sing N N 313 
MET CG  HG2  sing N N 314 
MET CG  HG3  sing N N 315 
MET SD  CE   sing N N 316 
MET CE  HE1  sing N N 317 
MET CE  HE2  sing N N 318 
MET CE  HE3  sing N N 319 
MET OXT HXT  sing N N 320 
PHE N   CA   sing N N 321 
PHE N   H    sing N N 322 
PHE N   H2   sing N N 323 
PHE CA  C    sing N N 324 
PHE CA  CB   sing N N 325 
PHE CA  HA   sing N N 326 
PHE C   O    doub N N 327 
PHE C   OXT  sing N N 328 
PHE CB  CG   sing N N 329 
PHE CB  HB2  sing N N 330 
PHE CB  HB3  sing N N 331 
PHE CG  CD1  doub Y N 332 
PHE CG  CD2  sing Y N 333 
PHE CD1 CE1  sing Y N 334 
PHE CD1 HD1  sing N N 335 
PHE CD2 CE2  doub Y N 336 
PHE CD2 HD2  sing N N 337 
PHE CE1 CZ   doub Y N 338 
PHE CE1 HE1  sing N N 339 
PHE CE2 CZ   sing Y N 340 
PHE CE2 HE2  sing N N 341 
PHE CZ  HZ   sing N N 342 
PHE OXT HXT  sing N N 343 
PRO N   CA   sing N N 344 
PRO N   CD   sing N N 345 
PRO N   H    sing N N 346 
PRO CA  C    sing N N 347 
PRO CA  CB   sing N N 348 
PRO CA  HA   sing N N 349 
PRO C   O    doub N N 350 
PRO C   OXT  sing N N 351 
PRO CB  CG   sing N N 352 
PRO CB  HB2  sing N N 353 
PRO CB  HB3  sing N N 354 
PRO CG  CD   sing N N 355 
PRO CG  HG2  sing N N 356 
PRO CG  HG3  sing N N 357 
PRO CD  HD2  sing N N 358 
PRO CD  HD3  sing N N 359 
PRO OXT HXT  sing N N 360 
SER N   CA   sing N N 361 
SER N   H    sing N N 362 
SER N   H2   sing N N 363 
SER CA  C    sing N N 364 
SER CA  CB   sing N N 365 
SER CA  HA   sing N N 366 
SER C   O    doub N N 367 
SER C   OXT  sing N N 368 
SER CB  OG   sing N N 369 
SER CB  HB2  sing N N 370 
SER CB  HB3  sing N N 371 
SER OG  HG   sing N N 372 
SER OXT HXT  sing N N 373 
THR N   CA   sing N N 374 
THR N   H    sing N N 375 
THR N   H2   sing N N 376 
THR CA  C    sing N N 377 
THR CA  CB   sing N N 378 
THR CA  HA   sing N N 379 
THR C   O    doub N N 380 
THR C   OXT  sing N N 381 
THR CB  OG1  sing N N 382 
THR CB  CG2  sing N N 383 
THR CB  HB   sing N N 384 
THR OG1 HG1  sing N N 385 
THR CG2 HG21 sing N N 386 
THR CG2 HG22 sing N N 387 
THR CG2 HG23 sing N N 388 
THR OXT HXT  sing N N 389 
TRP N   CA   sing N N 390 
TRP N   H    sing N N 391 
TRP N   H2   sing N N 392 
TRP CA  C    sing N N 393 
TRP CA  CB   sing N N 394 
TRP CA  HA   sing N N 395 
TRP C   O    doub N N 396 
TRP C   OXT  sing N N 397 
TRP CB  CG   sing N N 398 
TRP CB  HB2  sing N N 399 
TRP CB  HB3  sing N N 400 
TRP CG  CD1  doub Y N 401 
TRP CG  CD2  sing Y N 402 
TRP CD1 NE1  sing Y N 403 
TRP CD1 HD1  sing N N 404 
TRP CD2 CE2  doub Y N 405 
TRP CD2 CE3  sing Y N 406 
TRP NE1 CE2  sing Y N 407 
TRP NE1 HE1  sing N N 408 
TRP CE2 CZ2  sing Y N 409 
TRP CE3 CZ3  doub Y N 410 
TRP CE3 HE3  sing N N 411 
TRP CZ2 CH2  doub Y N 412 
TRP CZ2 HZ2  sing N N 413 
TRP CZ3 CH2  sing Y N 414 
TRP CZ3 HZ3  sing N N 415 
TRP CH2 HH2  sing N N 416 
TRP OXT HXT  sing N N 417 
TYR N   CA   sing N N 418 
TYR N   H    sing N N 419 
TYR N   H2   sing N N 420 
TYR CA  C    sing N N 421 
TYR CA  CB   sing N N 422 
TYR CA  HA   sing N N 423 
TYR C   O    doub N N 424 
TYR C   OXT  sing N N 425 
TYR CB  CG   sing N N 426 
TYR CB  HB2  sing N N 427 
TYR CB  HB3  sing N N 428 
TYR CG  CD1  doub Y N 429 
TYR CG  CD2  sing Y N 430 
TYR CD1 CE1  sing Y N 431 
TYR CD1 HD1  sing N N 432 
TYR CD2 CE2  doub Y N 433 
TYR CD2 HD2  sing N N 434 
TYR CE1 CZ   doub Y N 435 
TYR CE1 HE1  sing N N 436 
TYR CE2 CZ   sing Y N 437 
TYR CE2 HE2  sing N N 438 
TYR CZ  OH   sing N N 439 
TYR OH  HH   sing N N 440 
TYR OXT HXT  sing N N 441 
VAL N   CA   sing N N 442 
VAL N   H    sing N N 443 
VAL N   H2   sing N N 444 
VAL CA  C    sing N N 445 
VAL CA  CB   sing N N 446 
VAL CA  HA   sing N N 447 
VAL C   O    doub N N 448 
VAL C   OXT  sing N N 449 
VAL CB  CG1  sing N N 450 
VAL CB  CG2  sing N N 451 
VAL CB  HB   sing N N 452 
VAL CG1 HG11 sing N N 453 
VAL CG1 HG12 sing N N 454 
VAL CG1 HG13 sing N N 455 
VAL CG2 HG21 sing N N 456 
VAL CG2 HG22 sing N N 457 
VAL CG2 HG23 sing N N 458 
VAL OXT HXT  sing N N 459 
# 
_atom_sites.entry_id                    1CXC 
_atom_sites.fract_transf_matrix[1][1]   -0.01029957 
_atom_sites.fract_transf_matrix[1][2]   0.00424086 
_atom_sites.fract_transf_matrix[1][3]   0.00484348 
_atom_sites.fract_transf_matrix[2][1]   -0.00643657 
_atom_sites.fract_transf_matrix[2][2]   -0.00695599 
_atom_sites.fract_transf_matrix[2][3]   -0.00759671 
_atom_sites.fract_transf_matrix[3][1]   0.00026577 
_atom_sites.fract_transf_matrix[3][2]   -0.01972083 
_atom_sites.fract_transf_matrix[3][3]   0.01783236 
_atom_sites.fract_transf_vector[1]      0.971288 
_atom_sites.fract_transf_vector[2]      0.266649 
_atom_sites.fract_transf_vector[3]      0.381252 
# 
loop_
_atom_type.symbol 
C  
FE 
N  
O  
S  
# 
loop_
_atom_site.group_PDB 
_atom_site.id 
_atom_site.type_symbol 
_atom_site.label_atom_id 
_atom_site.label_alt_id 
_atom_site.label_comp_id 
_atom_site.label_asym_id 
_atom_site.label_entity_id 
_atom_site.label_seq_id 
_atom_site.pdbx_PDB_ins_code 
_atom_site.Cartn_x 
_atom_site.Cartn_y 
_atom_site.Cartn_z 
_atom_site.occupancy 
_atom_site.B_iso_or_equiv 
_atom_site.pdbx_formal_charge 
_atom_site.auth_seq_id 
_atom_site.auth_comp_id 
_atom_site.auth_asym_id 
_atom_site.auth_atom_id 
_atom_site.pdbx_PDB_model_num 
ATOM   1   N  N   . GLN A 1 1   ? 12.495  5.988   3.819   1.00 19.04 ? 1   GLN A N   1 
ATOM   2   C  CA  . GLN A 1 1   ? 13.455  7.052   3.993   1.00 22.14 ? 1   GLN A CA  1 
ATOM   3   C  C   . GLN A 1 1   ? 13.986  7.388   5.348   1.00 20.94 ? 1   GLN A C   1 
ATOM   4   O  O   . GLN A 1 1   ? 15.193  7.296   5.449   1.00 23.24 ? 1   GLN A O   1 
ATOM   5   C  CB  . GLN A 1 1   ? 13.035  8.314   3.373   1.00 22.35 ? 1   GLN A CB  1 
ATOM   6   C  CG  . GLN A 1 1   ? 14.100  8.490   2.353   1.00 20.39 ? 1   GLN A CG  1 
ATOM   7   C  CD  . GLN A 1 1   ? 14.280  7.219   1.604   1.00 21.52 ? 1   GLN A CD  1 
ATOM   8   O  OE1 . GLN A 1 1   ? 13.761  6.142   1.964   1.00 27.78 ? 1   GLN A OE1 1 
ATOM   9   N  NE2 . GLN A 1 1   ? 15.001  7.295   0.522   1.00 21.87 ? 1   GLN A NE2 1 
ATOM   10  N  N   . GLU A 1 2   ? 13.378  8.277   6.119   1.00 18.91 ? 2   GLU A N   1 
ATOM   11  C  CA  . GLU A 1 2   ? 13.974  8.479   7.429   1.00 19.83 ? 2   GLU A CA  1 
ATOM   12  C  C   . GLU A 1 2   ? 13.467  7.468   8.445   1.00 18.23 ? 2   GLU A C   1 
ATOM   13  O  O   . GLU A 1 2   ? 14.027  7.330   9.536   1.00 19.33 ? 2   GLU A O   1 
ATOM   14  C  CB  . GLU A 1 2   ? 13.717  9.883   7.914   1.00 25.35 ? 2   GLU A CB  1 
ATOM   15  C  CG  . GLU A 1 2   ? 14.419  10.856  6.989   1.00 36.42 ? 2   GLU A CG  1 
ATOM   16  C  CD  . GLU A 1 2   ? 15.210  11.915  7.716   1.00 38.66 ? 2   GLU A CD  1 
ATOM   17  O  OE1 . GLU A 1 2   ? 14.571  12.819  8.248   1.00 46.84 ? 2   GLU A OE1 1 
ATOM   18  O  OE2 . GLU A 1 2   ? 16.398  12.022  7.439   1.00 42.08 ? 2   GLU A OE2 1 
ATOM   19  N  N   . GLY A 1 3   ? 12.595  6.580   7.992   1.00 16.06 ? 3   GLY A N   1 
ATOM   20  C  CA  . GLY A 1 3   ? 12.037  5.560   8.858   1.00 15.82 ? 3   GLY A CA  1 
ATOM   21  C  C   . GLY A 1 3   ? 13.017  4.427   9.083   1.00 15.07 ? 3   GLY A C   1 
ATOM   22  O  O   . GLY A 1 3   ? 14.070  4.344   8.455   1.00 15.65 ? 3   GLY A O   1 
ATOM   23  N  N   . ASP A 1 4   ? 12.700  3.553   10.029  1.00 14.63 ? 4   ASP A N   1 
ATOM   24  C  CA  . ASP A 1 4   ? 13.580  2.431   10.332  1.00 16.55 ? 4   ASP A CA  1 
ATOM   25  C  C   . ASP A 1 4   ? 13.043  1.160   9.707   1.00 14.81 ? 4   ASP A C   1 
ATOM   26  O  O   . ASP A 1 4   ? 11.937  0.743   10.027  1.00 14.62 ? 4   ASP A O   1 
ATOM   27  C  CB  . ASP A 1 4   ? 13.627  2.271   11.855  1.00 19.46 ? 4   ASP A CB  1 
ATOM   28  C  CG  . ASP A 1 4   ? 14.117  0.938   12.404  1.00 20.96 ? 4   ASP A CG  1 
ATOM   29  O  OD1 . ASP A 1 4   ? 14.809  0.226   11.695  1.00 20.02 ? 4   ASP A OD1 1 
ATOM   30  O  OD2 . ASP A 1 4   ? 14.198  0.878   13.619  1.00 21.99 ? 4   ASP A OD2 1 
ATOM   31  N  N   . PRO A 1 5   ? 13.693  0.650   8.669   1.00 14.59 ? 5   PRO A N   1 
ATOM   32  C  CA  . PRO A 1 5   ? 13.220  -0.518  7.955   1.00 14.46 ? 5   PRO A CA  1 
ATOM   33  C  C   . PRO A 1 5   ? 13.022  -1.763  8.822   1.00 15.68 ? 5   PRO A C   1 
ATOM   34  O  O   . PRO A 1 5   ? 12.296  -2.662  8.391   1.00 14.12 ? 5   PRO A O   1 
ATOM   35  C  CB  . PRO A 1 5   ? 14.261  -0.742  6.874   1.00 12.41 ? 5   PRO A CB  1 
ATOM   36  C  CG  . PRO A 1 5   ? 15.475  0.075   7.216   1.00 14.45 ? 5   PRO A CG  1 
ATOM   37  C  CD  . PRO A 1 5   ? 15.091  0.961   8.386   1.00 15.20 ? 5   PRO A CD  1 
ATOM   38  N  N   . GLU A 1 6   ? 13.935  -2.034  9.776   1.00 16.26 ? 6   GLU A N   1 
ATOM   39  C  CA  . GLU A 1 6   ? 13.784  -3.230  10.602  1.00 19.21 ? 6   GLU A CA  1 
ATOM   40  C  C   . GLU A 1 6   ? 12.538  -3.117  11.457  1.00 17.30 ? 6   GLU A C   1 
ATOM   41  O  O   . GLU A 1 6   ? 11.837  -4.104  11.697  1.00 15.53 ? 6   GLU A O   1 
ATOM   42  C  CB  . GLU A 1 6   ? 15.011  -3.437  11.484  1.00 22.78 ? 6   GLU A CB  1 
ATOM   43  C  CG  . GLU A 1 6   ? 16.309  -3.366  10.702  1.00 30.55 ? 6   GLU A CG  1 
ATOM   44  C  CD  . GLU A 1 6   ? 17.531  -3.639  11.562  1.00 35.81 ? 6   GLU A CD  1 
ATOM   45  O  OE1 . GLU A 1 6   ? 17.901  -2.756  12.342  1.00 38.13 ? 6   GLU A OE1 1 
ATOM   46  O  OE2 . GLU A 1 6   ? 17.885  -4.813  11.680  1.00 36.99 ? 6   GLU A OE2 1 
ATOM   47  N  N   . ALA A 1 7   ? 12.313  -1.944  12.058  1.00 15.41 ? 7   ALA A N   1 
ATOM   48  C  CA  . ALA A 1 7   ? 11.106  -1.764  12.820  1.00 14.40 ? 7   ALA A CA  1 
ATOM   49  C  C   . ALA A 1 7   ? 9.947   -1.872  11.841  1.00 14.71 ? 7   ALA A C   1 
ATOM   50  O  O   . ALA A 1 7   ? 8.842   -2.297  12.173  1.00 18.09 ? 7   ALA A O   1 
ATOM   51  C  CB  . ALA A 1 7   ? 11.078  -0.382  13.442  1.00 13.30 ? 7   ALA A CB  1 
ATOM   52  N  N   . GLY A 1 8   ? 10.128  -1.384  10.614  1.00 14.04 ? 8   GLY A N   1 
ATOM   53  C  CA  . GLY A 1 8   ? 9.063   -1.503  9.623   1.00 12.43 ? 8   GLY A CA  1 
ATOM   54  C  C   . GLY A 1 8   ? 8.715   -2.957  9.341   1.00 13.55 ? 8   GLY A C   1 
ATOM   55  O  O   . GLY A 1 8   ? 7.579   -3.243  8.975   1.00 13.13 ? 8   GLY A O   1 
ATOM   56  N  N   . ALA A 1 9   ? 9.725   -3.806  9.115   1.00 13.32 ? 9   ALA A N   1 
ATOM   57  C  CA  . ALA A 1 9   ? 9.466   -5.216  8.851   1.00 13.47 ? 9   ALA A CA  1 
ATOM   58  C  C   . ALA A 1 9   ? 8.553   -5.803  9.914   1.00 14.06 ? 9   ALA A C   1 
ATOM   59  O  O   . ALA A 1 9   ? 7.796   -6.716  9.612   1.00 14.27 ? 9   ALA A O   1 
ATOM   60  C  CB  . ALA A 1 9   ? 10.771  -5.996  8.879   1.00 11.44 ? 9   ALA A CB  1 
ATOM   61  N  N   . LYS A 1 10  ? 8.806   -5.490  11.202  1.00 15.99 ? 10  LYS A N   1 
ATOM   62  C  CA  . LYS A 1 10  ? 7.959   -5.993  12.272  1.00 15.74 ? 10  LYS A CA  1 
ATOM   63  C  C   . LYS A 1 10  ? 6.572   -5.414  12.185  1.00 14.92 ? 10  LYS A C   1 
ATOM   64  O  O   . LYS A 1 10  ? 5.567   -6.063  12.459  1.00 15.82 ? 10  LYS A O   1 
ATOM   65  C  CB  . LYS A 1 10  ? 8.525   -5.604  13.619  1.00 17.47 ? 10  LYS A CB  1 
ATOM   66  C  CG  . LYS A 1 10  ? 7.737   -6.218  14.770  1.00 22.28 ? 10  LYS A CG  1 
ATOM   67  C  CD  . LYS A 1 10  ? 8.342   -5.764  16.096  1.00 28.27 ? 10  LYS A CD  1 
ATOM   68  C  CE  . LYS A 1 10  ? 7.891   -6.663  17.240  1.00 27.98 ? 10  LYS A CE  1 
ATOM   69  N  N   . ALA A 1 11  ? 6.479   -4.113  11.955  1.00 14.06 ? 11  ALA A N   1 
ATOM   70  C  CA  . ALA A 1 11  ? 5.173   -3.487  11.869  1.00 14.54 ? 11  ALA A CA  1 
ATOM   71  C  C   . ALA A 1 11  ? 4.349   -3.976  10.680  1.00 14.49 ? 11  ALA A C   1 
ATOM   72  O  O   . ALA A 1 11  ? 3.119   -4.036  10.752  1.00 15.61 ? 11  ALA A O   1 
ATOM   73  C  CB  . ALA A 1 11  ? 5.384   -1.981  11.747  1.00 14.35 ? 11  ALA A CB  1 
ATOM   74  N  N   . PHE A 1 12  ? 5.019   -4.557  9.683   1.00 13.23 ? 12  PHE A N   1 
ATOM   75  C  CA  . PHE A 1 12  ? 4.352   -5.071  8.491   1.00 13.64 ? 12  PHE A CA  1 
ATOM   76  C  C   . PHE A 1 12  ? 3.575   -6.366  8.757   1.00 14.67 ? 12  PHE A C   1 
ATOM   77  O  O   . PHE A 1 12  ? 2.713   -6.793  7.983   1.00 11.61 ? 12  PHE A O   1 
ATOM   78  C  CB  . PHE A 1 12  ? 5.384   -5.288  7.383   1.00 13.67 ? 12  PHE A CB  1 
ATOM   79  C  CG  . PHE A 1 12  ? 4.770   -5.594  6.027   1.00 13.39 ? 12  PHE A CG  1 
ATOM   80  C  CD1 . PHE A 1 12  ? 4.088   -4.600  5.346   1.00 13.19 ? 12  PHE A CD1 1 
ATOM   81  C  CD2 . PHE A 1 12  ? 4.789   -6.881  5.541   1.00 13.62 ? 12  PHE A CD2 1 
ATOM   82  C  CE1 . PHE A 1 12  ? 3.404   -4.909  4.187   1.00 14.27 ? 12  PHE A CE1 1 
ATOM   83  C  CE2 . PHE A 1 12  ? 4.099   -7.193  4.388   1.00 16.54 ? 12  PHE A CE2 1 
ATOM   84  C  CZ  . PHE A 1 12  ? 3.403   -6.209  3.710   1.00 16.56 ? 12  PHE A CZ  1 
ATOM   85  N  N   . ASN A 1 13  ? 3.791   -7.005  9.907   1.00 18.21 ? 13  ASN A N   1 
ATOM   86  C  CA  . ASN A 1 13  ? 3.036   -8.213  10.179  1.00 19.50 ? 13  ASN A CA  1 
ATOM   87  C  C   . ASN A 1 13  ? 1.571   -7.894  10.178  1.00 17.64 ? 13  ASN A C   1 
ATOM   88  O  O   . ASN A 1 13  ? 0.774   -8.749  9.861   1.00 18.35 ? 13  ASN A O   1 
ATOM   89  C  CB  . ASN A 1 13  ? 3.340   -8.787  11.550  1.00 23.21 ? 13  ASN A CB  1 
ATOM   90  C  CG  . ASN A 1 13  ? 4.786   -9.191  11.764  1.00 27.01 ? 13  ASN A CG  1 
ATOM   91  O  OD1 . ASN A 1 13  ? 5.322   -8.996  12.857  1.00 30.55 ? 13  ASN A OD1 1 
ATOM   92  N  ND2 . ASN A 1 13  ? 5.454   -9.764  10.759  1.00 29.14 ? 13  ASN A ND2 1 
ATOM   93  N  N   . GLN A 1 14  ? 1.166   -6.718  10.658  1.00 17.89 ? 14  GLN A N   1 
ATOM   94  C  CA  . GLN A 1 14  ? -0.255  -6.392  10.679  1.00 19.86 ? 14  GLN A CA  1 
ATOM   95  C  C   . GLN A 1 14  ? -0.885  -6.444  9.298   1.00 19.50 ? 14  GLN A C   1 
ATOM   96  O  O   . GLN A 1 14  ? -2.101  -6.568  9.158   1.00 21.85 ? 14  GLN A O   1 
ATOM   97  C  CB  . GLN A 1 14  ? -0.521  -4.995  11.208  1.00 24.05 ? 14  GLN A CB  1 
ATOM   98  C  CG  . GLN A 1 14  ? 0.655   -4.281  11.848  1.00 33.25 ? 14  GLN A CG  1 
ATOM   99  C  CD  . GLN A 1 14  ? 0.206   -3.095  12.692  1.00 36.29 ? 14  GLN A CD  1 
ATOM   100 O  OE1 . GLN A 1 14  ? -0.966  -2.972  13.055  1.00 37.56 ? 14  GLN A OE1 1 
ATOM   101 N  NE2 . GLN A 1 14  ? 1.120   -2.190  13.030  1.00 37.45 ? 14  GLN A NE2 1 
ATOM   102 N  N   . CYS A 1 15  ? -0.122  -6.040  8.298   1.00 15.13 ? 15  CYS A N   1 
ATOM   103 C  CA  . CYS A 1 15  ? -0.596  -6.020  6.928   1.00 14.22 ? 15  CYS A CA  1 
ATOM   104 C  C   . CYS A 1 15  ? -0.701  -7.399  6.297   1.00 13.72 ? 15  CYS A C   1 
ATOM   105 O  O   . CYS A 1 15  ? -1.455  -7.573  5.349   1.00 11.68 ? 15  CYS A O   1 
ATOM   106 C  CB  . CYS A 1 15  ? 0.380   -5.212  6.070   1.00 11.06 ? 15  CYS A CB  1 
ATOM   107 S  SG  . CYS A 1 15  ? 0.973   -3.673  6.800   1.00 12.20 ? 15  CYS A SG  1 
ATOM   108 N  N   . GLN A 1 16  ? -0.035  -8.417  6.870   1.00 13.37 ? 16  GLN A N   1 
ATOM   109 C  CA  . GLN A 1 16  ? -0.039  -9.733  6.270   1.00 15.02 ? 16  GLN A CA  1 
ATOM   110 C  C   . GLN A 1 16  ? -1.373  -10.460 6.335   1.00 14.76 ? 16  GLN A C   1 
ATOM   111 O  O   . GLN A 1 16  ? -1.540  -11.530 5.760   1.00 16.25 ? 16  GLN A O   1 
ATOM   112 C  CB  . GLN A 1 16  ? 1.090   -10.553 6.880   1.00 18.14 ? 16  GLN A CB  1 
ATOM   113 C  CG  . GLN A 1 16  ? 2.433   -10.048 6.395   1.00 21.76 ? 16  GLN A CG  1 
ATOM   114 C  CD  . GLN A 1 16  ? 3.611   -10.851 6.925   1.00 27.73 ? 16  GLN A CD  1 
ATOM   115 O  OE1 . GLN A 1 16  ? 4.647   -10.307 7.311   1.00 29.61 ? 16  GLN A OE1 1 
ATOM   116 N  NE2 . GLN A 1 16  ? 3.505   -12.171 6.950   1.00 26.30 ? 16  GLN A NE2 1 
ATOM   117 N  N   . THR A 1 17  ? -2.330  -9.915  7.075   1.00 15.54 ? 17  THR A N   1 
ATOM   118 C  CA  . THR A 1 17  ? -3.646  -10.494 7.128   1.00 15.98 ? 17  THR A CA  1 
ATOM   119 C  C   . THR A 1 17  ? -4.284  -10.386 5.758   1.00 15.59 ? 17  THR A C   1 
ATOM   120 O  O   . THR A 1 17  ? -5.155  -11.175 5.374   1.00 13.82 ? 17  THR A O   1 
ATOM   121 C  CB  . THR A 1 17  ? -4.500  -9.671  8.070   1.00 17.17 ? 17  THR A CB  1 
ATOM   122 O  OG1 . THR A 1 17  ? -3.845  -9.742  9.312   1.00 22.20 ? 17  THR A OG1 1 
ATOM   123 C  CG2 . THR A 1 17  ? -5.897  -10.223 8.184   1.00 20.61 ? 17  THR A CG2 1 
ATOM   124 N  N   . CYS A 1 18  ? -3.791  -9.447  4.927   1.00 13.09 ? 18  CYS A N   1 
ATOM   125 C  CA  . CYS A 1 18  ? -4.409  -9.222  3.614   1.00 13.19 ? 18  CYS A CA  1 
ATOM   126 C  C   . CYS A 1 18  ? -3.422  -9.060  2.467   1.00 12.27 ? 18  CYS A C   1 
ATOM   127 O  O   . CYS A 1 18  ? -3.767  -9.263  1.316   1.00 13.14 ? 18  CYS A O   1 
ATOM   128 C  CB  . CYS A 1 18  ? -5.241  -7.930  3.662   1.00 10.36 ? 18  CYS A CB  1 
ATOM   129 S  SG  . CYS A 1 18  ? -6.610  -7.999  4.825   1.00 11.34 ? 18  CYS A SG  1 
ATOM   130 N  N   . HIS A 1 19  ? -2.192  -8.694  2.757   1.00 11.47 ? 19  HIS A N   1 
ATOM   131 C  CA  . HIS A 1 19  ? -1.208  -8.476  1.713   1.00 12.17 ? 19  HIS A CA  1 
ATOM   132 C  C   . HIS A 1 19  ? -0.055  -9.470  1.751   1.00 13.90 ? 19  HIS A C   1 
ATOM   133 O  O   . HIS A 1 19  ? 0.462   -9.798  2.816   1.00 12.81 ? 19  HIS A O   1 
ATOM   134 C  CB  . HIS A 1 19  ? -0.609  -7.077  1.855   1.00 10.45 ? 19  HIS A CB  1 
ATOM   135 C  CG  . HIS A 1 19  ? -1.601  -5.973  1.483   1.00 9.33  ? 19  HIS A CG  1 
ATOM   136 N  ND1 . HIS A 1 19  ? -1.838  -5.601  0.156   1.00 9.95  ? 19  HIS A ND1 1 
ATOM   137 C  CD2 . HIS A 1 19  ? -2.272  -5.132  2.348   1.00 10.44 ? 19  HIS A CD2 1 
ATOM   138 C  CE1 . HIS A 1 19  ? -2.660  -4.533  0.262   1.00 9.24  ? 19  HIS A CE1 1 
ATOM   139 N  NE2 . HIS A 1 19  ? -2.925  -4.225  1.494   1.00 13.01 ? 19  HIS A NE2 1 
ATOM   140 N  N   . VAL A 1 20  ? 0.700   -9.432  0.675   1.00 13.48 ? 20  VAL A N   1 
ATOM   141 C  CA  . VAL A 1 20  ? 1.855   -10.271 0.516   1.00 13.25 ? 20  VAL A CA  1 
ATOM   142 C  C   . VAL A 1 20  ? 2.887   -9.495  -0.315  1.00 14.07 ? 20  VAL A C   1 
ATOM   143 O  O   . VAL A 1 20  ? 2.559   -8.406  -0.769  1.00 12.78 ? 20  VAL A O   1 
ATOM   144 C  CB  . VAL A 1 20  ? 1.329   -11.469 -0.271  1.00 17.51 ? 20  VAL A CB  1 
ATOM   145 C  CG1 . VAL A 1 20  ? 2.035   -11.587 -1.597  1.00 17.73 ? 20  VAL A CG1 1 
ATOM   146 C  CG2 . VAL A 1 20  ? 1.347   -12.739 0.551   1.00 13.02 ? 20  VAL A CG2 1 
ATOM   147 N  N   . ILE A 1 21  ? 4.185   -9.726  -0.106  1.00 13.55 ? 21  ILE A N   1 
ATOM   148 C  CA  . ILE A 1 21  ? 5.223   -9.117  -0.940  1.00 13.07 ? 21  ILE A CA  1 
ATOM   149 C  C   . ILE A 1 21  ? 5.980   -10.265 -1.610  1.00 13.25 ? 21  ILE A C   1 
ATOM   150 O  O   . ILE A 1 21  ? 6.633   -11.050 -0.916  1.00 13.23 ? 21  ILE A O   1 
ATOM   151 C  CB  . ILE A 1 21  ? 6.229   -8.233  -0.145  1.00 12.19 ? 21  ILE A CB  1 
ATOM   152 C  CG1 . ILE A 1 21  ? 5.539   -7.100  0.600   1.00 12.05 ? 21  ILE A CG1 1 
ATOM   153 C  CG2 . ILE A 1 21  ? 7.297   -7.656  -1.081  1.00 9.63  ? 21  ILE A CG2 1 
ATOM   154 C  CD1 . ILE A 1 21  ? 6.500   -6.349  1.547   1.00 8.58  ? 21  ILE A CD1 1 
ATOM   155 N  N   . VAL A 1 22  ? 5.584   -10.608 -2.832  1.00 12.01 ? 22  VAL A N   1 
ATOM   156 C  CA  . VAL A 1 22  ? 6.210   -11.702 -3.569  1.00 15.06 ? 22  VAL A CA  1 
ATOM   157 C  C   . VAL A 1 22  ? 6.933   -11.108 -4.769  1.00 15.73 ? 22  VAL A C   1 
ATOM   158 O  O   . VAL A 1 22  ? 6.311   -10.453 -5.597  1.00 16.16 ? 22  VAL A O   1 
ATOM   159 C  CB  . VAL A 1 22  ? 5.112   -12.676 -4.039  1.00 13.70 ? 22  VAL A CB  1 
ATOM   160 C  CG1 . VAL A 1 22  ? 5.693   -13.713 -4.978  1.00 15.42 ? 22  VAL A CG1 1 
ATOM   161 C  CG2 . VAL A 1 22  ? 4.451   -13.343 -2.840  1.00 16.21 ? 22  VAL A CG2 1 
ATOM   162 N  N   . ASP A 1 23  ? 8.189   -11.456 -5.025  1.00 16.57 ? 23  ASP A N   1 
ATOM   163 C  CA  . ASP A 1 23  ? 8.854   -10.821 -6.148  1.00 16.82 ? 23  ASP A CA  1 
ATOM   164 C  C   . ASP A 1 23  ? 8.602   -11.460 -7.498  1.00 18.31 ? 23  ASP A C   1 
ATOM   165 O  O   . ASP A 1 23  ? 7.728   -12.304 -7.667  1.00 17.03 ? 23  ASP A O   1 
ATOM   166 C  CB  . ASP A 1 23  ? 10.332  -10.705 -5.873  1.00 17.79 ? 23  ASP A CB  1 
ATOM   167 C  CG  . ASP A 1 23  ? 11.071  -12.031 -5.925  1.00 21.27 ? 23  ASP A CG  1 
ATOM   168 O  OD1 . ASP A 1 23  ? 10.593  -12.978 -6.552  1.00 18.58 ? 23  ASP A OD1 1 
ATOM   169 O  OD2 . ASP A 1 23  ? 12.172  -12.078 -5.382  1.00 23.41 ? 23  ASP A OD2 1 
ATOM   170 N  N   . ASP A 1 24  ? 9.197   -10.889 -8.540  1.00 19.02 ? 24  ASP A N   1 
ATOM   171 C  CA  . ASP A 1 24  ? 8.947   -11.388 -9.869  1.00 21.59 ? 24  ASP A CA  1 
ATOM   172 C  C   . ASP A 1 24  ? 9.477   -12.771 -10.171 1.00 24.47 ? 24  ASP A C   1 
ATOM   173 O  O   . ASP A 1 24  ? 9.050   -13.369 -11.155 1.00 26.44 ? 24  ASP A O   1 
ATOM   174 C  CB  . ASP A 1 24  ? 9.477   -10.390 -10.868 1.00 22.45 ? 24  ASP A CB  1 
ATOM   175 C  CG  . ASP A 1 24  ? 8.699   -9.083  -10.809 1.00 24.18 ? 24  ASP A CG  1 
ATOM   176 O  OD1 . ASP A 1 24  ? 7.540   -9.117  -10.400 1.00 23.88 ? 24  ASP A OD1 1 
ATOM   177 O  OD2 . ASP A 1 24  ? 9.248   -8.036  -11.166 1.00 25.47 ? 24  ASP A OD2 1 
ATOM   178 N  N   . SER A 1 25  ? 10.126  -13.428 -9.212  1.00 27.19 ? 25  SER A N   1 
ATOM   179 C  CA  . SER A 1 25  ? 10.614  -14.776 -9.460  1.00 26.88 ? 25  SER A CA  1 
ATOM   180 C  C   . SER A 1 25  ? 9.797   -15.778 -8.661  1.00 27.30 ? 25  SER A C   1 
ATOM   181 O  O   . SER A 1 25  ? 9.974   -16.992 -8.778  1.00 25.62 ? 25  SER A O   1 
ATOM   182 C  CB  . SER A 1 25  ? 12.084  -14.884 -9.087  1.00 29.05 ? 25  SER A CB  1 
ATOM   183 O  OG  . SER A 1 25  ? 12.263  -14.926 -7.679  1.00 35.43 ? 25  SER A OG  1 
ATOM   184 N  N   . GLY A 1 26  ? 8.779   -15.274 -7.966  1.00 26.27 ? 26  GLY A N   1 
ATOM   185 C  CA  . GLY A 1 26  ? 7.923   -16.120 -7.168  1.00 25.53 ? 26  GLY A CA  1 
ATOM   186 C  C   . GLY A 1 26  ? 8.410   -16.281 -5.737  1.00 25.06 ? 26  GLY A C   1 
ATOM   187 O  O   . GLY A 1 26  ? 7.782   -16.972 -4.941  1.00 27.87 ? 26  GLY A O   1 
ATOM   188 N  N   . THR A 1 27  ? 9.408   -15.516 -5.303  1.00 22.69 ? 27  THR A N   1 
ATOM   189 C  CA  . THR A 1 27  ? 9.862   -15.669 -3.947  1.00 21.45 ? 27  THR A CA  1 
ATOM   190 C  C   . THR A 1 27  ? 9.053   -14.812 -2.983  1.00 22.17 ? 27  THR A C   1 
ATOM   191 O  O   . THR A 1 27  ? 8.722   -13.666 -3.270  1.00 21.15 ? 27  THR A O   1 
ATOM   192 C  CB  . THR A 1 27  ? 11.319  -15.254 -3.860  1.00 22.71 ? 27  THR A CB  1 
ATOM   193 O  OG1 . THR A 1 27  ? 12.045  -16.159 -4.679  1.00 26.44 ? 27  THR A OG1 1 
ATOM   194 C  CG2 . THR A 1 27  ? 11.825  -15.262 -2.429  1.00 23.60 ? 27  THR A CG2 1 
ATOM   195 N  N   . THR A 1 28  ? 8.637   -15.390 -1.859  1.00 19.88 ? 28  THR A N   1 
ATOM   196 C  CA  . THR A 1 28  ? 7.895   -14.649 -0.866  1.00 19.82 ? 28  THR A CA  1 
ATOM   197 C  C   . THR A 1 28  ? 8.844   -13.903 0.051   1.00 19.73 ? 28  THR A C   1 
ATOM   198 O  O   . THR A 1 28  ? 9.736   -14.501 0.647   1.00 20.63 ? 28  THR A O   1 
ATOM   199 C  CB  . THR A 1 28  ? 7.067   -15.584 0.017   1.00 19.13 ? 28  THR A CB  1 
ATOM   200 O  OG1 . THR A 1 28  ? 6.036   -16.118 -0.794  1.00 19.48 ? 28  THR A OG1 1 
ATOM   201 C  CG2 . THR A 1 28  ? 6.493   -14.843 1.205   1.00 18.34 ? 28  THR A CG2 1 
ATOM   202 N  N   . ILE A 1 29  ? 8.878   -12.578 -0.008  1.00 18.63 ? 29  ILE A N   1 
ATOM   203 C  CA  . ILE A 1 29  ? 9.750   -11.879 0.904   1.00 18.95 ? 29  ILE A CA  1 
ATOM   204 C  C   . ILE A 1 29  ? 9.013   -11.548 2.207   1.00 17.47 ? 29  ILE A C   1 
ATOM   205 O  O   . ILE A 1 29  ? 9.556   -11.636 3.304   1.00 18.37 ? 29  ILE A O   1 
ATOM   206 C  CB  . ILE A 1 29  ? 10.451  -10.657 0.226   1.00 21.15 ? 29  ILE A CB  1 
ATOM   207 C  CG1 . ILE A 1 29  ? 10.015  -9.350  0.831   1.00 22.54 ? 29  ILE A CG1 1 
ATOM   208 C  CG2 . ILE A 1 29  ? 10.341  -10.672 -1.292  1.00 19.29 ? 29  ILE A CG2 1 
ATOM   209 C  CD1 . ILE A 1 29  ? 11.116  -8.778  1.733   1.00 24.07 ? 29  ILE A CD1 1 
ATOM   210 N  N   . ALA A 1 30  ? 7.696   -11.532 2.172   1.00 16.44 ? 30  ALA A N   1 
ATOM   211 C  CA  . ALA A 1 30  ? 6.944   -11.282 3.374   1.00 16.41 ? 30  ALA A CA  1 
ATOM   212 C  C   . ALA A 1 30  ? 5.498   -11.593 3.135   1.00 19.63 ? 30  ALA A C   1 
ATOM   213 O  O   . ALA A 1 30  ? 5.015   -11.523 2.017   1.00 18.55 ? 30  ALA A O   1 
ATOM   214 C  CB  . ALA A 1 30  ? 7.032   -9.831  3.794   1.00 17.39 ? 30  ALA A CB  1 
ATOM   215 N  N   . GLY A 1 31  ? 4.864   -12.323 4.041   1.00 23.14 ? 31  GLY A N   1 
ATOM   216 C  CA  . GLY A 1 31  ? 3.476   -12.633 3.798   1.00 26.83 ? 31  GLY A CA  1 
ATOM   217 C  C   . GLY A 1 31  ? 3.122   -14.019 4.257   1.00 29.35 ? 31  GLY A C   1 
ATOM   218 O  O   . GLY A 1 31  ? 3.987   -14.885 4.201   1.00 29.40 ? 31  GLY A O   1 
ATOM   219 N  N   . ARG A 1 32  ? 1.831   -14.310 4.149   1.00 32.00 ? 32  ARG A N   1 
ATOM   220 C  CA  . ARG A 1 32  ? 1.266   -15.583 4.576   1.00 37.39 ? 32  ARG A CA  1 
ATOM   221 C  C   . ARG A 1 32  ? 0.228   -16.087 3.562   1.00 36.13 ? 32  ARG A C   1 
ATOM   222 O  O   . ARG A 1 32  ? -0.916  -16.403 3.919   1.00 36.62 ? 32  ARG A O   1 
ATOM   223 C  CB  . ARG A 1 32  ? 0.594   -15.354 5.919   1.00 41.98 ? 32  ARG A CB  1 
ATOM   224 C  CG  . ARG A 1 32  ? 0.703   -16.517 6.880   1.00 48.10 ? 32  ARG A CG  1 
ATOM   225 C  CD  . ARG A 1 32  ? -0.198  -16.244 8.078   1.00 55.82 ? 32  ARG A CD  1 
ATOM   226 N  N   . ASN A 1 33  ? 0.495   -15.806 2.280   1.00 33.64 ? 33  ASN A N   1 
ATOM   227 C  CA  . ASN A 1 33  ? -0.385  -16.194 1.188   1.00 30.89 ? 33  ASN A CA  1 
ATOM   228 C  C   . ASN A 1 33  ? -1.778  -15.553 1.196   1.00 28.16 ? 33  ASN A C   1 
ATOM   229 O  O   . ASN A 1 33  ? -2.647  -15.949 0.414   1.00 27.16 ? 33  ASN A O   1 
ATOM   230 C  CB  . ASN A 1 33  ? -0.538  -17.713 1.146   1.00 32.57 ? 33  ASN A CB  1 
ATOM   231 N  N   . ALA A 1 34  ? -1.959  -14.416 1.877   1.00 23.90 ? 34  ALA A N   1 
ATOM   232 C  CA  . ALA A 1 34  ? -3.260  -13.765 1.884   1.00 22.25 ? 34  ALA A CA  1 
ATOM   233 C  C   . ALA A 1 34  ? -3.492  -13.042 0.564   1.00 23.67 ? 34  ALA A C   1 
ATOM   234 O  O   . ALA A 1 34  ? -2.577  -12.433 0.007   1.00 25.06 ? 34  ALA A O   1 
ATOM   235 C  CB  . ALA A 1 34  ? -3.292  -12.729 2.987   1.00 22.14 ? 34  ALA A CB  1 
ATOM   236 N  N   . LYS A 1 35  ? -4.701  -13.076 0.012   1.00 22.32 ? 35  LYS A N   1 
ATOM   237 C  CA  . LYS A 1 35  ? -4.915  -12.408 -1.268  1.00 22.86 ? 35  LYS A CA  1 
ATOM   238 C  C   . LYS A 1 35  ? -6.016  -11.364 -1.226  1.00 20.26 ? 35  LYS A C   1 
ATOM   239 O  O   . LYS A 1 35  ? -6.615  -11.042 -2.243  1.00 20.91 ? 35  LYS A O   1 
ATOM   240 C  CB  . LYS A 1 35  ? -5.264  -13.420 -2.360  1.00 26.30 ? 35  LYS A CB  1 
ATOM   241 C  CG  . LYS A 1 35  ? -4.412  -14.690 -2.374  1.00 29.61 ? 35  LYS A CG  1 
ATOM   242 C  CD  . LYS A 1 35  ? -3.439  -14.670 -3.538  1.00 30.88 ? 35  LYS A CD  1 
ATOM   243 N  N   . THR A 1 36  ? -6.397  -10.900 -0.052  1.00 17.31 ? 36  THR A N   1 
ATOM   244 C  CA  . THR A 1 36  ? -7.439  -9.897  0.032   1.00 16.22 ? 36  THR A CA  1 
ATOM   245 C  C   . THR A 1 36  ? -7.024  -8.606  -0.660  1.00 15.52 ? 36  THR A C   1 
ATOM   246 O  O   . THR A 1 36  ? -7.863  -7.916  -1.229  1.00 15.42 ? 36  THR A O   1 
ATOM   247 C  CB  . THR A 1 36  ? -7.759  -9.693  1.515   1.00 17.07 ? 36  THR A CB  1 
ATOM   248 O  OG1 . THR A 1 36  ? -8.379  -10.916 1.887   1.00 16.20 ? 36  THR A OG1 1 
ATOM   249 C  CG2 . THR A 1 36  ? -8.721  -8.550  1.801   1.00 13.54 ? 36  THR A CG2 1 
ATOM   250 N  N   . GLY A 1 37  ? -5.825  -8.128  -0.358  1.00 13.73 ? 37  GLY A N   1 
ATOM   251 C  CA  . GLY A 1 37  ? -5.315  -6.922  -0.980  1.00 12.44 ? 37  GLY A CA  1 
ATOM   252 C  C   . GLY A 1 37  ? -4.241  -7.293  -2.003  1.00 13.31 ? 37  GLY A C   1 
ATOM   253 O  O   . GLY A 1 37  ? -3.841  -8.455  -2.120  1.00 13.85 ? 37  GLY A O   1 
ATOM   254 N  N   . PRO A 1 38  ? -3.745  -6.336  -2.804  1.00 13.89 ? 38  PRO A N   1 
ATOM   255 C  CA  . PRO A 1 38  ? -2.781  -6.624  -3.872  1.00 12.45 ? 38  PRO A CA  1 
ATOM   256 C  C   . PRO A 1 38  ? -1.391  -6.960  -3.365  1.00 10.73 ? 38  PRO A C   1 
ATOM   257 O  O   . PRO A 1 38  ? -0.991  -6.590  -2.261  1.00 11.55 ? 38  PRO A O   1 
ATOM   258 C  CB  . PRO A 1 38  ? -2.724  -5.326  -4.651  1.00 12.72 ? 38  PRO A CB  1 
ATOM   259 C  CG  . PRO A 1 38  ? -3.358  -4.264  -3.788  1.00 10.03 ? 38  PRO A CG  1 
ATOM   260 C  CD  . PRO A 1 38  ? -4.351  -5.013  -2.927  1.00 11.72 ? 38  PRO A CD  1 
ATOM   261 N  N   . ASN A 1 39  ? -0.574  -7.550  -4.225  1.00 11.40 ? 39  ASN A N   1 
ATOM   262 C  CA  . ASN A 1 39  ? 0.817   -7.829  -3.915  1.00 10.29 ? 39  ASN A CA  1 
ATOM   263 C  C   . ASN A 1 39  ? 1.524   -6.484  -3.835  1.00 11.45 ? 39  ASN A C   1 
ATOM   264 O  O   . ASN A 1 39  ? 1.251   -5.584  -4.652  1.00 13.89 ? 39  ASN A O   1 
ATOM   265 C  CB  . ASN A 1 39  ? 1.397   -8.643  -5.061  1.00 9.33  ? 39  ASN A CB  1 
ATOM   266 C  CG  . ASN A 1 39  ? 2.870   -9.010  -4.963  1.00 9.65  ? 39  ASN A CG  1 
ATOM   267 O  OD1 . ASN A 1 39  ? 3.604   -8.624  -4.059  1.00 10.74 ? 39  ASN A OD1 1 
ATOM   268 N  ND2 . ASN A 1 39  ? 3.331   -9.779  -5.937  1.00 9.95  ? 39  ASN A ND2 1 
ATOM   269 N  N   . LEU A 1 40  ? 2.218   -6.214  -2.729  1.00 10.77 ? 40  LEU A N   1 
ATOM   270 C  CA  . LEU A 1 40  ? 2.891   -4.941  -2.544  1.00 9.65  ? 40  LEU A CA  1 
ATOM   271 C  C   . LEU A 1 40  ? 4.289   -4.875  -3.142  1.00 10.01 ? 40  LEU A C   1 
ATOM   272 O  O   . LEU A 1 40  ? 4.967   -3.853  -3.042  1.00 9.40  ? 40  LEU A O   1 
ATOM   273 C  CB  . LEU A 1 40  ? 2.867   -4.594  -1.043  1.00 12.13 ? 40  LEU A CB  1 
ATOM   274 C  CG  . LEU A 1 40  ? 1.899   -3.507  -0.519  1.00 16.51 ? 40  LEU A CG  1 
ATOM   275 C  CD1 . LEU A 1 40  ? 0.726   -3.228  -1.429  1.00 12.03 ? 40  LEU A CD1 1 
ATOM   276 C  CD2 . LEU A 1 40  ? 1.466   -3.762  0.898   1.00 10.48 ? 40  LEU A CD2 1 
ATOM   277 N  N   . TYR A 1 41  ? 4.824   -5.996  -3.643  1.00 10.20 ? 41  TYR A N   1 
ATOM   278 C  CA  . TYR A 1 41  ? 6.120   -5.955  -4.300  1.00 11.48 ? 41  TYR A CA  1 
ATOM   279 C  C   . TYR A 1 41  ? 6.008   -5.050  -5.524  1.00 11.35 ? 41  TYR A C   1 
ATOM   280 O  O   . TYR A 1 41  ? 5.066   -5.154  -6.307  1.00 12.29 ? 41  TYR A O   1 
ATOM   281 C  CB  . TYR A 1 41  ? 6.543   -7.343  -4.769  1.00 11.52 ? 41  TYR A CB  1 
ATOM   282 C  CG  . TYR A 1 41  ? 7.895   -7.327  -5.479  1.00 12.21 ? 41  TYR A CG  1 
ATOM   283 C  CD1 . TYR A 1 41  ? 9.058   -7.266  -4.748  1.00 12.49 ? 41  TYR A CD1 1 
ATOM   284 C  CD2 . TYR A 1 41  ? 7.944   -7.252  -6.864  1.00 13.50 ? 41  TYR A CD2 1 
ATOM   285 C  CE1 . TYR A 1 41  ? 10.264  -7.100  -5.383  1.00 14.77 ? 41  TYR A CE1 1 
ATOM   286 C  CE2 . TYR A 1 41  ? 9.150   -7.079  -7.501  1.00 14.86 ? 41  TYR A CE2 1 
ATOM   287 C  CZ  . TYR A 1 41  ? 10.292  -6.997  -6.751  1.00 14.49 ? 41  TYR A CZ  1 
ATOM   288 O  OH  . TYR A 1 41  ? 11.497  -6.809  -7.388  1.00 18.93 ? 41  TYR A OH  1 
ATOM   289 N  N   . GLY A 1 42  ? 6.881   -4.042  -5.615  1.00 12.02 ? 42  GLY A N   1 
ATOM   290 C  CA  . GLY A 1 42  ? 6.840   -3.094  -6.727  1.00 11.47 ? 42  GLY A CA  1 
ATOM   291 C  C   . GLY A 1 42  ? 5.885   -1.923  -6.475  1.00 12.14 ? 42  GLY A C   1 
ATOM   292 O  O   . GLY A 1 42  ? 5.529   -1.221  -7.422  1.00 12.25 ? 42  GLY A O   1 
ATOM   293 N  N   . VAL A 1 43  ? 5.345   -1.732  -5.258  1.00 11.20 ? 43  VAL A N   1 
ATOM   294 C  CA  . VAL A 1 43  ? 4.428   -0.609  -5.038  1.00 12.73 ? 43  VAL A CA  1 
ATOM   295 C  C   . VAL A 1 43  ? 5.137   0.714   -5.197  1.00 14.45 ? 43  VAL A C   1 
ATOM   296 O  O   . VAL A 1 43  ? 4.443   1.717   -5.212  1.00 14.89 ? 43  VAL A O   1 
ATOM   297 C  CB  . VAL A 1 43  ? 3.812   -0.388  -3.639  1.00 16.87 ? 43  VAL A CB  1 
ATOM   298 C  CG1 . VAL A 1 43  ? 2.296   -0.469  -3.653  1.00 15.71 ? 43  VAL A CG1 1 
ATOM   299 C  CG2 . VAL A 1 43  ? 4.534   -1.149  -2.563  1.00 16.08 ? 43  VAL A CG2 1 
ATOM   300 N  N   . VAL A 1 44  ? 6.373   0.791   -4.718  1.00 15.41 ? 44  VAL A N   1 
ATOM   301 C  CA  . VAL A 1 44  ? 7.105   2.048   -4.770  1.00 14.66 ? 44  VAL A CA  1 
ATOM   302 C  C   . VAL A 1 44  ? 7.088   2.691   -6.142  1.00 12.96 ? 44  VAL A C   1 
ATOM   303 O  O   . VAL A 1 44  ? 7.597   2.134   -7.104  1.00 15.08 ? 44  VAL A O   1 
ATOM   304 C  CB  . VAL A 1 44  ? 8.546   1.839   -4.274  1.00 13.52 ? 44  VAL A CB  1 
ATOM   305 C  CG1 . VAL A 1 44  ? 9.307   3.155   -4.351  1.00 15.33 ? 44  VAL A CG1 1 
ATOM   306 C  CG2 . VAL A 1 44  ? 8.542   1.354   -2.826  1.00 13.87 ? 44  VAL A CG2 1 
ATOM   307 N  N   . GLY A 1 45  ? 6.403   3.838   -6.270  1.00 14.54 ? 45  GLY A N   1 
ATOM   308 C  CA  . GLY A 1 45  ? 6.316   4.501   -7.554  1.00 13.12 ? 45  GLY A CA  1 
ATOM   309 C  C   . GLY A 1 45  ? 5.278   3.888   -8.475  1.00 14.88 ? 45  GLY A C   1 
ATOM   310 O  O   . GLY A 1 45  ? 4.993   4.421   -9.539  1.00 15.10 ? 45  GLY A O   1 
ATOM   311 N  N   . ARG A 1 46  ? 4.424   3.001   -7.980  1.00 13.26 ? 46  ARG A N   1 
ATOM   312 C  CA  . ARG A 1 46  ? 3.423   2.406   -8.832  1.00 13.01 ? 46  ARG A CA  1 
ATOM   313 C  C   . ARG A 1 46  ? 2.139   3.228   -8.854  1.00 14.50 ? 46  ARG A C   1 
ATOM   314 O  O   . ARG A 1 46  ? 1.662   3.745   -7.836  1.00 12.38 ? 46  ARG A O   1 
ATOM   315 C  CB  . ARG A 1 46  ? 3.136   0.998   -8.295  1.00 12.93 ? 46  ARG A CB  1 
ATOM   316 C  CG  . ARG A 1 46  ? 2.269   0.061   -9.137  1.00 13.43 ? 46  ARG A CG  1 
ATOM   317 C  CD  . ARG A 1 46  ? 1.438   -0.831  -8.197  1.00 19.13 ? 46  ARG A CD  1 
ATOM   318 N  NE  . ARG A 1 46  ? 2.123   -2.045  -7.871  1.00 19.35 ? 46  ARG A NE  1 
ATOM   319 C  CZ  . ARG A 1 46  ? 1.916   -2.736  -6.742  1.00 16.25 ? 46  ARG A CZ  1 
ATOM   320 N  NH1 . ARG A 1 46  ? 0.745   -2.801  -6.109  1.00 10.72 ? 46  ARG A NH1 1 
ATOM   321 N  NH2 . ARG A 1 46  ? 2.674   -3.793  -6.636  1.00 15.69 ? 46  ARG A NH2 1 
ATOM   322 N  N   . THR A 1 47  ? 1.505   3.303   -10.035 1.00 14.48 ? 47  THR A N   1 
ATOM   323 C  CA  . THR A 1 47  ? 0.237   4.006   -10.157 1.00 13.48 ? 47  THR A CA  1 
ATOM   324 C  C   . THR A 1 47  ? -0.806  3.238   -9.389  1.00 14.00 ? 47  THR A C   1 
ATOM   325 O  O   . THR A 1 47  ? -0.887  2.003   -9.482  1.00 13.47 ? 47  THR A O   1 
ATOM   326 C  CB  . THR A 1 47  ? -0.218  4.076   -11.602 1.00 13.81 ? 47  THR A CB  1 
ATOM   327 O  OG1 . THR A 1 47  ? 0.825   4.766   -12.246 1.00 14.43 ? 47  THR A OG1 1 
ATOM   328 C  CG2 . THR A 1 47  ? -1.542  4.816   -11.749 1.00 12.92 ? 47  THR A CG2 1 
ATOM   329 N  N   . ALA A 1 48  ? -1.571  3.951   -8.583  1.00 14.31 ? 48  ALA A N   1 
ATOM   330 C  CA  . ALA A 1 48  ? -2.573  3.317   -7.758  1.00 14.91 ? 48  ALA A CA  1 
ATOM   331 C  C   . ALA A 1 48  ? -3.632  2.585   -8.560  1.00 15.82 ? 48  ALA A C   1 
ATOM   332 O  O   . ALA A 1 48  ? -4.011  3.022   -9.646  1.00 16.97 ? 48  ALA A O   1 
ATOM   333 C  CB  . ALA A 1 48  ? -3.244  4.394   -6.913  1.00 12.79 ? 48  ALA A CB  1 
ATOM   334 N  N   . GLY A 1 49  ? -4.052  1.388   -8.117  1.00 15.00 ? 49  GLY A N   1 
ATOM   335 C  CA  . GLY A 1 49  ? -5.103  0.675   -8.826  1.00 12.70 ? 49  GLY A CA  1 
ATOM   336 C  C   . GLY A 1 49  ? -4.627  0.045   -10.109 1.00 12.06 ? 49  GLY A C   1 
ATOM   337 O  O   . GLY A 1 49  ? -5.448  -0.347  -10.918 1.00 13.23 ? 49  GLY A O   1 
ATOM   338 N  N   . THR A 1 50  ? -3.387  -0.403  -10.164 1.00 10.79 ? 50  THR A N   1 
ATOM   339 C  CA  . THR A 1 50  ? -2.916  -0.981  -11.403 1.00 12.87 ? 50  THR A CA  1 
ATOM   340 C  C   . THR A 1 50  ? -2.214  -2.329  -11.275 1.00 14.15 ? 50  THR A C   1 
ATOM   341 O  O   . THR A 1 50  ? -1.712  -2.816  -12.279 1.00 16.52 ? 50  THR A O   1 
ATOM   342 C  CB  . THR A 1 50  ? -2.007  -0.002  -12.197 1.00 12.29 ? 50  THR A CB  1 
ATOM   343 O  OG1 . THR A 1 50  ? -0.820  0.160   -11.465 1.00 16.56 ? 50  THR A OG1 1 
ATOM   344 C  CG2 . THR A 1 50  ? -2.640  1.359   -12.442 1.00 13.27 ? 50  THR A CG2 1 
ATOM   345 N  N   . GLN A 1 51  ? -2.053  -2.936  -10.082 1.00 14.85 ? 51  GLN A N   1 
ATOM   346 C  CA  . GLN A 1 51  ? -1.380  -4.243  -10.042 1.00 14.34 ? 51  GLN A CA  1 
ATOM   347 C  C   . GLN A 1 51  ? -2.096  -5.180  -11.010 1.00 15.35 ? 51  GLN A C   1 
ATOM   348 O  O   . GLN A 1 51  ? -3.307  -5.373  -10.904 1.00 15.17 ? 51  GLN A O   1 
ATOM   349 C  CB  . GLN A 1 51  ? -1.413  -4.781  -8.609  1.00 15.20 ? 51  GLN A CB  1 
ATOM   350 C  CG  . GLN A 1 51  ? -0.966  -6.228  -8.446  1.00 17.12 ? 51  GLN A CG  1 
ATOM   351 C  CD  . GLN A 1 51  ? 0.531   -6.369  -8.572  1.00 17.89 ? 51  GLN A CD  1 
ATOM   352 O  OE1 . GLN A 1 51  ? 1.247   -5.358  -8.643  1.00 20.42 ? 51  GLN A OE1 1 
ATOM   353 N  NE2 . GLN A 1 51  ? 1.045   -7.600  -8.684  1.00 16.26 ? 51  GLN A NE2 1 
ATOM   354 N  N   . ALA A 1 52  ? -1.388  -5.766  -11.987 1.00 13.63 ? 52  ALA A N   1 
ATOM   355 C  CA  . ALA A 1 52  ? -2.064  -6.555  -13.014 1.00 15.78 ? 52  ALA A CA  1 
ATOM   356 C  C   . ALA A 1 52  ? -2.849  -7.794  -12.586 1.00 16.56 ? 52  ALA A C   1 
ATOM   357 O  O   . ALA A 1 52  ? -3.939  -8.074  -13.098 1.00 15.80 ? 52  ALA A O   1 
ATOM   358 C  CB  . ALA A 1 52  ? -1.060  -6.996  -14.072 1.00 16.03 ? 52  ALA A CB  1 
ATOM   359 N  N   . ASP A 1 53  ? -2.484  -8.443  -11.496 1.00 18.12 ? 53  ASP A N   1 
ATOM   360 C  CA  . ASP A 1 53  ? -3.226  -9.631  -11.134 1.00 18.07 ? 53  ASP A CA  1 
ATOM   361 C  C   . ASP A 1 53  ? -4.211  -9.401  -10.016 1.00 18.94 ? 53  ASP A C   1 
ATOM   362 O  O   . ASP A 1 53  ? -4.644  -10.335 -9.369  1.00 21.47 ? 53  ASP A O   1 
ATOM   363 C  CB  . ASP A 1 53  ? -2.263  -10.733 -10.738 1.00 20.89 ? 53  ASP A CB  1 
ATOM   364 C  CG  . ASP A 1 53  ? -1.376  -10.363 -9.553  1.00 23.31 ? 53  ASP A CG  1 
ATOM   365 O  OD1 . ASP A 1 53  ? -1.399  -9.213  -9.112  1.00 26.20 ? 53  ASP A OD1 1 
ATOM   366 O  OD2 . ASP A 1 53  ? -0.405  -11.080 -9.355  1.00 28.22 ? 53  ASP A OD2 1 
ATOM   367 N  N   . PHE A 1 54  ? -4.446  -8.180  -9.604  1.00 17.44 ? 54  PHE A N   1 
ATOM   368 C  CA  . PHE A 1 54  ? -5.384  -7.987  -8.537  1.00 19.05 ? 54  PHE A CA  1 
ATOM   369 C  C   . PHE A 1 54  ? -6.702  -7.582  -9.140  1.00 22.24 ? 54  PHE A C   1 
ATOM   370 O  O   . PHE A 1 54  ? -6.825  -6.541  -9.773  1.00 20.74 ? 54  PHE A O   1 
ATOM   371 C  CB  . PHE A 1 54  ? -4.881  -6.916  -7.568  1.00 15.42 ? 54  PHE A CB  1 
ATOM   372 C  CG  . PHE A 1 54  ? -5.783  -6.741  -6.360  1.00 13.60 ? 54  PHE A CG  1 
ATOM   373 C  CD1 . PHE A 1 54  ? -5.954  -7.771  -5.458  1.00 12.99 ? 54  PHE A CD1 1 
ATOM   374 C  CD2 . PHE A 1 54  ? -6.500  -5.573  -6.201  1.00 11.22 ? 54  PHE A CD2 1 
ATOM   375 C  CE1 . PHE A 1 54  ? -6.845  -7.633  -4.410  1.00 10.98 ? 54  PHE A CE1 1 
ATOM   376 C  CE2 . PHE A 1 54  ? -7.392  -5.442  -5.155  1.00 13.38 ? 54  PHE A CE2 1 
ATOM   377 C  CZ  . PHE A 1 54  ? -7.561  -6.473  -4.260  1.00 11.88 ? 54  PHE A CZ  1 
ATOM   378 N  N   . LYS A 1 55  ? -7.730  -8.388  -8.973  1.00 27.38 ? 55  LYS A N   1 
ATOM   379 C  CA  . LYS A 1 55  ? -8.988  -8.018  -9.577  1.00 33.10 ? 55  LYS A CA  1 
ATOM   380 C  C   . LYS A 1 55  ? -9.973  -7.401  -8.592  1.00 32.04 ? 55  LYS A C   1 
ATOM   381 O  O   . LYS A 1 55  ? -10.998 -6.881  -9.028  1.00 33.88 ? 55  LYS A O   1 
ATOM   382 C  CB  . LYS A 1 55  ? -9.618  -9.244  -10.236 1.00 40.16 ? 55  LYS A CB  1 
ATOM   383 C  CG  . LYS A 1 55  ? -8.727  -9.875  -11.301 1.00 49.87 ? 55  LYS A CG  1 
ATOM   384 C  CD  . LYS A 1 55  ? -8.527  -8.939  -12.491 1.00 60.63 ? 55  LYS A CD  1 
ATOM   385 C  CE  . LYS A 1 55  ? -7.610  -9.584  -13.527 1.00 65.27 ? 55  LYS A CE  1 
ATOM   386 N  NZ  . LYS A 1 55  ? -7.059  -8.593  -14.433 1.00 69.71 ? 55  LYS A NZ  1 
ATOM   387 N  N   . GLY A 1 56  ? -9.516  -7.032  -7.393  1.00 29.49 ? 56  GLY A N   1 
ATOM   388 C  CA  . GLY A 1 56  ? -10.462 -6.484  -6.430  1.00 26.22 ? 56  GLY A CA  1 
ATOM   389 C  C   . GLY A 1 56  ? -10.363 -4.992  -6.115  1.00 23.82 ? 56  GLY A C   1 
ATOM   390 O  O   . GLY A 1 56  ? -10.857 -4.546  -5.068  1.00 24.02 ? 56  GLY A O   1 
ATOM   391 N  N   . TYR A 1 57  ? -9.855  -4.139  -7.015  1.00 20.87 ? 57  TYR A N   1 
ATOM   392 C  CA  . TYR A 1 57  ? -9.801  -2.721  -6.665  1.00 17.90 ? 57  TYR A CA  1 
ATOM   393 C  C   . TYR A 1 57  ? -11.175 -2.066  -6.667  1.00 18.42 ? 57  TYR A C   1 
ATOM   394 O  O   . TYR A 1 57  ? -12.057 -2.422  -7.458  1.00 19.13 ? 57  TYR A O   1 
ATOM   395 C  CB  . TYR A 1 57  ? -8.927  -1.933  -7.634  1.00 14.60 ? 57  TYR A CB  1 
ATOM   396 C  CG  . TYR A 1 57  ? -7.449  -2.190  -7.488  1.00 13.94 ? 57  TYR A CG  1 
ATOM   397 C  CD1 . TYR A 1 57  ? -6.761  -1.782  -6.353  1.00 11.30 ? 57  TYR A CD1 1 
ATOM   398 C  CD2 . TYR A 1 57  ? -6.789  -2.790  -8.538  1.00 10.35 ? 57  TYR A CD2 1 
ATOM   399 C  CE1 . TYR A 1 57  ? -5.390  -1.985  -6.307  1.00 11.76 ? 57  TYR A CE1 1 
ATOM   400 C  CE2 . TYR A 1 57  ? -5.429  -2.988  -8.494  1.00 11.26 ? 57  TYR A CE2 1 
ATOM   401 C  CZ  . TYR A 1 57  ? -4.743  -2.572  -7.383  1.00 9.17  ? 57  TYR A CZ  1 
ATOM   402 O  OH  . TYR A 1 57  ? -3.383  -2.656  -7.407  1.00 11.64 ? 57  TYR A OH  1 
ATOM   403 N  N   . GLY A 1 58  ? -11.376 -1.086  -5.791  1.00 17.44 ? 58  GLY A N   1 
ATOM   404 C  CA  . GLY A 1 58  ? -12.627 -0.372  -5.757  1.00 20.38 ? 58  GLY A CA  1 
ATOM   405 C  C   . GLY A 1 58  ? -12.578 0.751   -6.792  1.00 22.68 ? 58  GLY A C   1 
ATOM   406 O  O   . GLY A 1 58  ? -11.515 1.132   -7.296  1.00 19.87 ? 58  GLY A O   1 
ATOM   407 N  N   . GLU A 1 59  ? -13.710 1.389   -7.066  1.00 26.57 ? 59  GLU A N   1 
ATOM   408 C  CA  . GLU A 1 59  ? -13.716 2.440   -8.062  1.00 30.84 ? 59  GLU A CA  1 
ATOM   409 C  C   . GLU A 1 59  ? -13.039 3.703   -7.566  1.00 28.12 ? 59  GLU A C   1 
ATOM   410 O  O   . GLU A 1 59  ? -12.339 4.373   -8.322  1.00 27.20 ? 59  GLU A O   1 
ATOM   411 C  CB  . GLU A 1 59  ? -15.145 2.715   -8.503  1.00 39.29 ? 59  GLU A CB  1 
ATOM   412 C  CG  . GLU A 1 59  ? -15.854 1.443   -8.961  1.00 53.83 ? 59  GLU A CG  1 
ATOM   413 C  CD  . GLU A 1 59  ? -15.018 0.549   -9.879  1.00 61.58 ? 59  GLU A CD  1 
ATOM   414 O  OE1 . GLU A 1 59  ? -14.417 1.068   -10.819 1.00 68.44 ? 59  GLU A OE1 1 
ATOM   415 O  OE2 . GLU A 1 59  ? -15.081 -0.676  -9.744  1.00 67.61 ? 59  GLU A OE2 1 
ATOM   416 N  N   . GLY A 1 60  ? -12.966 3.907   -6.253  1.00 25.82 ? 60  GLY A N   1 
ATOM   417 C  CA  . GLY A 1 60  ? -12.279 5.098   -5.772  1.00 22.81 ? 60  GLY A CA  1 
ATOM   418 C  C   . GLY A 1 60  ? -10.766 5.003   -6.023  1.00 23.14 ? 60  GLY A C   1 
ATOM   419 O  O   . GLY A 1 60  ? -10.116 5.995   -6.364  1.00 20.61 ? 60  GLY A O   1 
ATOM   420 N  N   . MET A 1 61  ? -10.169 3.803   -5.829  1.00 20.80 ? 61  MET A N   1 
ATOM   421 C  CA  . MET A 1 61  ? -8.742  3.609   -6.026  1.00 18.94 ? 61  MET A CA  1 
ATOM   422 C  C   . MET A 1 61  ? -8.402  3.678   -7.499  1.00 18.21 ? 61  MET A C   1 
ATOM   423 O  O   . MET A 1 61  ? -7.327  4.119   -7.887  1.00 18.48 ? 61  MET A O   1 
ATOM   424 C  CB  . MET A 1 61  ? -8.340  2.246   -5.449  1.00 17.52 ? 61  MET A CB  1 
ATOM   425 C  CG  . MET A 1 61  ? -6.852  1.965   -5.571  1.00 18.86 ? 61  MET A CG  1 
ATOM   426 S  SD  . MET A 1 61  ? -5.873  2.969   -4.450  1.00 21.10 ? 61  MET A SD  1 
ATOM   427 C  CE  . MET A 1 61  ? -6.012  2.001   -2.976  1.00 22.84 ? 61  MET A CE  1 
ATOM   428 N  N   . LYS A 1 62  ? -9.237  3.099   -8.350  1.00 20.71 ? 62  LYS A N   1 
ATOM   429 C  CA  . LYS A 1 62  ? -8.959  3.160   -9.770  1.00 24.94 ? 62  LYS A CA  1 
ATOM   430 C  C   . LYS A 1 62  ? -8.980  4.615   -10.239 1.00 25.20 ? 62  LYS A C   1 
ATOM   431 O  O   . LYS A 1 62  ? -8.101  5.080   -10.973 1.00 24.91 ? 62  LYS A O   1 
ATOM   432 C  CB  . LYS A 1 62  ? -10.004 2.353   -10.514 1.00 27.74 ? 62  LYS A CB  1 
ATOM   433 C  CG  . LYS A 1 62  ? -9.752  0.853   -10.501 1.00 34.49 ? 62  LYS A CG  1 
ATOM   434 C  CD  . LYS A 1 62  ? -10.946 0.131   -11.128 1.00 42.48 ? 62  LYS A CD  1 
ATOM   435 C  CE  . LYS A 1 62  ? -10.874 -1.360  -10.829 1.00 48.65 ? 62  LYS A CE  1 
ATOM   436 N  NZ  . LYS A 1 62  ? -11.992 -2.091  -11.407 1.00 51.53 ? 62  LYS A NZ  1 
ATOM   437 N  N   . GLU A 1 63  ? -9.959  5.375   -9.751  1.00 24.89 ? 63  GLU A N   1 
ATOM   438 C  CA  . GLU A 1 63  ? -10.094 6.773   -10.078 1.00 26.10 ? 63  GLU A CA  1 
ATOM   439 C  C   . GLU A 1 63  ? -8.843  7.558   -9.690  1.00 24.88 ? 63  GLU A C   1 
ATOM   440 O  O   . GLU A 1 63  ? -8.485  8.538   -10.347 1.00 24.06 ? 63  GLU A O   1 
ATOM   441 C  CB  . GLU A 1 63  ? -11.274 7.292   -9.294  1.00 31.65 ? 63  GLU A CB  1 
ATOM   442 C  CG  . GLU A 1 63  ? -11.770 8.635   -9.782  1.00 41.26 ? 63  GLU A CG  1 
ATOM   443 C  CD  . GLU A 1 63  ? -12.913 9.204   -8.946  1.00 46.47 ? 63  GLU A CD  1 
ATOM   444 O  OE1 . GLU A 1 63  ? -13.744 8.433   -8.452  1.00 48.92 ? 63  GLU A OE1 1 
ATOM   445 O  OE2 . GLU A 1 63  ? -13.031 10.429  -8.897  1.00 47.87 ? 63  GLU A OE2 1 
ATOM   446 N  N   . ALA A 1 64  ? -8.421  7.423   -8.432  1.00 21.77 ? 64  ALA A N   1 
ATOM   447 C  CA  . ALA A 1 64  ? -7.235  8.117   -7.979  1.00 20.02 ? 64  ALA A CA  1 
ATOM   448 C  C   . ALA A 1 64  ? -6.038  7.835   -8.875  1.00 19.38 ? 64  ALA A C   1 
ATOM   449 O  O   . ALA A 1 64  ? -5.166  8.685   -9.027  1.00 19.33 ? 64  ALA A O   1 
ATOM   450 C  CB  . ALA A 1 64  ? -6.891  7.649   -6.572  1.00 19.75 ? 64  ALA A CB  1 
ATOM   451 N  N   . GLY A 1 65  ? -5.810  6.573   -9.228  1.00 18.76 ? 65  GLY A N   1 
ATOM   452 C  CA  . GLY A 1 65  ? -4.705  6.251   -10.107 1.00 19.21 ? 65  GLY A CA  1 
ATOM   453 C  C   . GLY A 1 65  ? -4.880  6.982   -11.440 1.00 22.33 ? 65  GLY A C   1 
ATOM   454 O  O   . GLY A 1 65  ? -3.882  7.370   -12.060 1.00 20.97 ? 65  GLY A O   1 
ATOM   455 N  N   . ALA A 1 66  ? -6.094  6.938   -12.026 1.00 22.21 ? 66  ALA A N   1 
ATOM   456 C  CA  . ALA A 1 66  ? -6.334  7.666   -13.291 1.00 24.21 ? 66  ALA A CA  1 
ATOM   457 C  C   . ALA A 1 66  ? -5.988  9.143   -13.152 1.00 24.91 ? 66  ALA A C   1 
ATOM   458 O  O   . ALA A 1 66  ? -5.529  9.771   -14.097 1.00 25.62 ? 66  ALA A O   1 
ATOM   459 C  CB  . ALA A 1 66  ? -7.796  7.611   -13.702 1.00 22.29 ? 66  ALA A CB  1 
ATOM   460 N  N   . LYS A 1 67  ? -6.256  9.720   -11.986 1.00 25.60 ? 67  LYS A N   1 
ATOM   461 C  CA  . LYS A 1 67  ? -5.930  11.099  -11.718 1.00 28.26 ? 67  LYS A CA  1 
ATOM   462 C  C   . LYS A 1 67  ? -4.427  11.283  -11.753 1.00 27.42 ? 67  LYS A C   1 
ATOM   463 O  O   . LYS A 1 67  ? -3.947  12.361  -11.446 1.00 28.61 ? 67  LYS A O   1 
ATOM   464 C  CB  . LYS A 1 67  ? -6.418  11.492  -10.330 1.00 33.59 ? 67  LYS A CB  1 
ATOM   465 C  CG  . LYS A 1 67  ? -7.531  12.525  -10.316 1.00 40.91 ? 67  LYS A CG  1 
ATOM   466 C  CD  . LYS A 1 67  ? -8.845  11.908  -9.857  1.00 47.30 ? 67  LYS A CD  1 
ATOM   467 C  CE  . LYS A 1 67  ? -9.917  12.064  -10.930 1.00 51.03 ? 67  LYS A CE  1 
ATOM   468 N  NZ  . LYS A 1 67  ? -10.005 10.882  -11.777 1.00 56.02 ? 67  LYS A NZ  1 
ATOM   469 N  N   . GLY A 1 68  ? -3.686  10.205  -11.566 1.00 25.49 ? 68  GLY A N   1 
ATOM   470 C  CA  . GLY A 1 68  ? -2.247  10.326  -11.600 1.00 22.74 ? 68  GLY A CA  1 
ATOM   471 C  C   . GLY A 1 68  ? -1.565  10.004  -10.275 1.00 22.53 ? 68  GLY A C   1 
ATOM   472 O  O   . GLY A 1 68  ? -0.344  10.052  -10.212 1.00 23.86 ? 68  GLY A O   1 
ATOM   473 N  N   . LEU A 1 69  ? -2.257  9.366   -9.326  1.00 19.07 ? 69  LEU A N   1 
ATOM   474 C  CA  . LEU A 1 69  ? -1.610  9.040   -8.057  1.00 18.37 ? 69  LEU A CA  1 
ATOM   475 C  C   . LEU A 1 69  ? -0.658  7.848   -8.131  1.00 17.39 ? 69  LEU A C   1 
ATOM   476 O  O   . LEU A 1 69  ? -0.972  6.835   -8.749  1.00 18.01 ? 69  LEU A O   1 
ATOM   477 C  CB  . LEU A 1 69  ? -2.644  8.730   -6.996  1.00 16.98 ? 69  LEU A CB  1 
ATOM   478 C  CG  . LEU A 1 69  ? -2.123  8.005   -5.746  1.00 15.57 ? 69  LEU A CG  1 
ATOM   479 C  CD1 . LEU A 1 69  ? -1.187  8.912   -4.971  1.00 16.15 ? 69  LEU A CD1 1 
ATOM   480 C  CD2 . LEU A 1 69  ? -3.276  7.527   -4.867  1.00 14.20 ? 69  LEU A CD2 1 
ATOM   481 N  N   . ALA A 1 70  ? 0.618   8.080   -7.870  1.00 16.89 ? 70  ALA A N   1 
ATOM   482 C  CA  . ALA A 1 70  ? 1.619   7.019   -7.853  1.00 16.17 ? 70  ALA A CA  1 
ATOM   483 C  C   . ALA A 1 70  ? 2.132   6.986   -6.410  1.00 16.24 ? 70  ALA A C   1 
ATOM   484 O  O   . ALA A 1 70  ? 2.410   8.020   -5.816  1.00 17.35 ? 70  ALA A O   1 
ATOM   485 C  CB  . ALA A 1 70  ? 2.746   7.404   -8.788  1.00 15.73 ? 70  ALA A CB  1 
ATOM   486 N  N   . TRP A 1 71  ? 2.400   5.826   -5.825  1.00 14.60 ? 71  TRP A N   1 
ATOM   487 C  CA  . TRP A 1 71  ? 2.751   5.811   -4.414  1.00 11.79 ? 71  TRP A CA  1 
ATOM   488 C  C   . TRP A 1 71  ? 4.101   6.349   -3.995  1.00 11.51 ? 71  TRP A C   1 
ATOM   489 O  O   . TRP A 1 71  ? 5.136   6.002   -4.589  1.00 13.82 ? 71  TRP A O   1 
ATOM   490 C  CB  . TRP A 1 71  ? 2.585   4.380   -3.882  1.00 8.10  ? 71  TRP A CB  1 
ATOM   491 C  CG  . TRP A 1 71  ? 1.128   3.938   -3.900  1.00 7.45  ? 71  TRP A CG  1 
ATOM   492 C  CD1 . TRP A 1 71  ? 0.700   2.994   -4.795  1.00 8.31  ? 71  TRP A CD1 1 
ATOM   493 C  CD2 . TRP A 1 71  ? 0.117   4.452   -3.130  1.00 10.04 ? 71  TRP A CD2 1 
ATOM   494 N  NE1 . TRP A 1 71  ? -0.592  2.922   -4.582  1.00 8.83  ? 71  TRP A NE1 1 
ATOM   495 C  CE2 . TRP A 1 71  ? -0.980  3.748   -3.605  1.00 6.96  ? 71  TRP A CE2 1 
ATOM   496 C  CE3 . TRP A 1 71  ? -0.028  5.428   -2.146  1.00 9.21  ? 71  TRP A CE3 1 
ATOM   497 C  CZ2 . TRP A 1 71  ? -2.237  3.975   -3.106  1.00 7.19  ? 71  TRP A CZ2 1 
ATOM   498 C  CZ3 . TRP A 1 71  ? -1.296  5.669   -1.643  1.00 7.88  ? 71  TRP A CZ3 1 
ATOM   499 C  CH2 . TRP A 1 71  ? -2.384  4.939   -2.116  1.00 9.57  ? 71  TRP A CH2 1 
ATOM   500 N  N   . ASP A 1 72  ? 4.097   7.425   -3.198  1.00 11.24 ? 72  ASP A N   1 
ATOM   501 C  CA  . ASP A 1 72  ? 5.331   7.917   -2.636  1.00 10.87 ? 72  ASP A CA  1 
ATOM   502 C  C   . ASP A 1 72  ? 5.140   7.915   -1.118  1.00 11.61 ? 72  ASP A C   1 
ATOM   503 O  O   . ASP A 1 72  ? 4.026   7.663   -0.647  1.00 10.23 ? 72  ASP A O   1 
ATOM   504 C  CB  . ASP A 1 72  ? 5.735   9.301   -3.132  1.00 12.97 ? 72  ASP A CB  1 
ATOM   505 C  CG  . ASP A 1 72  ? 4.612   10.306  -3.176  1.00 17.02 ? 72  ASP A CG  1 
ATOM   506 O  OD1 . ASP A 1 72  ? 3.669   10.143  -2.413  1.00 16.90 ? 72  ASP A OD1 1 
ATOM   507 O  OD2 . ASP A 1 72  ? 4.890   11.421  -3.618  1.00 21.86 ? 72  ASP A OD2 1 
ATOM   508 N  N   . GLU A 1 73  ? 6.116   8.365   -0.334  1.00 10.90 ? 73  GLU A N   1 
ATOM   509 C  CA  . GLU A 1 73  ? 5.967   8.317   1.101   1.00 10.94 ? 73  GLU A CA  1 
ATOM   510 C  C   . GLU A 1 73  ? 4.896   9.223   1.639   1.00 13.16 ? 73  GLU A C   1 
ATOM   511 O  O   . GLU A 1 73  ? 4.069   8.820   2.451   1.00 15.55 ? 73  GLU A O   1 
ATOM   512 C  CB  . GLU A 1 73  ? 7.271   8.670   1.770   1.00 10.94 ? 73  GLU A CB  1 
ATOM   513 C  CG  . GLU A 1 73  ? 7.199   8.504   3.287   1.00 11.89 ? 73  GLU A CG  1 
ATOM   514 C  CD  . GLU A 1 73  ? 8.548   8.478   3.984   1.00 13.23 ? 73  GLU A CD  1 
ATOM   515 O  OE1 . GLU A 1 73  ? 9.553   8.808   3.361   1.00 10.37 ? 73  GLU A OE1 1 
ATOM   516 O  OE2 . GLU A 1 73  ? 8.559   8.380   5.214   1.00 13.91 ? 73  GLU A OE2 1 
ATOM   517 N  N   . GLU A 1 74  ? 4.746   10.431  1.127   1.00 15.97 ? 74  GLU A N   1 
ATOM   518 C  CA  . GLU A 1 74  ? 3.725   11.270  1.725   1.00 15.74 ? 74  GLU A CA  1 
ATOM   519 C  C   . GLU A 1 74  ? 2.321   10.784  1.486   1.00 14.79 ? 74  GLU A C   1 
ATOM   520 O  O   . GLU A 1 74  ? 1.504   10.841  2.408   1.00 15.19 ? 74  GLU A O   1 
ATOM   521 C  CB  . GLU A 1 74  ? 3.797   12.703  1.201   1.00 18.79 ? 74  GLU A CB  1 
ATOM   522 N  N   . HIS A 1 75  ? 2.025   10.249  0.292   1.00 13.87 ? 75  HIS A N   1 
ATOM   523 C  CA  . HIS A 1 75  ? 0.673   9.778   0.015   1.00 14.34 ? 75  HIS A CA  1 
ATOM   524 C  C   . HIS A 1 75  ? 0.426   8.447   0.708   1.00 13.96 ? 75  HIS A C   1 
ATOM   525 O  O   . HIS A 1 75  ? -0.647  8.219   1.230   1.00 12.69 ? 75  HIS A O   1 
ATOM   526 C  CB  . HIS A 1 75  ? 0.426   9.619   -1.488  1.00 15.44 ? 75  HIS A CB  1 
ATOM   527 C  CG  . HIS A 1 75  ? 0.338   10.972  -2.205  1.00 18.22 ? 75  HIS A CG  1 
ATOM   528 N  ND1 . HIS A 1 75  ? 1.394   11.635  -2.625  1.00 19.45 ? 75  HIS A ND1 1 
ATOM   529 C  CD2 . HIS A 1 75  ? -0.744  11.805  -2.310  1.00 18.86 ? 75  HIS A CD2 1 
ATOM   530 C  CE1 . HIS A 1 75  ? 1.030   12.837  -2.996  1.00 20.31 ? 75  HIS A CE1 1 
ATOM   531 N  NE2 . HIS A 1 75  ? -0.264  12.925  -2.815  1.00 21.79 ? 75  HIS A NE2 1 
ATOM   532 N  N   . PHE A 1 76  ? 1.458   7.614   0.803   1.00 14.22 ? 76  PHE A N   1 
ATOM   533 C  CA  . PHE A 1 76  ? 1.342   6.321   1.451   1.00 12.51 ? 76  PHE A CA  1 
ATOM   534 C  C   . PHE A 1 76  ? 1.069   6.528   2.928   1.00 12.88 ? 76  PHE A C   1 
ATOM   535 O  O   . PHE A 1 76  ? 0.148   5.922   3.455   1.00 11.55 ? 76  PHE A O   1 
ATOM   536 C  CB  . PHE A 1 76  ? 2.666   5.571   1.278   1.00 12.72 ? 76  PHE A CB  1 
ATOM   537 C  CG  . PHE A 1 76  ? 2.769   4.248   2.058   1.00 13.56 ? 76  PHE A CG  1 
ATOM   538 C  CD1 . PHE A 1 76  ? 2.289   3.078   1.494   1.00 11.36 ? 76  PHE A CD1 1 
ATOM   539 C  CD2 . PHE A 1 76  ? 3.338   4.237   3.350   1.00 14.19 ? 76  PHE A CD2 1 
ATOM   540 C  CE1 . PHE A 1 76  ? 2.375   1.891   2.229   1.00 11.56 ? 76  PHE A CE1 1 
ATOM   541 C  CE2 . PHE A 1 76  ? 3.416   3.055   4.068   1.00 12.65 ? 76  PHE A CE2 1 
ATOM   542 C  CZ  . PHE A 1 76  ? 2.933   1.890   3.498   1.00 11.02 ? 76  PHE A CZ  1 
ATOM   543 N  N   . VAL A 1 77  ? 1.717   7.478   3.611   1.00 10.45 ? 77  VAL A N   1 
ATOM   544 C  CA  . VAL A 1 77  ? 1.426   7.549   5.031   1.00 13.80 ? 77  VAL A CA  1 
ATOM   545 C  C   . VAL A 1 77  ? 0.103   8.188   5.348   1.00 13.92 ? 77  VAL A C   1 
ATOM   546 O  O   . VAL A 1 77  ? -0.572  7.750   6.272   1.00 13.45 ? 77  VAL A O   1 
ATOM   547 C  CB  . VAL A 1 77  ? 2.541   8.138   5.931   1.00 15.31 ? 77  VAL A CB  1 
ATOM   548 C  CG1 . VAL A 1 77  ? 3.892   8.160   5.265   1.00 16.20 ? 77  VAL A CG1 1 
ATOM   549 C  CG2 . VAL A 1 77  ? 2.136   9.451   6.552   1.00 17.21 ? 77  VAL A CG2 1 
ATOM   550 N  N   . GLN A 1 78  ? -0.467  8.936   4.415   1.00 14.43 ? 78  GLN A N   1 
ATOM   551 C  CA  . GLN A 1 78  ? -1.773  9.493   4.680   1.00 14.31 ? 78  GLN A CA  1 
ATOM   552 C  C   . GLN A 1 78  ? -2.791  8.410   4.399   1.00 12.26 ? 78  GLN A C   1 
ATOM   553 O  O   . GLN A 1 78  ? -3.781  8.237   5.088   1.00 14.01 ? 78  GLN A O   1 
ATOM   554 C  CB  . GLN A 1 78  ? -2.063  10.647  3.737   1.00 17.79 ? 78  GLN A CB  1 
ATOM   555 C  CG  . GLN A 1 78  ? -1.287  11.916  4.057   1.00 23.14 ? 78  GLN A CG  1 
ATOM   556 C  CD  . GLN A 1 78  ? -1.367  12.921  2.911   1.00 28.07 ? 78  GLN A CD  1 
ATOM   557 N  N   . TYR A 1 79  ? -2.580  7.654   3.339   1.00 11.86 ? 79  TYR A N   1 
ATOM   558 C  CA  . TYR A 1 79  ? -3.520  6.624   2.963   1.00 10.70 ? 79  TYR A CA  1 
ATOM   559 C  C   . TYR A 1 79  ? -3.679  5.518   3.984   1.00 13.06 ? 79  TYR A C   1 
ATOM   560 O  O   . TYR A 1 79  ? -4.798  5.184   4.340   1.00 13.96 ? 79  TYR A O   1 
ATOM   561 C  CB  . TYR A 1 79  ? -3.105  6.037   1.630   1.00 9.55  ? 79  TYR A CB  1 
ATOM   562 C  CG  . TYR A 1 79  ? -3.893  4.795   1.264   1.00 9.96  ? 79  TYR A CG  1 
ATOM   563 C  CD1 . TYR A 1 79  ? -5.197  4.909   0.856   1.00 9.33  ? 79  TYR A CD1 1 
ATOM   564 C  CD2 . TYR A 1 79  ? -3.280  3.554   1.354   1.00 8.26  ? 79  TYR A CD2 1 
ATOM   565 C  CE1 . TYR A 1 79  ? -5.909  3.777   0.547   1.00 10.88 ? 79  TYR A CE1 1 
ATOM   566 C  CE2 . TYR A 1 79  ? -3.986  2.422   1.031   1.00 8.97  ? 79  TYR A CE2 1 
ATOM   567 C  CZ  . TYR A 1 79  ? -5.296  2.539   0.637   1.00 10.25 ? 79  TYR A CZ  1 
ATOM   568 O  OH  . TYR A 1 79  ? -6.018  1.399   0.319   1.00 12.98 ? 79  TYR A OH  1 
ATOM   569 N  N   . VAL A 1 80  ? -2.584  4.885   4.430   1.00 14.02 ? 80  VAL A N   1 
ATOM   570 C  CA  . VAL A 1 80  ? -2.706  3.789   5.397   1.00 14.45 ? 80  VAL A CA  1 
ATOM   571 C  C   . VAL A 1 80  ? -3.360  4.223   6.697   1.00 14.81 ? 80  VAL A C   1 
ATOM   572 O  O   . VAL A 1 80  ? -3.874  3.375   7.417   1.00 16.64 ? 80  VAL A O   1 
ATOM   573 C  CB  . VAL A 1 80  ? -1.348  3.117   5.706   1.00 12.23 ? 80  VAL A CB  1 
ATOM   574 C  CG1 . VAL A 1 80  ? -0.738  2.570   4.428   1.00 11.07 ? 80  VAL A CG1 1 
ATOM   575 C  CG2 . VAL A 1 80  ? -0.390  4.064   6.422   1.00 9.76  ? 80  VAL A CG2 1 
ATOM   576 N  N   . GLN A 1 81  ? -3.275  5.504   7.090   1.00 13.67 ? 81  GLN A N   1 
ATOM   577 C  CA  . GLN A 1 81  ? -3.908  5.939   8.317   1.00 16.78 ? 81  GLN A CA  1 
ATOM   578 C  C   . GLN A 1 81  ? -5.423  6.015   8.219   1.00 17.05 ? 81  GLN A C   1 
ATOM   579 O  O   . GLN A 1 81  ? -6.125  5.936   9.212   1.00 19.17 ? 81  GLN A O   1 
ATOM   580 C  CB  . GLN A 1 81  ? -3.336  7.267   8.742   1.00 18.74 ? 81  GLN A CB  1 
ATOM   581 C  CG  . GLN A 1 81  ? -1.900  7.103   9.209   1.00 25.27 ? 81  GLN A CG  1 
ATOM   582 C  CD  . GLN A 1 81  ? -1.317  8.404   9.737   1.00 28.51 ? 81  GLN A CD  1 
ATOM   583 O  OE1 . GLN A 1 81  ? -1.668  8.845   10.827  1.00 32.20 ? 81  GLN A OE1 1 
ATOM   584 N  NE2 . GLN A 1 81  ? -0.460  9.087   8.967   1.00 32.31 ? 81  GLN A NE2 1 
ATOM   585 N  N   . ASP A 1 82  ? -5.965  6.275   7.042   1.00 17.87 ? 82  ASP A N   1 
ATOM   586 C  CA  . ASP A 1 82  ? -7.412  6.290   6.856   1.00 17.24 ? 82  ASP A CA  1 
ATOM   587 C  C   . ASP A 1 82  ? -7.681  6.222   5.366   1.00 16.17 ? 82  ASP A C   1 
ATOM   588 O  O   . ASP A 1 82  ? -7.698  7.242   4.675   1.00 17.06 ? 82  ASP A O   1 
ATOM   589 C  CB  . ASP A 1 82  ? -8.061  7.548   7.423   1.00 20.68 ? 82  ASP A CB  1 
ATOM   590 C  CG  . ASP A 1 82  ? -9.584  7.439   7.548   1.00 23.47 ? 82  ASP A CG  1 
ATOM   591 O  OD1 . ASP A 1 82  ? -10.228 6.877   6.649   1.00 24.33 ? 82  ASP A OD1 1 
ATOM   592 O  OD2 . ASP A 1 82  ? -10.137 8.102   8.429   1.00 25.56 ? 82  ASP A OD2 1 
ATOM   593 N  N   . PRO A 1 83  ? -7.868  5.026   4.829   1.00 14.37 ? 83  PRO A N   1 
ATOM   594 C  CA  . PRO A 1 83  ? -7.933  4.857   3.398   1.00 14.94 ? 83  PRO A CA  1 
ATOM   595 C  C   . PRO A 1 83  ? -9.139  5.492   2.731   1.00 16.27 ? 83  PRO A C   1 
ATOM   596 O  O   . PRO A 1 83  ? -8.972  6.149   1.712   1.00 15.90 ? 83  PRO A O   1 
ATOM   597 C  CB  . PRO A 1 83  ? -7.923  3.356   3.195   1.00 14.57 ? 83  PRO A CB  1 
ATOM   598 C  CG  . PRO A 1 83  ? -7.380  2.741   4.469   1.00 14.07 ? 83  PRO A CG  1 
ATOM   599 C  CD  . PRO A 1 83  ? -7.533  3.786   5.544   1.00 12.37 ? 83  PRO A CD  1 
ATOM   600 N  N   . THR A 1 84  ? -10.270 5.587   3.411   1.00 16.98 ? 84  THR A N   1 
ATOM   601 C  CA  . THR A 1 84  ? -11.430 6.153   2.775   1.00 17.48 ? 84  THR A CA  1 
ATOM   602 C  C   . THR A 1 84  ? -11.392 7.661   2.790   1.00 18.21 ? 84  THR A C   1 
ATOM   603 O  O   . THR A 1 84  ? -11.660 8.298   1.780   1.00 17.36 ? 84  THR A O   1 
ATOM   604 C  CB  . THR A 1 84  ? -12.693 5.624   3.443   1.00 17.39 ? 84  THR A CB  1 
ATOM   605 O  OG1 . THR A 1 84  ? -12.817 4.304   2.966   1.00 19.27 ? 84  THR A OG1 1 
ATOM   606 C  CG2 . THR A 1 84  ? -13.920 6.397   3.025   1.00 19.96 ? 84  THR A CG2 1 
ATOM   607 N  N   . LYS A 1 85  ? -10.828 8.245   3.830   1.00 17.95 ? 85  LYS A N   1 
ATOM   608 C  CA  . LYS A 1 85  ? -10.747 9.682   3.870   1.00 18.72 ? 85  LYS A CA  1 
ATOM   609 C  C   . LYS A 1 85  ? -9.752  10.119  2.816   1.00 18.96 ? 85  LYS A C   1 
ATOM   610 O  O   . LYS A 1 85  ? -9.894  11.180  2.195   1.00 18.56 ? 85  LYS A O   1 
ATOM   611 C  CB  . LYS A 1 85  ? -10.274 10.124  5.248   1.00 20.70 ? 85  LYS A CB  1 
ATOM   612 C  CG  . LYS A 1 85  ? -10.152 11.637  5.417   1.00 24.30 ? 85  LYS A CG  1 
ATOM   613 C  CD  . LYS A 1 85  ? -9.841  11.992  6.867   1.00 26.54 ? 85  LYS A CD  1 
ATOM   614 C  CE  . LYS A 1 85  ? -8.620  12.892  6.953   1.00 28.72 ? 85  LYS A CE  1 
ATOM   615 N  N   . PHE A 1 86  ? -8.593  9.450   2.793   1.00 16.77 ? 86  PHE A N   1 
ATOM   616 C  CA  . PHE A 1 86  ? -7.581  9.789   1.820   1.00 15.10 ? 86  PHE A CA  1 
ATOM   617 C  C   . PHE A 1 86  ? -8.147  9.769   0.415   1.00 16.80 ? 86  PHE A C   1 
ATOM   618 O  O   . PHE A 1 86  ? -7.912  10.689  -0.346  1.00 17.31 ? 86  PHE A O   1 
ATOM   619 C  CB  . PHE A 1 86  ? -6.435  8.788   1.875   1.00 13.59 ? 86  PHE A CB  1 
ATOM   620 C  CG  . PHE A 1 86  ? -5.434  9.010   0.759   1.00 13.33 ? 86  PHE A CG  1 
ATOM   621 C  CD1 . PHE A 1 86  ? -4.419  9.935   0.920   1.00 15.74 ? 86  PHE A CD1 1 
ATOM   622 C  CD2 . PHE A 1 86  ? -5.557  8.318   -0.426  1.00 14.35 ? 86  PHE A CD2 1 
ATOM   623 C  CE1 . PHE A 1 86  ? -3.521  10.159  -0.100  1.00 16.24 ? 86  PHE A CE1 1 
ATOM   624 C  CE2 . PHE A 1 86  ? -4.661  8.549   -1.446  1.00 15.62 ? 86  PHE A CE2 1 
ATOM   625 C  CZ  . PHE A 1 86  ? -3.646  9.459   -1.277  1.00 14.12 ? 86  PHE A CZ  1 
ATOM   626 N  N   . LEU A 1 87  ? -8.900  8.726   0.059   1.00 16.77 ? 87  LEU A N   1 
ATOM   627 C  CA  . LEU A 1 87  ? -9.445  8.585   -1.287  1.00 16.52 ? 87  LEU A CA  1 
ATOM   628 C  C   . LEU A 1 87  ? -10.476 9.664   -1.578  1.00 18.79 ? 87  LEU A C   1 
ATOM   629 O  O   . LEU A 1 87  ? -10.525 10.189  -2.695  1.00 20.00 ? 87  LEU A O   1 
ATOM   630 C  CB  . LEU A 1 87  ? -10.106 7.235   -1.429  1.00 16.15 ? 87  LEU A CB  1 
ATOM   631 C  CG  . LEU A 1 87  ? -9.458  6.116   -2.232  1.00 19.53 ? 87  LEU A CG  1 
ATOM   632 C  CD1 . LEU A 1 87  ? -8.001  6.356   -2.554  1.00 16.11 ? 87  LEU A CD1 1 
ATOM   633 C  CD2 . LEU A 1 87  ? -9.708  4.786   -1.536  1.00 16.79 ? 87  LEU A CD2 1 
ATOM   634 N  N   . LYS A 1 88  ? -11.254 10.094  -0.582  1.00 18.37 ? 88  LYS A N   1 
ATOM   635 C  CA  . LYS A 1 88  ? -12.223 11.154  -0.845  1.00 20.17 ? 88  LYS A CA  1 
ATOM   636 C  C   . LYS A 1 88  ? -11.522 12.496  -1.117  1.00 22.11 ? 88  LYS A C   1 
ATOM   637 O  O   . LYS A 1 88  ? -11.862 13.241  -2.035  1.00 21.90 ? 88  LYS A O   1 
ATOM   638 C  CB  . LYS A 1 88  ? -13.103 11.350  0.357   1.00 17.51 ? 88  LYS A CB  1 
ATOM   639 C  CG  . LYS A 1 88  ? -14.097 10.245  0.579   1.00 18.41 ? 88  LYS A CG  1 
ATOM   640 C  CD  . LYS A 1 88  ? -15.074 10.777  1.600   1.00 21.59 ? 88  LYS A CD  1 
ATOM   641 C  CE  . LYS A 1 88  ? -15.807 9.646   2.288   1.00 26.01 ? 88  LYS A CE  1 
ATOM   642 N  NZ  . LYS A 1 88  ? -16.760 9.017   1.396   1.00 27.40 ? 88  LYS A NZ  1 
ATOM   643 N  N   . GLU A 1 89  ? -10.462 12.815  -0.390  1.00 22.09 ? 89  GLU A N   1 
ATOM   644 C  CA  . GLU A 1 89  ? -9.820  14.086  -0.621  1.00 22.85 ? 89  GLU A CA  1 
ATOM   645 C  C   . GLU A 1 89  ? -9.089  14.110  -1.933  1.00 23.94 ? 89  GLU A C   1 
ATOM   646 O  O   . GLU A 1 89  ? -8.975  15.153  -2.563  1.00 23.71 ? 89  GLU A O   1 
ATOM   647 C  CB  . GLU A 1 89  ? -8.850  14.403  0.509   1.00 25.54 ? 89  GLU A CB  1 
ATOM   648 C  CG  . GLU A 1 89  ? -9.540  14.494  1.867   1.00 28.97 ? 89  GLU A CG  1 
ATOM   649 C  CD  . GLU A 1 89  ? -8.603  14.679  3.059   1.00 31.19 ? 89  GLU A CD  1 
ATOM   650 N  N   . TYR A 1 90  ? -8.264  13.097  -2.153  1.00 23.86 ? 90  TYR A N   1 
ATOM   651 C  CA  . TYR A 1 90  ? -7.490  13.025  -3.368  1.00 22.87 ? 90  TYR A CA  1 
ATOM   652 C  C   . TYR A 1 90  ? -8.365  13.098  -4.608  1.00 23.64 ? 90  TYR A C   1 
ATOM   653 O  O   . TYR A 1 90  ? -7.945  13.615  -5.639  1.00 25.07 ? 90  TYR A O   1 
ATOM   654 C  CB  . TYR A 1 90  ? -6.703  11.726  -3.384  1.00 20.76 ? 90  TYR A CB  1 
ATOM   655 C  CG  . TYR A 1 90  ? -5.622  11.746  -4.443  1.00 19.94 ? 90  TYR A CG  1 
ATOM   656 C  CD1 . TYR A 1 90  ? -4.398  12.326  -4.158  1.00 20.28 ? 90  TYR A CD1 1 
ATOM   657 C  CD2 . TYR A 1 90  ? -5.909  11.331  -5.724  1.00 18.73 ? 90  TYR A CD2 1 
ATOM   658 C  CE1 . TYR A 1 90  ? -3.474  12.508  -5.168  1.00 20.98 ? 90  TYR A CE1 1 
ATOM   659 C  CE2 . TYR A 1 90  ? -4.988  11.516  -6.730  1.00 19.76 ? 90  TYR A CE2 1 
ATOM   660 C  CZ  . TYR A 1 90  ? -3.787  12.099  -6.441  1.00 19.79 ? 90  TYR A CZ  1 
ATOM   661 O  OH  . TYR A 1 90  ? -2.841  12.223  -7.428  1.00 24.06 ? 90  TYR A OH  1 
ATOM   662 N  N   . THR A 1 91  ? -9.262  12.137  -4.689  1.00 22.22 ? 91  THR A N   1 
ATOM   663 C  CA  . THR A 1 91  ? -10.176 11.992  -5.797  1.00 22.91 ? 91  THR A CA  1 
ATOM   664 C  C   . THR A 1 91  ? -11.086 13.214  -6.007  1.00 22.94 ? 91  THR A C   1 
ATOM   665 O  O   . THR A 1 91  ? -11.468 13.540  -7.133  1.00 20.37 ? 91  THR A O   1 
ATOM   666 C  CB  . THR A 1 91  ? -10.942 10.728  -5.422  1.00 24.04 ? 91  THR A CB  1 
ATOM   667 O  OG1 . THR A 1 91  ? -10.671 9.760   -6.406  1.00 28.96 ? 91  THR A OG1 1 
ATOM   668 C  CG2 . THR A 1 91  ? -12.401 10.959  -5.182  1.00 21.71 ? 91  THR A CG2 1 
ATOM   669 N  N   . GLY A 1 92  ? -11.305 14.027  -4.965  1.00 21.78 ? 92  GLY A N   1 
ATOM   670 C  CA  . GLY A 1 92  ? -12.196 15.168  -5.124  1.00 23.06 ? 92  GLY A CA  1 
ATOM   671 C  C   . GLY A 1 92  ? -13.662 14.749  -5.207  1.00 21.84 ? 92  GLY A C   1 
ATOM   672 O  O   . GLY A 1 92  ? -14.554 15.585  -5.265  1.00 20.35 ? 92  GLY A O   1 
ATOM   673 N  N   . ASP A 1 93  ? -13.946 13.501  -4.870  1.00 20.79 ? 93  ASP A N   1 
ATOM   674 C  CA  . ASP A 1 93  ? -15.307 13.015  -4.891  1.00 21.16 ? 93  ASP A CA  1 
ATOM   675 C  C   . ASP A 1 93  ? -15.642 12.542  -3.487  1.00 22.71 ? 93  ASP A C   1 
ATOM   676 O  O   . ASP A 1 93  ? -15.218 11.475  -3.072  1.00 24.09 ? 93  ASP A O   1 
ATOM   677 C  CB  . ASP A 1 93  ? -15.397 11.872  -5.866  1.00 21.94 ? 93  ASP A CB  1 
ATOM   678 C  CG  . ASP A 1 93  ? -16.643 11.023  -5.734  1.00 24.40 ? 93  ASP A CG  1 
ATOM   679 O  OD1 . ASP A 1 93  ? -17.606 11.483  -5.135  1.00 25.09 ? 93  ASP A OD1 1 
ATOM   680 O  OD2 . ASP A 1 93  ? -16.775 10.110  -6.540  1.00 27.86 ? 93  ASP A OD2 1 
ATOM   681 N  N   . ALA A 1 94  ? -16.595 13.166  -2.819  1.00 22.54 ? 94  ALA A N   1 
ATOM   682 C  CA  . ALA A 1 94  ? -16.887 12.789  -1.451  1.00 21.72 ? 94  ALA A CA  1 
ATOM   683 C  C   . ALA A 1 94  ? -17.508 11.434  -1.281  1.00 21.86 ? 94  ALA A C   1 
ATOM   684 O  O   . ALA A 1 94  ? -17.792 11.033  -0.170  1.00 22.53 ? 94  ALA A O   1 
ATOM   685 C  CB  . ALA A 1 94  ? -17.828 13.797  -0.833  1.00 23.35 ? 94  ALA A CB  1 
ATOM   686 N  N   . LYS A 1 95  ? -18.096 10.908  -2.315  1.00 22.26 ? 95  LYS A N   1 
ATOM   687 C  CA  . LYS A 1 95  ? -18.720 9.601   -2.187  1.00 25.24 ? 95  LYS A CA  1 
ATOM   688 C  C   . LYS A 1 95  ? -17.715 8.456   -2.283  1.00 25.02 ? 95  LYS A C   1 
ATOM   689 O  O   . LYS A 1 95  ? -18.124 7.303   -2.421  1.00 26.55 ? 95  LYS A O   1 
ATOM   690 C  CB  . LYS A 1 95  ? -19.769 9.407   -3.283  1.00 26.12 ? 95  LYS A CB  1 
ATOM   691 C  CG  . LYS A 1 95  ? -20.812 10.515  -3.358  1.00 28.44 ? 95  LYS A CG  1 
ATOM   692 N  N   . ALA A 1 96  ? -16.465 8.765   -2.632  1.00 25.01 ? 96  ALA A N   1 
ATOM   693 C  CA  . ALA A 1 96  ? -15.452 7.737   -2.759  1.00 25.29 ? 96  ALA A CA  1 
ATOM   694 C  C   . ALA A 1 96  ? -15.295 6.876   -1.513  1.00 25.53 ? 96  ALA A C   1 
ATOM   695 O  O   . ALA A 1 96  ? -15.285 7.374   -0.379  1.00 24.62 ? 96  ALA A O   1 
ATOM   696 C  CB  . ALA A 1 96  ? -14.105 8.383   -3.006  1.00 26.50 ? 96  ALA A CB  1 
ATOM   697 N  N   . LYS A 1 97  ? -15.065 5.571   -1.727  1.00 26.17 ? 97  LYS A N   1 
ATOM   698 C  CA  . LYS A 1 97  ? -14.855 4.630   -0.620  1.00 26.01 ? 97  LYS A CA  1 
ATOM   699 C  C   . LYS A 1 97  ? -13.759 3.621   -0.940  1.00 23.39 ? 97  LYS A C   1 
ATOM   700 O  O   . LYS A 1 97  ? -13.478 3.328   -2.103  1.00 22.99 ? 97  LYS A O   1 
ATOM   701 C  CB  . LYS A 1 97  ? -16.113 3.824   -0.334  1.00 27.03 ? 97  LYS A CB  1 
ATOM   702 N  N   . GLY A 1 98  ? -12.933 3.323   0.055   1.00 23.11 ? 98  GLY A N   1 
ATOM   703 C  CA  . GLY A 1 98  ? -11.862 2.362   -0.141  1.00 21.59 ? 98  GLY A CA  1 
ATOM   704 C  C   . GLY A 1 98  ? -12.295 0.968   0.302   1.00 20.44 ? 98  GLY A C   1 
ATOM   705 O  O   . GLY A 1 98  ? -13.318 0.806   0.976   1.00 22.14 ? 98  GLY A O   1 
ATOM   706 N  N   . LYS A 1 99  ? -11.781 -0.065  -0.341  1.00 17.81 ? 99  LYS A N   1 
ATOM   707 C  CA  . LYS A 1 99  ? -12.130 -1.420  0.067   1.00 18.27 ? 99  LYS A CA  1 
ATOM   708 C  C   . LYS A 1 99  ? -11.270 -1.870  1.248   1.00 17.56 ? 99  LYS A C   1 
ATOM   709 O  O   . LYS A 1 99  ? -11.431 -2.985  1.717   1.00 16.70 ? 99  LYS A O   1 
ATOM   710 C  CB  . LYS A 1 99  ? -11.885 -2.391  -1.077  1.00 19.36 ? 99  LYS A CB  1 
ATOM   711 C  CG  . LYS A 1 99  ? -12.706 -2.109  -2.322  1.00 22.91 ? 99  LYS A CG  1 
ATOM   712 C  CD  . LYS A 1 99  ? -13.956 -2.955  -2.290  1.00 26.87 ? 99  LYS A CD  1 
ATOM   713 C  CE  . LYS A 1 99  ? -13.779 -4.150  -3.210  1.00 31.07 ? 99  LYS A CE  1 
ATOM   714 N  NZ  . LYS A 1 99  ? -12.754 -5.055  -2.714  1.00 29.65 ? 99  LYS A NZ  1 
ATOM   715 N  N   . MET A 1 100 ? -10.144 -1.186  1.498   1.00 15.72 ? 100 MET A N   1 
ATOM   716 C  CA  . MET A 1 100 ? -9.248  -1.546  2.588   1.00 13.96 ? 100 MET A CA  1 
ATOM   717 C  C   . MET A 1 100 ? -9.851  -1.090  3.879   1.00 15.92 ? 100 MET A C   1 
ATOM   718 O  O   . MET A 1 100 ? -9.849  0.099   4.169   1.00 15.84 ? 100 MET A O   1 
ATOM   719 C  CB  . MET A 1 100 ? -7.885  -0.879  2.392   1.00 13.64 ? 100 MET A CB  1 
ATOM   720 C  CG  . MET A 1 100 ? -6.833  -1.100  3.478   1.00 8.91  ? 100 MET A CG  1 
ATOM   721 S  SD  . MET A 1 100 ? -5.134  -0.734  2.929   1.00 11.25 ? 100 MET A SD  1 
ATOM   722 C  CE  . MET A 1 100 ? -4.494  -0.092  4.425   1.00 7.43  ? 100 MET A CE  1 
ATOM   723 N  N   . THR A 1 101 ? -10.217 -2.026  4.742   1.00 17.35 ? 101 THR A N   1 
ATOM   724 C  CA  . THR A 1 101 ? -10.854 -1.622  5.980   1.00 20.56 ? 101 THR A CA  1 
ATOM   725 C  C   . THR A 1 101 ? -9.940  -1.608  7.196   1.00 21.81 ? 101 THR A C   1 
ATOM   726 O  O   . THR A 1 101 ? -10.345 -1.058  8.218   1.00 26.48 ? 101 THR A O   1 
ATOM   727 C  CB  . THR A 1 101 ? -12.069 -2.503  6.257   1.00 18.49 ? 101 THR A CB  1 
ATOM   728 O  OG1 . THR A 1 101 ? -11.572 -3.817  6.314   1.00 19.18 ? 101 THR A OG1 1 
ATOM   729 C  CG2 . THR A 1 101 ? -13.101 -2.406  5.152   1.00 19.82 ? 101 THR A CG2 1 
ATOM   730 N  N   . PHE A 1 102 ? -8.641  -1.572  6.960   1.00 21.14 ? 102 PHE A N   1 
ATOM   731 C  CA  . PHE A 1 102 ? -7.704  -1.516  8.068   1.00 21.36 ? 102 PHE A CA  1 
ATOM   732 C  C   . PHE A 1 102 ? -7.100  -0.129  8.170   1.00 20.98 ? 102 PHE A C   1 
ATOM   733 O  O   . PHE A 1 102 ? -7.015  0.539   7.157   1.00 20.34 ? 102 PHE A O   1 
ATOM   734 C  CB  . PHE A 1 102 ? -6.563  -2.513  7.853   1.00 20.58 ? 102 PHE A CB  1 
ATOM   735 C  CG  . PHE A 1 102 ? -5.420  -2.417  8.869   1.00 19.97 ? 102 PHE A CG  1 
ATOM   736 C  CD1 . PHE A 1 102 ? -5.484  -3.136  10.050  1.00 21.96 ? 102 PHE A CD1 1 
ATOM   737 C  CD2 . PHE A 1 102 ? -4.306  -1.638  8.613   1.00 19.78 ? 102 PHE A CD2 1 
ATOM   738 C  CE1 . PHE A 1 102 ? -4.441  -3.089  10.963  1.00 20.13 ? 102 PHE A CE1 1 
ATOM   739 C  CE2 . PHE A 1 102 ? -3.275  -1.585  9.529   1.00 18.83 ? 102 PHE A CE2 1 
ATOM   740 C  CZ  . PHE A 1 102 ? -3.334  -2.316  10.698  1.00 22.46 ? 102 PHE A CZ  1 
ATOM   741 N  N   . LYS A 1 103 ? -7.052  0.452   9.370   1.00 19.87 ? 103 LYS A N   1 
ATOM   742 C  CA  . LYS A 1 103 ? -6.424  1.744   9.552   1.00 20.02 ? 103 LYS A CA  1 
ATOM   743 C  C   . LYS A 1 103 ? -5.213  1.586   10.472  1.00 20.91 ? 103 LYS A C   1 
ATOM   744 O  O   . LYS A 1 103 ? -5.362  1.162   11.628  1.00 20.05 ? 103 LYS A O   1 
ATOM   745 C  CB  . LYS A 1 103 ? -7.360  2.733   10.233  1.00 20.94 ? 103 LYS A CB  1 
ATOM   746 C  CG  . LYS A 1 103 ? -8.551  3.134   9.391   1.00 23.41 ? 103 LYS A CG  1 
ATOM   747 C  CD  . LYS A 1 103 ? -9.390  4.116   10.184  1.00 27.14 ? 103 LYS A CD  1 
ATOM   748 C  CE  . LYS A 1 103 ? -10.612 4.527   9.390   1.00 32.32 ? 103 LYS A CE  1 
ATOM   749 N  NZ  . LYS A 1 103 ? -11.398 5.484   10.148  1.00 34.38 ? 103 LYS A NZ  1 
ATOM   750 N  N   . LEU A 1 104 ? -4.044  2.086   10.051  1.00 18.19 ? 104 LEU A N   1 
ATOM   751 C  CA  . LEU A 1 104 ? -2.839  2.023   10.862  1.00 19.46 ? 104 LEU A CA  1 
ATOM   752 C  C   . LEU A 1 104 ? -2.898  3.204   11.801  1.00 20.65 ? 104 LEU A C   1 
ATOM   753 O  O   . LEU A 1 104 ? -2.828  4.336   11.343  1.00 21.52 ? 104 LEU A O   1 
ATOM   754 C  CB  . LEU A 1 104 ? -1.620  2.147   9.960   1.00 20.09 ? 104 LEU A CB  1 
ATOM   755 C  CG  . LEU A 1 104 ? -0.262  1.830   10.560  1.00 19.32 ? 104 LEU A CG  1 
ATOM   756 C  CD1 . LEU A 1 104 ? -0.249  0.394   11.042  1.00 18.75 ? 104 LEU A CD1 1 
ATOM   757 C  CD2 . LEU A 1 104 ? 0.844   2.051   9.541   1.00 18.63 ? 104 LEU A CD2 1 
ATOM   758 N  N   . LYS A 1 105 ? -2.906  3.007   13.128  1.00 23.91 ? 105 LYS A N   1 
ATOM   759 C  CA  . LYS A 1 105 ? -3.052  4.159   14.020  1.00 26.02 ? 105 LYS A CA  1 
ATOM   760 C  C   . LYS A 1 105 ? -1.797  4.950   14.260  1.00 25.49 ? 105 LYS A C   1 
ATOM   761 O  O   . LYS A 1 105 ? -1.893  6.144   14.475  1.00 26.50 ? 105 LYS A O   1 
ATOM   762 C  CB  . LYS A 1 105 ? -3.600  3.807   15.406  1.00 30.39 ? 105 LYS A CB  1 
ATOM   763 C  CG  . LYS A 1 105 ? -4.225  2.425   15.535  1.00 37.59 ? 105 LYS A CG  1 
ATOM   764 C  CD  . LYS A 1 105 ? -5.599  2.385   14.880  1.00 39.53 ? 105 LYS A CD  1 
ATOM   765 N  N   . LYS A 1 106 ? -0.618  4.381   14.060  1.00 24.34 ? 106 LYS A N   1 
ATOM   766 C  CA  . LYS A 1 106 ? 0.584   5.132   14.337  1.00 25.32 ? 106 LYS A CA  1 
ATOM   767 C  C   . LYS A 1 106 ? 1.308   5.636   13.092  1.00 24.45 ? 106 LYS A C   1 
ATOM   768 O  O   . LYS A 1 106 ? 1.783   4.857   12.277  1.00 21.02 ? 106 LYS A O   1 
ATOM   769 C  CB  . LYS A 1 106 ? 1.536   4.273   15.155  1.00 27.46 ? 106 LYS A CB  1 
ATOM   770 C  CG  . LYS A 1 106 ? 1.500   4.585   16.642  1.00 31.85 ? 106 LYS A CG  1 
ATOM   771 C  CD  . LYS A 1 106 ? 2.010   3.406   17.467  1.00 35.62 ? 106 LYS A CD  1 
ATOM   772 N  N   . GLU A 1 107 ? 1.579   6.947   13.056  1.00 24.83 ? 107 GLU A N   1 
ATOM   773 C  CA  . GLU A 1 107 ? 2.303   7.568   11.956  1.00 25.63 ? 107 GLU A CA  1 
ATOM   774 C  C   . GLU A 1 107 ? 3.689   6.979   11.857  1.00 22.00 ? 107 GLU A C   1 
ATOM   775 O  O   . GLU A 1 107 ? 4.263   6.929   10.780  1.00 21.90 ? 107 GLU A O   1 
ATOM   776 C  CB  . GLU A 1 107 ? 2.463   9.057   12.213  1.00 31.71 ? 107 GLU A CB  1 
ATOM   777 C  CG  . GLU A 1 107 ? 3.112   9.813   11.063  1.00 43.22 ? 107 GLU A CG  1 
ATOM   778 C  CD  . GLU A 1 107 ? 2.629   11.266  10.959  1.00 51.05 ? 107 GLU A CD  1 
ATOM   779 O  OE1 . GLU A 1 107 ? 1.524   11.483  10.442  1.00 52.76 ? 107 GLU A OE1 1 
ATOM   780 O  OE2 . GLU A 1 107 ? 3.225   12.131  11.607  1.00 52.50 ? 107 GLU A OE2 1 
ATOM   781 N  N   . ALA A 1 108 ? 4.370   6.860   13.000  1.00 19.18 ? 108 ALA A N   1 
ATOM   782 C  CA  . ALA A 1 108 ? 5.712   6.301   13.004  1.00 17.28 ? 108 ALA A CA  1 
ATOM   783 C  C   . ALA A 1 108 ? 5.739   4.950   12.327  1.00 15.41 ? 108 ALA A C   1 
ATOM   784 O  O   . ALA A 1 108 ? 6.679   4.611   11.622  1.00 13.11 ? 108 ALA A O   1 
ATOM   785 C  CB  . ALA A 1 108 ? 6.179   6.119   14.438  1.00 17.43 ? 108 ALA A CB  1 
ATOM   786 N  N   . ASP A 1 109 ? 4.763   4.091   12.598  1.00 13.22 ? 109 ASP A N   1 
ATOM   787 C  CA  . ASP A 1 109 ? 4.750   2.798   11.943  1.00 13.92 ? 109 ASP A CA  1 
ATOM   788 C  C   . ASP A 1 109 ? 4.586   2.972   10.435  1.00 12.55 ? 109 ASP A C   1 
ATOM   789 O  O   . ASP A 1 109 ? 5.168   2.233   9.653   1.00 12.05 ? 109 ASP A O   1 
ATOM   790 C  CB  . ASP A 1 109 ? 3.590   1.961   12.455  1.00 15.30 ? 109 ASP A CB  1 
ATOM   791 C  CG  . ASP A 1 109 ? 3.861   1.296   13.796  1.00 19.56 ? 109 ASP A CG  1 
ATOM   792 O  OD1 . ASP A 1 109 ? 4.780   1.745   14.467  1.00 21.43 ? 109 ASP A OD1 1 
ATOM   793 O  OD2 . ASP A 1 109 ? 2.930   0.678   14.309  1.00 20.23 ? 109 ASP A OD2 1 
ATOM   794 N  N   . ALA A 1 110 ? 3.797   3.969   9.990   1.00 13.18 ? 110 ALA A N   1 
ATOM   795 C  CA  . ALA A 1 110 ? 3.610   4.202   8.562   1.00 11.93 ? 110 ALA A CA  1 
ATOM   796 C  C   . ALA A 1 110 ? 4.915   4.577   7.889   1.00 11.92 ? 110 ALA A C   1 
ATOM   797 O  O   . ALA A 1 110 ? 5.238   4.030   6.833   1.00 12.60 ? 110 ALA A O   1 
ATOM   798 C  CB  . ALA A 1 110 ? 2.662   5.361   8.349   1.00 12.20 ? 110 ALA A CB  1 
ATOM   799 N  N   . HIS A 1 111 ? 5.711   5.447   8.510   1.00 9.60  ? 111 HIS A N   1 
ATOM   800 C  CA  . HIS A 1 111 ? 6.991   5.801   7.946   1.00 9.67  ? 111 HIS A CA  1 
ATOM   801 C  C   . HIS A 1 111 ? 7.955   4.619   7.990   1.00 11.40 ? 111 HIS A C   1 
ATOM   802 O  O   . HIS A 1 111 ? 8.780   4.466   7.109   1.00 10.44 ? 111 HIS A O   1 
ATOM   803 C  CB  . HIS A 1 111 ? 7.593   6.964   8.719   1.00 9.96  ? 111 HIS A CB  1 
ATOM   804 C  CG  . HIS A 1 111 ? 6.921   8.288   8.427   1.00 11.44 ? 111 HIS A CG  1 
ATOM   805 N  ND1 . HIS A 1 111 ? 7.060   8.904   7.267   1.00 13.41 ? 111 HIS A ND1 1 
ATOM   806 C  CD2 . HIS A 1 111 ? 6.136   9.010   9.267   1.00 14.10 ? 111 HIS A CD2 1 
ATOM   807 C  CE1 . HIS A 1 111 ? 6.350   9.990   7.360   1.00 14.41 ? 111 HIS A CE1 1 
ATOM   808 N  NE2 . HIS A 1 111 ? 5.814   10.065  8.559   1.00 15.59 ? 111 HIS A NE2 1 
ATOM   809 N  N   . ASN A 1 112 ? 7.967   3.823   9.074   1.00 10.61 ? 112 ASN A N   1 
ATOM   810 C  CA  . ASN A 1 112 ? 8.868   2.671   9.159   1.00 10.86 ? 112 ASN A CA  1 
ATOM   811 C  C   . ASN A 1 112 ? 8.559   1.635   8.099   1.00 8.73  ? 112 ASN A C   1 
ATOM   812 O  O   . ASN A 1 112 ? 9.451   1.029   7.503   1.00 10.35 ? 112 ASN A O   1 
ATOM   813 C  CB  . ASN A 1 112 ? 8.788   2.015   10.531  1.00 10.57 ? 112 ASN A CB  1 
ATOM   814 C  CG  . ASN A 1 112 ? 9.319   2.907   11.647  1.00 15.99 ? 112 ASN A CG  1 
ATOM   815 O  OD1 . ASN A 1 112 ? 8.961   2.739   12.828  1.00 18.97 ? 112 ASN A OD1 1 
ATOM   816 N  ND2 . ASN A 1 112 ? 10.146  3.911   11.321  1.00 11.63 ? 112 ASN A ND2 1 
ATOM   817 N  N   . ILE A 1 113 ? 7.286   1.369   7.889   1.00 8.49  ? 113 ILE A N   1 
ATOM   818 C  CA  . ILE A 1 113 ? 6.872   0.425   6.881   1.00 10.18 ? 113 ILE A CA  1 
ATOM   819 C  C   . ILE A 1 113 ? 7.244   0.941   5.492   1.00 10.38 ? 113 ILE A C   1 
ATOM   820 O  O   . ILE A 1 113 ? 7.773   0.191   4.676   1.00 8.89  ? 113 ILE A O   1 
ATOM   821 C  CB  . ILE A 1 113 ? 5.359   0.181   6.994   1.00 11.03 ? 113 ILE A CB  1 
ATOM   822 C  CG1 . ILE A 1 113 ? 5.019   -0.661  8.225   1.00 10.44 ? 113 ILE A CG1 1 
ATOM   823 C  CG2 . ILE A 1 113 ? 4.856   -0.495  5.724   1.00 13.28 ? 113 ILE A CG2 1 
ATOM   824 C  CD1 . ILE A 1 113 ? 3.510   -0.805  8.453   1.00 7.87  ? 113 ILE A CD1 1 
ATOM   825 N  N   . TRP A 1 114 ? 7.196   2.261   5.254   1.00 11.60 ? 114 TRP A N   1 
ATOM   826 C  CA  . TRP A 1 114 ? 7.597   2.754   3.944   1.00 11.20 ? 114 TRP A CA  1 
ATOM   827 C  C   . TRP A 1 114 ? 9.098   2.543   3.759   1.00 10.19 ? 114 TRP A C   1 
ATOM   828 O  O   . TRP A 1 114 ? 9.564   2.159   2.687   1.00 8.97  ? 114 TRP A O   1 
ATOM   829 C  CB  . TRP A 1 114 ? 7.264   4.245   3.797   1.00 8.87  ? 114 TRP A CB  1 
ATOM   830 C  CG  . TRP A 1 114 ? 7.634   4.764   2.387   1.00 8.96  ? 114 TRP A CG  1 
ATOM   831 C  CD1 . TRP A 1 114 ? 8.736   5.552   2.189   1.00 10.96 ? 114 TRP A CD1 1 
ATOM   832 C  CD2 . TRP A 1 114 ? 6.991   4.463   1.217   1.00 10.01 ? 114 TRP A CD2 1 
ATOM   833 N  NE1 . TRP A 1 114 ? 8.792   5.779   0.879   1.00 10.88 ? 114 TRP A NE1 1 
ATOM   834 C  CE2 . TRP A 1 114 ? 7.777   5.125   0.267   1.00 12.14 ? 114 TRP A CE2 1 
ATOM   835 C  CE3 . TRP A 1 114 ? 5.891   3.723   0.831   1.00 12.77 ? 114 TRP A CE3 1 
ATOM   836 C  CZ2 . TRP A 1 114 ? 7.470   5.044   -1.090  1.00 11.81 ? 114 TRP A CZ2 1 
ATOM   837 C  CZ3 . TRP A 1 114 ? 5.579   3.653   -0.522  1.00 13.76 ? 114 TRP A CZ3 1 
ATOM   838 C  CH2 . TRP A 1 114 ? 6.357   4.307   -1.475  1.00 14.36 ? 114 TRP A CH2 1 
ATOM   839 N  N   . ALA A 1 115 ? 9.897   2.750   4.804   1.00 7.55  ? 115 ALA A N   1 
ATOM   840 C  CA  . ALA A 1 115 ? 11.325  2.548   4.673   1.00 8.98  ? 115 ALA A CA  1 
ATOM   841 C  C   . ALA A 1 115 ? 11.661  1.077   4.409   1.00 9.47  ? 115 ALA A C   1 
ATOM   842 O  O   . ALA A 1 115 ? 12.577  0.746   3.643   1.00 9.16  ? 115 ALA A O   1 
ATOM   843 C  CB  . ALA A 1 115 ? 12.021  2.997   5.957   1.00 9.77  ? 115 ALA A CB  1 
ATOM   844 N  N   . TYR A 1 116 ? 10.855  0.171   4.973   1.00 10.47 ? 116 TYR A N   1 
ATOM   845 C  CA  . TYR A 1 116 ? 11.040  -1.257  4.769   1.00 9.34  ? 116 TYR A CA  1 
ATOM   846 C  C   . TYR A 1 116 ? 10.708  -1.611  3.315   1.00 7.89  ? 116 TYR A C   1 
ATOM   847 O  O   . TYR A 1 116 ? 11.468  -2.277  2.618   1.00 10.06 ? 116 TYR A O   1 
ATOM   848 C  CB  . TYR A 1 116 ? 10.116  -1.990  5.756   1.00 9.66  ? 116 TYR A CB  1 
ATOM   849 C  CG  . TYR A 1 116 ? 9.919   -3.477  5.495   1.00 12.78 ? 116 TYR A CG  1 
ATOM   850 C  CD1 . TYR A 1 116 ? 11.016  -4.324  5.490   1.00 14.38 ? 116 TYR A CD1 1 
ATOM   851 C  CD2 . TYR A 1 116 ? 8.655   -3.967  5.252   1.00 13.47 ? 116 TYR A CD2 1 
ATOM   852 C  CE1 . TYR A 1 116 ? 10.863  -5.680  5.237   1.00 16.29 ? 116 TYR A CE1 1 
ATOM   853 C  CE2 . TYR A 1 116 ? 8.492   -5.312  4.997   1.00 17.46 ? 116 TYR A CE2 1 
ATOM   854 C  CZ  . TYR A 1 116 ? 9.594   -6.159  4.991   1.00 18.59 ? 116 TYR A CZ  1 
ATOM   855 O  OH  . TYR A 1 116 ? 9.430   -7.510  4.716   1.00 19.93 ? 116 TYR A OH  1 
ATOM   856 N  N   . LEU A 1 117 ? 9.709   -0.970  2.736   1.00 11.65 ? 117 LEU A N   1 
ATOM   857 C  CA  . LEU A 1 117 ? 9.338   -1.242  1.350   1.00 11.69 ? 117 LEU A CA  1 
ATOM   858 C  C   . LEU A 1 117 ? 10.375  -0.698  0.386   1.00 11.58 ? 117 LEU A C   1 
ATOM   859 O  O   . LEU A 1 117 ? 10.552  -1.217  -0.704  1.00 11.80 ? 117 LEU A O   1 
ATOM   860 C  CB  . LEU A 1 117 ? 7.976   -0.634  1.029   1.00 10.13 ? 117 LEU A CB  1 
ATOM   861 C  CG  . LEU A 1 117 ? 6.796   -1.180  1.806   1.00 9.98  ? 117 LEU A CG  1 
ATOM   862 C  CD1 . LEU A 1 117 ? 5.562   -0.354  1.491   1.00 12.71 ? 117 LEU A CD1 1 
ATOM   863 C  CD2 . LEU A 1 117 ? 6.592   -2.653  1.499   1.00 11.72 ? 117 LEU A CD2 1 
ATOM   864 N  N   . GLN A 1 118 ? 11.020  0.407   0.724   1.00 13.63 ? 118 GLN A N   1 
ATOM   865 C  CA  . GLN A 1 118 ? 12.063  0.929   -0.122  1.00 13.90 ? 118 GLN A CA  1 
ATOM   866 C  C   . GLN A 1 118 ? 13.264  -0.003  -0.060  1.00 16.81 ? 118 GLN A C   1 
ATOM   867 O  O   . GLN A 1 118 ? 14.206  0.126   -0.843  1.00 18.06 ? 118 GLN A O   1 
ATOM   868 C  CB  . GLN A 1 118 ? 12.457  2.322   0.343   1.00 12.22 ? 118 GLN A CB  1 
ATOM   869 C  CG  . GLN A 1 118 ? 11.493  3.366   -0.188  1.00 15.29 ? 118 GLN A CG  1 
ATOM   870 C  CD  . GLN A 1 118 ? 11.864  3.820   -1.604  1.00 16.47 ? 118 GLN A CD  1 
ATOM   871 O  OE1 . GLN A 1 118 ? 11.648  4.957   -1.985  1.00 19.64 ? 118 GLN A OE1 1 
ATOM   872 N  NE2 . GLN A 1 118 ? 12.451  2.975   -2.437  1.00 12.36 ? 118 GLN A NE2 1 
ATOM   873 N  N   . GLN A 1 119 ? 13.330  -0.889  0.942   1.00 18.08 ? 119 GLN A N   1 
ATOM   874 C  CA  . GLN A 1 119 ? 14.442  -1.816  1.006   1.00 20.23 ? 119 GLN A CA  1 
ATOM   875 C  C   . GLN A 1 119 ? 14.129  -3.118  0.319   1.00 19.85 ? 119 GLN A C   1 
ATOM   876 O  O   . GLN A 1 119 ? 14.920  -3.614  -0.452  1.00 18.93 ? 119 GLN A O   1 
ATOM   877 C  CB  . GLN A 1 119 ? 14.797  -2.214  2.430   1.00 26.61 ? 119 GLN A CB  1 
ATOM   878 C  CG  . GLN A 1 119 ? 15.237  -1.058  3.297   1.00 37.65 ? 119 GLN A CG  1 
ATOM   879 C  CD  . GLN A 1 119 ? 16.487  -0.402  2.767   1.00 43.40 ? 119 GLN A CD  1 
ATOM   880 O  OE1 . GLN A 1 119 ? 17.441  -1.065  2.369   1.00 47.98 ? 119 GLN A OE1 1 
ATOM   881 N  NE2 . GLN A 1 119 ? 16.491  0.924   2.700   1.00 50.84 ? 119 GLN A NE2 1 
ATOM   882 N  N   . VAL A 1 120 ? 12.904  -3.590  0.353   1.00 18.13 ? 120 VAL A N   1 
ATOM   883 C  CA  . VAL A 1 120 ? 12.650  -4.878  -0.244  1.00 18.01 ? 120 VAL A CA  1 
ATOM   884 C  C   . VAL A 1 120 ? 11.654  -4.919  -1.395  1.00 18.85 ? 120 VAL A C   1 
ATOM   885 O  O   . VAL A 1 120 ? 11.413  -5.991  -1.959  1.00 19.31 ? 120 VAL A O   1 
ATOM   886 C  CB  . VAL A 1 120 ? 12.126  -5.852  0.846   1.00 16.82 ? 120 VAL A CB  1 
ATOM   887 C  CG1 . VAL A 1 120 ? 13.107  -6.031  1.984   1.00 17.38 ? 120 VAL A CG1 1 
ATOM   888 C  CG2 . VAL A 1 120 ? 10.782  -5.389  1.386   1.00 14.22 ? 120 VAL A CG2 1 
ATOM   889 N  N   . ALA A 1 121 ? 10.830  -3.898  -1.573  1.00 17.51 ? 121 ALA A N   1 
ATOM   890 C  CA  . ALA A 1 121 ? 9.789   -4.009  -2.587  1.00 17.00 ? 121 ALA A CA  1 
ATOM   891 C  C   . ALA A 1 121 ? 9.946   -3.105  -3.780  1.00 18.57 ? 121 ALA A C   1 
ATOM   892 O  O   . ALA A 1 121 ? 8.959   -2.717  -4.381  1.00 17.53 ? 121 ALA A O   1 
ATOM   893 C  CB  . ALA A 1 121 ? 8.450   -3.684  -1.941  1.00 13.96 ? 121 ALA A CB  1 
ATOM   894 N  N   . VAL A 1 122 ? 11.173  -2.722  -4.117  1.00 22.46 ? 122 VAL A N   1 
ATOM   895 C  CA  . VAL A 1 122 ? 11.400  -1.861  -5.265  1.00 24.26 ? 122 VAL A CA  1 
ATOM   896 C  C   . VAL A 1 122 ? 11.696  -2.714  -6.479  1.00 28.51 ? 122 VAL A C   1 
ATOM   897 O  O   . VAL A 1 122 ? 12.664  -3.477  -6.484  1.00 26.64 ? 122 VAL A O   1 
ATOM   898 C  CB  . VAL A 1 122 ? 12.594  -0.941  -4.996  1.00 22.79 ? 122 VAL A CB  1 
ATOM   899 C  CG1 . VAL A 1 122 ? 12.833  -0.024  -6.178  1.00 20.88 ? 122 VAL A CG1 1 
ATOM   900 C  CG2 . VAL A 1 122 ? 12.347  -0.114  -3.753  1.00 22.38 ? 122 VAL A CG2 1 
ATOM   901 N  N   . ARG A 1 123 ? 10.946  -2.514  -7.563  1.00 33.85 ? 123 ARG A N   1 
ATOM   902 C  CA  . ARG A 1 123 ? 11.165  -3.306  -8.756  1.00 40.17 ? 123 ARG A CA  1 
ATOM   903 C  C   . ARG A 1 123 ? 12.074  -2.614  -9.757  1.00 48.05 ? 123 ARG A C   1 
ATOM   904 O  O   . ARG A 1 123 ? 12.230  -1.394  -9.741  1.00 47.21 ? 123 ARG A O   1 
ATOM   905 C  CB  . ARG A 1 123 ? 9.845   -3.637  -9.442  1.00 36.06 ? 123 ARG A CB  1 
ATOM   906 C  CG  . ARG A 1 123 ? 10.019  -4.277  -10.815 1.00 32.56 ? 123 ARG A CG  1 
ATOM   907 C  CD  . ARG A 1 123 ? 8.848   -5.205  -11.115 1.00 29.71 ? 123 ARG A CD  1 
ATOM   908 N  NE  . ARG A 1 123 ? 7.621   -4.526  -10.786 1.00 30.46 ? 123 ARG A NE  1 
ATOM   909 C  CZ  . ARG A 1 123 ? 6.626   -5.160  -10.192 1.00 26.47 ? 123 ARG A CZ  1 
ATOM   910 N  NH1 . ARG A 1 123 ? 6.596   -6.476  -10.187 1.00 24.43 ? 123 ARG A NH1 1 
ATOM   911 N  NH2 . ARG A 1 123 ? 5.537   -4.483  -9.872  1.00 26.16 ? 123 ARG A NH2 1 
ATOM   912 N  N   . PRO A 1 124 ? 12.968  -3.405  -10.347 1.00 55.03 ? 124 PRO A N   1 
ATOM   913 C  CA  . PRO A 1 124 ? 13.783  -2.929  -11.454 1.00 60.66 ? 124 PRO A CA  1 
ATOM   914 C  C   . PRO A 1 124 ? 13.253  -3.484  -12.771 1.00 64.15 ? 124 PRO A C   1 
ATOM   915 O  O   . PRO A 1 124 ? 13.169  -4.715  -12.899 1.00 66.73 ? 124 PRO A O   1 
ATOM   916 C  CB  . PRO A 1 124 ? 15.166  -3.459  -11.166 1.00 60.79 ? 124 PRO A CB  1 
ATOM   917 C  CG  . PRO A 1 124 ? 15.044  -4.533  -10.116 1.00 61.11 ? 124 PRO A CG  1 
ATOM   918 C  CD  . PRO A 1 124 ? 13.620  -4.479  -9.601  1.00 57.38 ? 124 PRO A CD  1 
ATOM   919 O  OXT . PRO A 1 124 ? 12.946  -2.678  -13.653 1.00 67.04 ? 124 PRO A OXT 1 
HETATM 920 FE FE  . HEC B 2 .   ? -3.934  -2.626  2.197   1.00 12.12 ? 125 HEC A FE  1 
HETATM 921 C  CHA . HEC B 2 .   ? -4.687  -1.630  -0.946  1.00 10.23 ? 125 HEC A CHA 1 
HETATM 922 C  CHB . HEC B 2 .   ? -0.991  -0.917  2.059   1.00 9.29  ? 125 HEC A CHB 1 
HETATM 923 C  CHC . HEC B 2 .   ? -3.271  -3.493  5.447   1.00 11.47 ? 125 HEC A CHC 1 
HETATM 924 C  CHD . HEC B 2 .   ? -6.724  -4.607  2.264   1.00 10.59 ? 125 HEC A CHD 1 
HETATM 925 N  NA  . HEC B 2 .   ? -3.038  -1.478  0.862   1.00 7.33  ? 125 HEC A NA  1 
HETATM 926 C  C1A . HEC B 2 .   ? -3.506  -1.156  -0.402  1.00 9.03  ? 125 HEC A C1A 1 
HETATM 927 C  C2A . HEC B 2 .   ? -2.585  -0.261  -1.082  1.00 9.51  ? 125 HEC A C2A 1 
HETATM 928 C  C3A . HEC B 2 .   ? -1.557  -0.034  -0.232  1.00 7.83  ? 125 HEC A C3A 1 
HETATM 929 C  C4A . HEC B 2 .   ? -1.833  -0.821  0.958   1.00 8.84  ? 125 HEC A C4A 1 
HETATM 930 C  CMA . HEC B 2 .   ? -0.415  0.946   -0.461  1.00 8.08  ? 125 HEC A CMA 1 
HETATM 931 C  CAA . HEC B 2 .   ? -2.687  0.256   -2.510  1.00 11.47 ? 125 HEC A CAA 1 
HETATM 932 C  CBA . HEC B 2 .   ? -1.806  -0.570  -3.434  1.00 12.62 ? 125 HEC A CBA 1 
HETATM 933 C  CGA . HEC B 2 .   ? -2.073  -0.412  -4.923  1.00 9.44  ? 125 HEC A CGA 1 
HETATM 934 O  O1A . HEC B 2 .   ? -2.033  -1.404  -5.620  1.00 10.67 ? 125 HEC A O1A 1 
HETATM 935 O  O2A . HEC B 2 .   ? -2.507  0.661   -5.328  1.00 14.06 ? 125 HEC A O2A 1 
HETATM 936 N  NB  . HEC B 2 .   ? -2.473  -2.266  3.471   1.00 11.38 ? 125 HEC A NB  1 
HETATM 937 C  C1B . HEC B 2 .   ? -1.281  -1.602  3.220   1.00 10.87 ? 125 HEC A C1B 1 
HETATM 938 C  C2B . HEC B 2 .   ? -0.405  -1.644  4.379   1.00 12.48 ? 125 HEC A C2B 1 
HETATM 939 C  C3B . HEC B 2 .   ? -1.067  -2.303  5.381   1.00 12.97 ? 125 HEC A C3B 1 
HETATM 940 C  C4B . HEC B 2 .   ? -2.344  -2.697  4.797   1.00 11.64 ? 125 HEC A C4B 1 
HETATM 941 C  CMB . HEC B 2 .   ? 1.004   -1.044  4.450   1.00 11.48 ? 125 HEC A CMB 1 
HETATM 942 C  CAB . HEC B 2 .   ? -0.620  -2.484  6.722   1.00 8.25  ? 125 HEC A CAB 1 
HETATM 943 C  CBB . HEC B 2 .   ? -0.398  -1.355  7.637   1.00 10.12 ? 125 HEC A CBB 1 
HETATM 944 N  NC  . HEC B 2 .   ? -4.832  -3.759  3.563   1.00 10.26 ? 125 HEC A NC  1 
HETATM 945 C  C1C . HEC B 2 .   ? -4.420  -3.995  4.871   1.00 11.50 ? 125 HEC A C1C 1 
HETATM 946 C  C2C . HEC B 2 .   ? -5.286  -4.957  5.522   1.00 10.86 ? 125 HEC A C2C 1 
HETATM 947 C  C3C . HEC B 2 .   ? -6.255  -5.270  4.631   1.00 12.39 ? 125 HEC A C3C 1 
HETATM 948 C  C4C . HEC B 2 .   ? -5.959  -4.537  3.415   1.00 11.21 ? 125 HEC A C4C 1 
HETATM 949 C  CMC . HEC B 2 .   ? -5.016  -5.645  6.852   1.00 10.87 ? 125 HEC A CMC 1 
HETATM 950 C  CAC . HEC B 2 .   ? -7.306  -6.162  4.818   1.00 11.81 ? 125 HEC A CAC 1 
HETATM 951 C  CBC . HEC B 2 .   ? -8.264  -6.034  5.906   1.00 14.61 ? 125 HEC A CBC 1 
HETATM 952 N  ND  . HEC B 2 .   ? -5.368  -3.041  0.937   1.00 11.95 ? 125 HEC A ND  1 
HETATM 953 C  C1D . HEC B 2 .   ? -6.456  -3.895  1.106   1.00 11.61 ? 125 HEC A C1D 1 
HETATM 954 C  C2D . HEC B 2 .   ? -7.329  -3.867  -0.048  1.00 11.94 ? 125 HEC A C2D 1 
HETATM 955 C  C3D . HEC B 2 .   ? -6.800  -2.982  -0.921  1.00 11.04 ? 125 HEC A C3D 1 
HETATM 956 C  C4D . HEC B 2 .   ? -5.571  -2.497  -0.322  1.00 11.24 ? 125 HEC A C4D 1 
HETATM 957 C  CMD . HEC B 2 .   ? -8.626  -4.652  -0.232  1.00 9.92  ? 125 HEC A CMD 1 
HETATM 958 C  CAD . HEC B 2 .   ? -7.511  -2.385  -2.125  1.00 12.69 ? 125 HEC A CAD 1 
HETATM 959 C  CBD . HEC B 2 .   ? -8.035  -0.982  -1.818  1.00 15.01 ? 125 HEC A CBD 1 
HETATM 960 C  CGD . HEC B 2 .   ? -9.187  -0.514  -2.719  1.00 17.08 ? 125 HEC A CGD 1 
HETATM 961 O  O1D . HEC B 2 .   ? -9.820  0.475   -2.383  1.00 17.28 ? 125 HEC A O1D 1 
HETATM 962 O  O2D . HEC B 2 .   ? -9.217  -0.901  -3.875  1.00 16.67 ? 125 HEC A O2D 1 
HETATM 963 O  O   . HOH C 3 .   ? 10.438  6.515   5.985   1.00 11.32 ? 126 HOH A O   1 
HETATM 964 O  O   . HOH C 3 .   ? 17.534  7.326   6.542   1.00 14.82 ? 127 HOH A O   1 
HETATM 965 O  O   . HOH C 3 .   ? 16.809  6.273   3.190   1.00 23.10 ? 128 HOH A O   1 
HETATM 966 O  O   . HOH C 3 .   ? 12.207  12.077  4.058   1.00 21.56 ? 129 HOH A O   1 
HETATM 967 O  O   . HOH C 3 .   ? 7.721   -1.908  14.800  1.00 26.59 ? 130 HOH A O   1 
HETATM 968 O  O   . HOH C 3 .   ? -0.172  -12.385 3.712   1.00 15.55 ? 131 HOH A O   1 
HETATM 969 O  O   . HOH C 3 .   ? -1.648  -10.092 -1.436  1.00 15.20 ? 132 HOH A O   1 
HETATM 970 O  O   . HOH C 3 .   ? 5.651   -9.594  -8.307  1.00 17.70 ? 133 HOH A O   1 
HETATM 971 O  O   . HOH C 3 .   ? 6.324   -17.589 -2.796  1.00 23.99 ? 134 HOH A O   1 
HETATM 972 O  O   . HOH C 3 .   ? -1.965  -8.962  -6.556  1.00 15.85 ? 135 HOH A O   1 
HETATM 973 O  O   . HOH C 3 .   ? 3.201   -4.467  -9.803  1.00 26.77 ? 136 HOH A O   1 
HETATM 974 O  O   . HOH C 3 .   ? 8.938   -0.212  -7.700  1.00 25.24 ? 137 HOH A O   1 
HETATM 975 O  O   . HOH C 3 .   ? -1.144  -0.254  -7.973  1.00 13.49 ? 138 HOH A O   1 
HETATM 976 O  O   . HOH C 3 .   ? 2.640   1.895   -12.463 1.00 25.11 ? 139 HOH A O   1 
HETATM 977 O  O   . HOH C 3 .   ? -5.533  3.520   -12.733 1.00 43.14 ? 140 HOH A O   1 
HETATM 978 O  O   . HOH C 3 .   ? -11.459 1.962   -3.908  1.00 18.03 ? 141 HOH A O   1 
HETATM 979 O  O   . HOH C 3 .   ? -8.995  1.515   0.056   1.00 12.77 ? 142 HOH A O   1 
HETATM 980 O  O   . HOH C 3 .   ? -10.093 -4.853  3.304   1.00 18.76 ? 143 HOH A O   1 
HETATM 981 O  O   . HOH C 3 .   ? 7.268   0.860   13.442  1.00 22.39 ? 144 HOH A O   1 
HETATM 982 O  O   . HOH C 3 .   ? 11.648  -9.547  -9.134  1.00 34.68 ? 145 HOH A O   1 
HETATM 983 O  O   . HOH C 3 .   ? -10.331 -8.373  -2.546  1.00 29.47 ? 146 HOH A O   1 
HETATM 984 O  O   . HOH C 3 .   ? 4.103   -7.253  -8.283  1.00 22.73 ? 147 HOH A O   1 
HETATM 985 O  O   . HOH C 3 .   ? 1.479   -5.036  -12.848 1.00 31.92 ? 148 HOH A O   1 
HETATM 986 O  O   . HOH C 3 .   ? -10.993 4.461   6.377   1.00 28.63 ? 149 HOH A O   1 
# 
